data_3EGD
#
_entry.id   3EGD
#
_cell.length_a   147.750
_cell.length_b   97.630
_cell.length_c   129.120
_cell.angle_alpha   90.00
_cell.angle_beta   90.11
_cell.angle_gamma   90.00
#
_symmetry.space_group_name_H-M   'C 1 2 1'
#
loop_
_entity.id
_entity.type
_entity.pdbx_description
1 polymer 'Protein transport protein Sec23A'
2 polymer 'Protein transport protein Sec24A'
3 polymer 'Vesicle-trafficking protein SEC22b'
4 polymer '10 residue peptide from VSV glycoprotein'
5 non-polymer 'ZINC ION'
6 water water
#
loop_
_entity_poly.entity_id
_entity_poly.type
_entity_poly.pdbx_seq_one_letter_code
_entity_poly.pdbx_strand_id
1 'polypeptide(L)'
;MTTYLEFIQQNEERDGVRFSWNVWPSSRLEATRMVVPVAALFTPLKERPDLPPIQYEPVLCSRTTCRAVLNPLCQVDYRA
KLWACNFCYQRNQFPPSYAGISELNQPAELLPQFSSIEYVVLRGPQMPLIFLYVVDTCMEDEDLQALKESMQMSLSLLPP
TALVGLITFGRMVQVHELGCEGISKSYVFRGTKDLSAKQLQEMLGLSKVPLTQATRGPQVQQPPPSNRFLQPVQKIDMNL
TDLLGELQRDPWPVPQGKRPLRSSGVALSIAVGLLECTFPNTGARIMMFIGGPATQGPGMVVGDELKTPIRSWHDIDKDN
AKYVKKGTKHFEALANRAATTGHVIDIYACALDQTGLLEMKCCPNLTGGYMVMGDSFNTSLFKQTFQRVFTKDMHGQFKM
GFGGTLEIKTSREIKISGAIGPCVSLNSKGPCVSENEIGTGGTCQWKICGLSPTTTLAIYFEVVNQHNAPIPQGGRGAIQ
FVTQYQHSSGQRRIRVTTIARNWADAQTQIQNIAASFDQEAAAILMARLAIYRAETEEGPDVLRWLDRQLIRLCQKFGEY
HKDDPSSFRFSETFSLYPQFMFHLRRSSFLQVFNNSPDESSYYRHHFMRQDLTQSLIMIQPILYAYSFSGPPEPVLLDSS
SILADRILLMDTFFQILIYHGETIAQWRKSGYQDMPEYENFRHLLQAPVDDAQEILHSRFPMPRYIDTEHGGSQARFLLS
KVNPSQTHNNMYAWGQESGAPILTDDVSLQVFMDHLKKLAVSSA
;
A
2 'polypeptide(L)'
;EGLRVVNLLQERNMLPSTPLKPPVPNLHEDIQKLNCNPELFRCTLTSIPQTQALLNKAKLPLGLLLHPFKDLVQLPVVTS
STIVRCRSCRTYINPFVSFLDQRRWKCNLCYRVNDVPEEFLYNPLTRVYGEPHRRPEVQNATIEFMAPSEYMLRPPQPPV
YLFVFDVSHNAVETGYLNSVCQSLLDNLDLLPGNTRTKIGFITFDSTIHFYGLQESLSQPQMLIVSDIEDVFIPMPENLL
VNLNESKELVQDLLKTLPQMFTKTLETQSALGPALQAAFKLMSPTGGRMSVFQTQLPTLGVGALKPREEPNHRSSAKDIH
MTPSTDFYKKLALDCSGQQVAVDLFLLSGQYSDLASLGCISRYSAGSVYYYPSYHHQHNPVQVQKLQKELQRYLTRKIGF
EAVMRIRCTKGLSIHTFHGNFFVRSTDLLSLPNVNPDAGYAVQMSVEESLTDTQLVSFQSALLYTSSKGERRIRVHTLCL
PVVSTLNDVFLGADVQAISGLLANMAVDRSMTASLSDARDALVNAVIDSLSAYRSSVLSNQQPGLMVPFSLRLFPLFVLA
LLKQKSFQTGTNARLDERIFAMCQVKNQPLVYLMLTTHPSLYRVDNLSDEGALNISDRTIPQPPILQLSVEKLSRDGAFL
MDAGSVLMLWVGKNCTQNFLSQVLGVQNYASIPQPMTDLPELDTPESARIIAFISWLREQRPFFPILYVIADESPMKANF
LQNMIEDRTESALSYYEFLLHIQQQVNK
;
B
3 'polypeptide(L)'
;MVLLTMIARVADGLPLAASMQEDEQSGRDLQQYQSQAKQLFRKLNEQSPTRCTLEAGAMTFHYIIEQGVCYLVLCEAAFP
KKLAFAYLEDLHSEFDEQHGKKVPTVSRPYSFIEFDTFIQKTKKLYIDSRARRNLGSINTELQDVQRIMVANIEEVL
;
C
4 'polypeptide(L)' QIYTDIEMNR D
#
# COMPACT_ATOMS: atom_id res chain seq x y z
N THR A 3 12.04 -68.86 0.78
CA THR A 3 13.02 -68.04 1.57
C THR A 3 12.41 -66.84 2.29
N TYR A 4 12.73 -66.70 3.57
CA TYR A 4 12.22 -65.59 4.37
C TYR A 4 12.60 -64.25 3.76
N LEU A 5 13.72 -64.21 3.06
CA LEU A 5 14.18 -62.99 2.39
C LEU A 5 13.38 -62.72 1.12
N GLU A 6 13.22 -63.75 0.28
CA GLU A 6 12.46 -63.61 -0.96
C GLU A 6 11.04 -63.18 -0.57
N PHE A 7 10.59 -63.61 0.60
CA PHE A 7 9.26 -63.27 1.09
C PHE A 7 9.17 -61.78 1.40
N ILE A 8 10.09 -61.30 2.24
CA ILE A 8 10.13 -59.89 2.62
C ILE A 8 10.21 -59.03 1.36
N GLN A 9 11.06 -59.44 0.43
CA GLN A 9 11.24 -58.71 -0.84
C GLN A 9 9.99 -58.66 -1.70
N GLN A 10 9.50 -59.82 -2.10
CA GLN A 10 8.32 -59.86 -2.96
C GLN A 10 7.13 -59.14 -2.36
N ASN A 11 7.00 -59.17 -1.04
CA ASN A 11 5.89 -58.49 -0.43
C ASN A 11 6.03 -56.98 -0.45
N GLU A 12 7.26 -56.48 -0.39
CA GLU A 12 7.47 -55.03 -0.42
C GLU A 12 7.20 -54.52 -1.83
N GLU A 13 7.49 -55.38 -2.81
CA GLU A 13 7.28 -55.04 -4.21
C GLU A 13 5.80 -55.05 -4.56
N ARG A 14 5.10 -56.11 -4.16
CA ARG A 14 3.68 -56.22 -4.48
C ARG A 14 2.81 -55.27 -3.66
N ASP A 15 2.99 -55.29 -2.35
CA ASP A 15 2.16 -54.47 -1.48
C ASP A 15 2.83 -53.28 -0.85
N GLY A 16 4.03 -52.93 -1.31
CA GLY A 16 4.71 -51.79 -0.72
C GLY A 16 4.63 -51.74 0.80
N VAL A 17 4.88 -52.88 1.45
CA VAL A 17 4.85 -52.91 2.91
C VAL A 17 6.01 -53.71 3.49
N ARG A 18 6.45 -53.33 4.69
CA ARG A 18 7.53 -54.07 5.34
C ARG A 18 7.38 -54.08 6.85
N PHE A 19 6.93 -55.21 7.39
CA PHE A 19 6.71 -55.38 8.82
C PHE A 19 7.95 -55.73 9.63
N SER A 20 7.90 -55.39 10.91
CA SER A 20 8.99 -55.70 11.82
C SER A 20 9.01 -57.20 12.07
N TRP A 21 7.84 -57.83 11.96
CA TRP A 21 7.68 -59.27 12.17
C TRP A 21 6.60 -59.81 11.23
N ASN A 22 6.87 -60.90 10.53
CA ASN A 22 5.88 -61.44 9.62
C ASN A 22 5.04 -62.54 10.21
N VAL A 23 5.39 -62.94 11.44
CA VAL A 23 4.63 -63.95 12.17
C VAL A 23 4.27 -63.25 13.45
N TRP A 24 3.00 -63.37 13.83
CA TRP A 24 2.56 -62.64 15.01
C TRP A 24 2.18 -63.48 16.21
N PRO A 25 2.29 -62.89 17.41
CA PRO A 25 1.96 -63.57 18.66
C PRO A 25 0.50 -64.00 18.63
N SER A 26 0.24 -65.24 19.00
CA SER A 26 -1.13 -65.77 19.02
C SER A 26 -1.59 -65.92 20.47
N SER A 27 -0.77 -65.41 21.40
CA SER A 27 -1.10 -65.47 22.82
C SER A 27 -0.85 -64.12 23.48
N ARG A 28 -1.73 -63.76 24.40
CA ARG A 28 -1.63 -62.49 25.12
C ARG A 28 -0.32 -62.34 25.90
N LEU A 29 0.27 -63.47 26.28
CA LEU A 29 1.51 -63.49 27.05
C LEU A 29 2.74 -63.13 26.23
N GLU A 30 2.77 -63.54 24.96
CA GLU A 30 3.90 -63.26 24.10
C GLU A 30 3.77 -61.90 23.41
N ALA A 31 2.53 -61.50 23.12
CA ALA A 31 2.26 -60.22 22.48
C ALA A 31 2.79 -59.07 23.33
N THR A 32 2.52 -59.14 24.64
CA THR A 32 2.95 -58.12 25.59
C THR A 32 4.45 -58.12 25.80
N ARG A 33 5.09 -59.26 25.55
CA ARG A 33 6.54 -59.39 25.73
C ARG A 33 7.29 -59.17 24.43
N MET A 34 6.64 -58.46 23.52
CA MET A 34 7.20 -58.14 22.22
C MET A 34 8.20 -56.98 22.41
N VAL A 35 9.50 -57.27 22.31
CA VAL A 35 10.54 -56.24 22.50
C VAL A 35 10.43 -55.12 21.47
N VAL A 36 10.23 -55.49 20.22
CA VAL A 36 10.05 -54.49 19.19
C VAL A 36 8.61 -54.68 18.76
N PRO A 37 7.84 -53.59 18.77
CA PRO A 37 6.43 -53.65 18.38
C PRO A 37 6.16 -54.14 16.96
N VAL A 38 5.02 -54.82 16.79
CA VAL A 38 4.59 -55.29 15.47
C VAL A 38 4.30 -54.00 14.69
N ALA A 39 5.13 -53.68 13.71
CA ALA A 39 4.95 -52.44 12.96
C ALA A 39 5.20 -52.65 11.47
N ALA A 40 4.78 -51.66 10.69
CA ALA A 40 4.95 -51.74 9.26
C ALA A 40 5.39 -50.43 8.69
N LEU A 41 6.17 -50.51 7.63
CA LEU A 41 6.63 -49.34 6.91
C LEU A 41 5.69 -49.42 5.69
N PHE A 42 4.71 -48.52 5.63
CA PHE A 42 3.75 -48.54 4.55
C PHE A 42 3.91 -47.43 3.51
N THR A 43 3.95 -47.82 2.25
CA THR A 43 4.12 -46.89 1.13
C THR A 43 2.89 -46.99 0.25
N PRO A 44 1.81 -46.29 0.64
CA PRO A 44 0.51 -46.24 -0.05
C PRO A 44 0.47 -46.08 -1.54
N LEU A 45 1.47 -45.41 -2.13
CA LEU A 45 1.45 -45.22 -3.57
C LEU A 45 2.70 -45.70 -4.28
N LYS A 46 3.25 -46.81 -3.81
CA LYS A 46 4.45 -47.37 -4.42
C LYS A 46 4.18 -47.74 -5.88
N GLU A 47 5.18 -47.57 -6.75
CA GLU A 47 5.04 -47.89 -8.17
C GLU A 47 5.38 -49.36 -8.45
N ARG A 48 4.84 -49.92 -9.54
CA ARG A 48 5.09 -51.33 -9.85
C ARG A 48 4.93 -51.80 -11.33
N PRO A 49 4.62 -53.11 -11.59
CA PRO A 49 4.46 -53.60 -12.98
C PRO A 49 3.25 -53.23 -13.84
N ASP A 50 2.76 -52.00 -13.69
CA ASP A 50 1.62 -51.57 -14.50
C ASP A 50 0.32 -52.30 -14.19
N LEU A 51 -0.04 -52.39 -12.91
CA LEU A 51 -1.29 -53.05 -12.52
C LEU A 51 -2.49 -52.41 -13.23
N PRO A 52 -3.49 -53.21 -13.61
CA PRO A 52 -4.68 -52.70 -14.30
C PRO A 52 -5.64 -51.97 -13.37
N PRO A 53 -5.95 -50.70 -13.66
CA PRO A 53 -6.86 -49.88 -12.85
C PRO A 53 -8.29 -50.36 -12.95
N ILE A 54 -8.96 -50.40 -11.81
CA ILE A 54 -10.35 -50.84 -11.79
C ILE A 54 -11.28 -49.65 -11.91
N GLN A 55 -12.00 -49.58 -13.03
CA GLN A 55 -12.92 -48.48 -13.28
C GLN A 55 -14.32 -48.74 -12.78
N TYR A 56 -14.51 -49.85 -12.09
CA TYR A 56 -15.82 -50.18 -11.52
C TYR A 56 -15.67 -50.01 -10.02
N GLU A 57 -16.74 -49.57 -9.35
CA GLU A 57 -16.69 -49.36 -7.91
C GLU A 57 -16.03 -50.55 -7.23
N PRO A 58 -15.27 -50.29 -6.17
CA PRO A 58 -14.57 -51.34 -5.43
C PRO A 58 -15.35 -52.53 -4.83
N VAL A 59 -16.58 -52.30 -4.38
CA VAL A 59 -17.41 -53.37 -3.76
C VAL A 59 -17.15 -53.45 -2.27
N LEU A 60 -17.92 -52.70 -1.50
CA LEU A 60 -17.73 -52.68 -0.07
C LEU A 60 -18.60 -53.67 0.68
N CYS A 61 -18.19 -53.97 1.90
CA CYS A 61 -18.93 -54.90 2.75
C CYS A 61 -20.17 -54.19 3.24
N SER A 62 -21.20 -54.98 3.52
CA SER A 62 -22.46 -54.45 4.01
C SER A 62 -22.57 -54.58 5.51
N ARG A 63 -21.98 -53.65 6.23
CA ARG A 63 -22.03 -53.65 7.69
C ARG A 63 -21.50 -52.34 8.22
N THR A 64 -22.41 -51.40 8.42
CA THR A 64 -22.11 -50.06 8.93
C THR A 64 -20.68 -49.86 9.43
N THR A 65 -20.33 -50.54 10.52
CA THR A 65 -19.00 -50.41 11.11
C THR A 65 -17.82 -50.94 10.30
N CYS A 66 -17.98 -52.11 9.69
CA CYS A 66 -16.90 -52.70 8.91
C CYS A 66 -16.65 -51.99 7.58
N ARG A 67 -17.46 -52.34 6.59
CA ARG A 67 -17.33 -51.75 5.27
C ARG A 67 -15.96 -52.00 4.65
N ALA A 68 -15.40 -53.18 4.88
CA ALA A 68 -14.11 -53.53 4.31
C ALA A 68 -14.30 -53.74 2.81
N VAL A 69 -13.22 -53.62 2.04
CA VAL A 69 -13.31 -53.81 0.60
C VAL A 69 -13.08 -55.28 0.21
N LEU A 70 -13.89 -55.79 -0.73
CA LEU A 70 -13.77 -57.16 -1.22
C LEU A 70 -12.31 -57.41 -1.61
N ASN A 71 -11.73 -58.50 -1.11
CA ASN A 71 -10.33 -58.81 -1.38
C ASN A 71 -10.03 -60.32 -1.53
N PRO A 72 -8.75 -60.69 -1.81
CA PRO A 72 -8.40 -62.11 -1.98
C PRO A 72 -8.66 -62.99 -0.77
N LEU A 73 -8.67 -62.40 0.42
CA LEU A 73 -8.92 -63.15 1.65
C LEU A 73 -10.39 -63.49 1.86
N CYS A 74 -11.28 -62.82 1.16
CA CYS A 74 -12.71 -63.05 1.30
C CYS A 74 -13.14 -64.41 0.76
N GLN A 75 -14.08 -65.04 1.46
CA GLN A 75 -14.60 -66.34 1.06
C GLN A 75 -15.76 -66.14 0.09
N VAL A 76 -15.55 -66.51 -1.16
CA VAL A 76 -16.58 -66.34 -2.18
C VAL A 76 -17.32 -67.64 -2.50
N ASP A 77 -18.52 -67.51 -3.06
CA ASP A 77 -19.37 -68.66 -3.44
C ASP A 77 -20.10 -68.32 -4.74
N TYR A 78 -19.44 -68.62 -5.86
CA TYR A 78 -19.97 -68.33 -7.19
C TYR A 78 -21.35 -68.89 -7.49
N ARG A 79 -21.75 -69.92 -6.77
CA ARG A 79 -23.05 -70.52 -7.00
C ARG A 79 -24.17 -69.67 -6.41
N ALA A 80 -23.94 -69.16 -5.19
CA ALA A 80 -24.93 -68.34 -4.52
C ALA A 80 -24.69 -66.83 -4.64
N LYS A 81 -23.79 -66.44 -5.53
CA LYS A 81 -23.44 -65.03 -5.73
C LYS A 81 -23.32 -64.34 -4.37
N LEU A 82 -22.58 -64.96 -3.46
CA LEU A 82 -22.36 -64.40 -2.13
C LEU A 82 -20.89 -64.38 -1.73
N TRP A 83 -20.52 -63.46 -0.87
CA TRP A 83 -19.14 -63.40 -0.35
C TRP A 83 -19.17 -63.10 1.14
N ALA A 84 -18.20 -63.65 1.85
CA ALA A 84 -18.10 -63.44 3.28
C ALA A 84 -16.93 -62.51 3.56
N CYS A 85 -17.19 -61.42 4.28
CA CYS A 85 -16.14 -60.48 4.63
C CYS A 85 -15.21 -61.20 5.60
N ASN A 86 -13.92 -61.18 5.32
CA ASN A 86 -12.95 -61.84 6.16
C ASN A 86 -12.65 -61.04 7.43
N PHE A 87 -13.29 -59.88 7.57
CA PHE A 87 -13.06 -59.06 8.75
C PHE A 87 -14.17 -59.13 9.78
N CYS A 88 -15.42 -59.09 9.32
CA CYS A 88 -16.53 -59.15 10.24
C CYS A 88 -17.42 -60.37 9.95
N TYR A 89 -16.98 -61.21 9.02
CA TYR A 89 -17.68 -62.44 8.65
C TYR A 89 -19.02 -62.21 7.95
N GLN A 90 -19.46 -60.96 7.88
CA GLN A 90 -20.73 -60.63 7.25
C GLN A 90 -20.85 -61.16 5.82
N ARG A 91 -21.96 -61.83 5.53
CA ARG A 91 -22.19 -62.36 4.20
C ARG A 91 -22.75 -61.22 3.34
N ASN A 92 -22.26 -61.13 2.09
CA ASN A 92 -22.68 -60.06 1.19
C ASN A 92 -23.18 -60.52 -0.17
N GLN A 93 -24.15 -59.76 -0.70
CA GLN A 93 -24.72 -60.03 -2.00
C GLN A 93 -23.87 -59.22 -2.99
N PHE A 94 -23.72 -59.70 -4.21
CA PHE A 94 -22.93 -58.95 -5.16
C PHE A 94 -23.72 -57.84 -5.82
N PRO A 95 -23.04 -56.76 -6.21
CA PRO A 95 -23.72 -55.65 -6.88
C PRO A 95 -24.18 -56.14 -8.23
N PRO A 96 -25.28 -55.57 -8.75
CA PRO A 96 -25.80 -55.99 -10.06
C PRO A 96 -24.77 -56.09 -11.18
N SER A 97 -23.83 -55.15 -11.26
CA SER A 97 -22.82 -55.23 -12.32
C SER A 97 -21.95 -56.48 -12.15
N TYR A 98 -22.08 -57.14 -11.01
CA TYR A 98 -21.31 -58.36 -10.74
C TYR A 98 -22.11 -59.64 -10.97
N ALA A 99 -23.29 -59.50 -11.57
CA ALA A 99 -24.16 -60.66 -11.82
C ALA A 99 -23.55 -61.72 -12.72
N GLY A 100 -22.77 -61.29 -13.71
CA GLY A 100 -22.16 -62.23 -14.63
C GLY A 100 -20.99 -62.97 -14.01
N ILE A 101 -20.76 -62.72 -12.73
CA ILE A 101 -19.67 -63.34 -12.00
C ILE A 101 -19.60 -64.84 -12.29
N SER A 102 -18.38 -65.34 -12.45
CA SER A 102 -18.17 -66.76 -12.75
C SER A 102 -16.78 -67.23 -12.36
N GLU A 103 -16.68 -68.52 -12.03
CA GLU A 103 -15.42 -69.15 -11.66
C GLU A 103 -14.33 -69.01 -12.71
N LEU A 104 -14.71 -69.13 -13.99
CA LEU A 104 -13.75 -69.06 -15.08
C LEU A 104 -13.52 -67.64 -15.62
N ASN A 105 -13.91 -66.66 -14.82
CA ASN A 105 -13.77 -65.24 -15.13
C ASN A 105 -14.35 -64.57 -13.90
N GLN A 106 -13.49 -64.38 -12.89
CA GLN A 106 -13.90 -63.80 -11.63
C GLN A 106 -13.21 -62.47 -11.34
N PRO A 107 -13.81 -61.64 -10.47
CA PRO A 107 -13.28 -60.32 -10.11
C PRO A 107 -11.81 -60.29 -9.68
N ALA A 108 -11.07 -59.38 -10.32
CA ALA A 108 -9.65 -59.21 -10.07
C ALA A 108 -9.27 -59.04 -8.60
N GLU A 109 -10.03 -58.23 -7.86
CA GLU A 109 -9.71 -58.02 -6.45
C GLU A 109 -9.68 -59.29 -5.61
N LEU A 110 -10.07 -60.41 -6.19
CA LEU A 110 -10.06 -61.67 -5.45
C LEU A 110 -8.77 -62.46 -5.67
N LEU A 111 -8.08 -62.21 -6.77
CA LEU A 111 -6.83 -62.91 -7.05
C LEU A 111 -5.71 -62.41 -6.14
N PRO A 112 -4.83 -63.32 -5.67
CA PRO A 112 -3.69 -63.01 -4.79
C PRO A 112 -2.65 -62.07 -5.41
N GLN A 113 -2.66 -61.97 -6.73
CA GLN A 113 -1.72 -61.09 -7.43
C GLN A 113 -2.20 -59.66 -7.24
N PHE A 114 -3.49 -59.51 -7.01
CA PHE A 114 -4.06 -58.20 -6.85
C PHE A 114 -4.35 -57.76 -5.42
N SER A 115 -3.60 -58.31 -4.48
CA SER A 115 -3.71 -57.84 -3.11
C SER A 115 -3.07 -56.53 -3.52
N SER A 116 -3.48 -55.40 -2.97
CA SER A 116 -2.91 -54.13 -3.47
C SER A 116 -3.43 -53.94 -4.90
N ILE A 117 -4.38 -53.04 -5.05
CA ILE A 117 -5.02 -52.76 -6.32
C ILE A 117 -5.55 -51.33 -6.24
N GLU A 118 -5.76 -50.68 -7.38
CA GLU A 118 -6.28 -49.31 -7.34
C GLU A 118 -7.60 -49.17 -8.10
N TYR A 119 -8.54 -48.43 -7.52
CA TYR A 119 -9.81 -48.21 -8.18
C TYR A 119 -9.95 -46.71 -8.49
N VAL A 120 -10.82 -46.39 -9.45
CA VAL A 120 -11.06 -45.00 -9.82
C VAL A 120 -12.53 -44.72 -9.61
N VAL A 121 -12.85 -43.59 -9.01
CA VAL A 121 -14.24 -43.24 -8.82
C VAL A 121 -14.51 -42.03 -9.70
N LEU A 122 -15.50 -42.18 -10.58
CA LEU A 122 -15.88 -41.12 -11.49
C LEU A 122 -17.37 -40.90 -11.36
N ARG A 123 -17.75 -39.70 -10.93
CA ARG A 123 -19.16 -39.38 -10.76
C ARG A 123 -19.34 -37.88 -10.56
N GLY A 124 -18.29 -37.24 -10.05
CA GLY A 124 -18.37 -35.80 -9.84
C GLY A 124 -17.35 -35.07 -10.69
N PRO A 125 -17.73 -33.93 -11.29
CA PRO A 125 -16.74 -33.23 -12.10
C PRO A 125 -15.48 -33.02 -11.27
N GLN A 126 -14.34 -33.34 -11.87
CA GLN A 126 -13.05 -33.23 -11.22
C GLN A 126 -12.62 -31.80 -10.95
N MET A 127 -12.03 -31.56 -9.80
CA MET A 127 -11.54 -30.24 -9.41
C MET A 127 -10.14 -30.03 -9.96
N PRO A 128 -9.86 -28.84 -10.51
CA PRO A 128 -8.52 -28.57 -11.05
C PRO A 128 -7.50 -28.43 -9.92
N LEU A 129 -6.25 -28.76 -10.20
CA LEU A 129 -5.22 -28.62 -9.18
C LEU A 129 -4.99 -27.13 -8.95
N ILE A 130 -4.47 -26.81 -7.77
CA ILE A 130 -4.20 -25.42 -7.46
C ILE A 130 -2.77 -25.20 -6.95
N PHE A 131 -2.06 -24.27 -7.59
CA PHE A 131 -0.69 -23.95 -7.19
C PHE A 131 -0.57 -22.49 -6.80
N LEU A 132 -0.04 -22.24 -5.61
CA LEU A 132 0.13 -20.88 -5.10
C LEU A 132 1.60 -20.63 -4.77
N TYR A 133 2.22 -19.73 -5.52
CA TYR A 133 3.61 -19.37 -5.29
C TYR A 133 3.62 -18.28 -4.23
N VAL A 134 4.53 -18.37 -3.26
CA VAL A 134 4.64 -17.38 -2.20
C VAL A 134 6.12 -17.02 -2.17
N VAL A 135 6.48 -16.00 -2.92
CA VAL A 135 7.87 -15.59 -3.09
C VAL A 135 8.44 -14.48 -2.23
N ASP A 136 9.58 -14.77 -1.60
CA ASP A 136 10.31 -13.82 -0.76
C ASP A 136 11.05 -12.92 -1.76
N THR A 137 11.19 -11.64 -1.45
CA THR A 137 11.89 -10.74 -2.35
C THR A 137 13.06 -10.06 -1.67
N CYS A 138 13.30 -10.44 -0.41
CA CYS A 138 14.43 -9.91 0.34
C CYS A 138 15.67 -10.78 0.12
N MET A 139 16.29 -10.67 -1.04
CA MET A 139 17.52 -11.44 -1.32
C MET A 139 18.35 -10.74 -2.39
N GLU A 140 19.51 -11.30 -2.71
CA GLU A 140 20.39 -10.72 -3.71
C GLU A 140 19.77 -10.90 -5.09
N ASP A 141 20.17 -10.04 -6.02
CA ASP A 141 19.66 -10.06 -7.39
C ASP A 141 19.90 -11.39 -8.11
N GLU A 142 21.09 -11.94 -7.99
CA GLU A 142 21.38 -13.18 -8.67
C GLU A 142 20.57 -14.32 -8.07
N ASP A 143 20.36 -14.29 -6.77
CA ASP A 143 19.57 -15.35 -6.14
C ASP A 143 18.10 -15.22 -6.54
N LEU A 144 17.64 -13.99 -6.66
CA LEU A 144 16.24 -13.75 -7.03
C LEU A 144 15.99 -14.07 -8.50
N GLN A 145 16.94 -13.72 -9.36
CA GLN A 145 16.77 -13.98 -10.78
C GLN A 145 16.68 -15.49 -10.97
N ALA A 146 17.54 -16.21 -10.26
CA ALA A 146 17.56 -17.66 -10.33
C ALA A 146 16.20 -18.20 -9.96
N LEU A 147 15.67 -17.70 -8.83
CA LEU A 147 14.37 -18.10 -8.30
C LEU A 147 13.25 -17.85 -9.30
N LYS A 148 13.31 -16.73 -9.99
CA LYS A 148 12.30 -16.39 -10.98
C LYS A 148 12.36 -17.36 -12.16
N GLU A 149 13.57 -17.64 -12.63
CA GLU A 149 13.71 -18.58 -13.75
C GLU A 149 13.20 -19.94 -13.31
N SER A 150 13.46 -20.30 -12.06
CA SER A 150 12.99 -21.59 -11.55
C SER A 150 11.45 -21.67 -11.55
N MET A 151 10.80 -20.57 -11.16
CA MET A 151 9.34 -20.55 -11.12
C MET A 151 8.71 -20.43 -12.49
N GLN A 152 9.38 -19.76 -13.42
CA GLN A 152 8.83 -19.63 -14.76
C GLN A 152 8.83 -20.99 -15.45
N MET A 153 9.86 -21.79 -15.17
CA MET A 153 9.97 -23.12 -15.73
C MET A 153 8.83 -24.00 -15.22
N SER A 154 8.72 -24.08 -13.90
CA SER A 154 7.66 -24.89 -13.28
C SER A 154 6.29 -24.56 -13.86
N LEU A 155 6.10 -23.31 -14.28
CA LEU A 155 4.83 -22.87 -14.81
C LEU A 155 4.51 -23.48 -16.18
N SER A 156 5.55 -23.75 -16.97
CA SER A 156 5.33 -24.32 -18.29
C SER A 156 5.07 -25.82 -18.21
N LEU A 157 5.30 -26.38 -17.03
CA LEU A 157 5.07 -27.81 -16.81
C LEU A 157 3.69 -28.09 -16.25
N LEU A 158 3.00 -27.05 -15.80
CA LEU A 158 1.67 -27.22 -15.21
C LEU A 158 0.59 -27.63 -16.20
N PRO A 159 -0.50 -28.17 -15.67
CA PRO A 159 -1.59 -28.60 -16.55
C PRO A 159 -2.44 -27.38 -16.91
N PRO A 160 -3.02 -27.36 -18.12
CA PRO A 160 -3.87 -26.26 -18.62
C PRO A 160 -4.97 -25.83 -17.65
N THR A 161 -5.64 -26.80 -17.05
CA THR A 161 -6.74 -26.55 -16.13
C THR A 161 -6.34 -26.15 -14.73
N ALA A 162 -5.05 -26.24 -14.41
CA ALA A 162 -4.61 -25.88 -13.07
C ALA A 162 -4.72 -24.38 -12.81
N LEU A 163 -5.15 -24.03 -11.60
CA LEU A 163 -5.27 -22.63 -11.22
C LEU A 163 -3.94 -22.23 -10.60
N VAL A 164 -3.57 -20.95 -10.75
CA VAL A 164 -2.32 -20.44 -10.21
C VAL A 164 -2.56 -19.14 -9.46
N GLY A 165 -1.68 -18.86 -8.50
CA GLY A 165 -1.79 -17.65 -7.72
C GLY A 165 -0.40 -17.19 -7.32
N LEU A 166 -0.22 -15.90 -7.12
CA LEU A 166 1.10 -15.38 -6.77
C LEU A 166 1.04 -14.41 -5.61
N ILE A 167 1.90 -14.66 -4.61
CA ILE A 167 2.01 -13.80 -3.45
C ILE A 167 3.50 -13.53 -3.30
N THR A 168 3.86 -12.27 -3.15
CA THR A 168 5.26 -11.89 -2.98
C THR A 168 5.33 -11.14 -1.65
N PHE A 169 6.51 -11.11 -1.04
CA PHE A 169 6.65 -10.41 0.21
C PHE A 169 8.08 -9.98 0.49
N GLY A 170 8.19 -9.10 1.48
CA GLY A 170 9.44 -8.55 1.94
C GLY A 170 8.98 -7.86 3.22
N ARG A 171 8.84 -6.55 3.19
CA ARG A 171 8.35 -5.85 4.35
C ARG A 171 6.82 -6.01 4.36
N MET A 172 6.20 -5.79 3.20
CA MET A 172 4.75 -5.91 3.08
C MET A 172 4.44 -7.26 2.43
N VAL A 173 3.16 -7.55 2.26
CA VAL A 173 2.74 -8.78 1.61
C VAL A 173 1.79 -8.41 0.47
N GLN A 174 2.13 -8.85 -0.75
CA GLN A 174 1.32 -8.56 -1.94
C GLN A 174 0.60 -9.76 -2.56
N VAL A 175 -0.72 -9.74 -2.52
CA VAL A 175 -1.50 -10.79 -3.14
C VAL A 175 -1.82 -10.26 -4.53
N HIS A 176 -1.24 -10.88 -5.55
CA HIS A 176 -1.47 -10.41 -6.91
C HIS A 176 -2.76 -10.83 -7.59
N GLU A 177 -3.47 -9.87 -8.18
CA GLU A 177 -4.67 -10.21 -8.92
C GLU A 177 -4.16 -10.39 -10.34
N LEU A 178 -4.18 -11.64 -10.78
CA LEU A 178 -3.67 -12.00 -12.09
C LEU A 178 -4.38 -11.46 -13.33
N GLY A 179 -3.56 -11.06 -14.29
CA GLY A 179 -4.03 -10.54 -15.57
C GLY A 179 -5.11 -9.48 -15.52
N CYS A 180 -4.85 -8.38 -14.81
CA CYS A 180 -5.84 -7.33 -14.75
C CYS A 180 -5.67 -6.37 -15.92
N GLU A 181 -5.02 -6.85 -16.99
CA GLU A 181 -4.78 -6.06 -18.20
C GLU A 181 -4.13 -4.69 -17.98
N GLY A 182 -3.32 -4.25 -18.94
CA GLY A 182 -2.65 -2.96 -18.87
C GLY A 182 -2.19 -2.33 -17.56
N ILE A 183 -2.50 -2.93 -16.41
CA ILE A 183 -2.08 -2.33 -15.14
C ILE A 183 -1.35 -3.25 -14.15
N SER A 184 -1.82 -4.48 -13.98
CA SER A 184 -1.18 -5.40 -13.05
C SER A 184 -1.29 -4.90 -11.59
N LYS A 185 -2.37 -5.25 -10.91
CA LYS A 185 -2.57 -4.82 -9.55
C LYS A 185 -2.40 -5.92 -8.51
N SER A 186 -2.23 -5.49 -7.26
CA SER A 186 -2.03 -6.38 -6.14
C SER A 186 -2.61 -5.77 -4.86
N TYR A 187 -2.80 -6.60 -3.84
CA TYR A 187 -3.33 -6.12 -2.57
C TYR A 187 -2.21 -6.18 -1.55
N VAL A 188 -1.87 -5.02 -0.99
CA VAL A 188 -0.80 -4.93 -0.01
C VAL A 188 -1.31 -5.07 1.44
N PHE A 189 -0.56 -5.80 2.24
CA PHE A 189 -0.90 -6.00 3.65
C PHE A 189 0.37 -5.87 4.46
N ARG A 190 0.24 -5.32 5.66
CA ARG A 190 1.39 -5.17 6.54
C ARG A 190 1.83 -6.54 6.97
N GLY A 191 3.14 -6.79 6.90
CA GLY A 191 3.63 -8.08 7.34
C GLY A 191 3.93 -7.96 8.81
N THR A 192 3.18 -7.09 9.47
CA THR A 192 3.38 -6.82 10.88
C THR A 192 2.25 -7.30 11.81
N LYS A 193 1.16 -7.76 11.23
CA LYS A 193 0.01 -8.25 11.98
C LYS A 193 -0.70 -9.33 11.16
N ASP A 194 -1.12 -10.40 11.84
CA ASP A 194 -1.79 -11.52 11.18
C ASP A 194 -3.26 -11.30 10.83
N LEU A 195 -3.77 -12.13 9.94
CA LEU A 195 -5.15 -12.08 9.49
C LEU A 195 -5.71 -13.50 9.51
N SER A 196 -6.94 -13.65 9.96
CA SER A 196 -7.55 -14.97 10.01
C SER A 196 -7.73 -15.46 8.58
N ALA A 197 -8.98 -15.54 8.14
CA ALA A 197 -9.32 -15.95 6.79
C ALA A 197 -10.64 -15.23 6.51
N LYS A 198 -11.45 -15.11 7.55
CA LYS A 198 -12.72 -14.43 7.41
C LYS A 198 -12.39 -12.96 7.17
N GLN A 199 -11.32 -12.50 7.79
CA GLN A 199 -10.89 -11.13 7.63
C GLN A 199 -10.44 -10.95 6.18
N LEU A 200 -9.44 -11.73 5.80
CA LEU A 200 -8.87 -11.70 4.46
C LEU A 200 -9.98 -11.73 3.43
N GLN A 201 -10.85 -12.73 3.55
CA GLN A 201 -11.95 -12.88 2.62
C GLN A 201 -12.74 -11.58 2.42
N GLU A 202 -13.12 -10.94 3.53
CA GLU A 202 -13.87 -9.70 3.47
C GLU A 202 -13.04 -8.56 2.89
N MET A 203 -11.75 -8.57 3.15
CA MET A 203 -10.88 -7.52 2.63
C MET A 203 -10.56 -7.70 1.15
N LEU A 204 -10.67 -8.93 0.66
CA LEU A 204 -10.38 -9.21 -0.76
C LEU A 204 -11.61 -9.35 -1.66
N GLY A 205 -12.79 -9.54 -1.08
CA GLY A 205 -13.99 -9.72 -1.88
C GLY A 205 -14.37 -11.17 -2.14
N PRO A 223 -19.28 -25.76 -15.35
CA PRO A 223 -18.17 -24.83 -15.61
C PRO A 223 -17.12 -24.78 -14.49
N PRO A 224 -15.83 -24.76 -14.86
CA PRO A 224 -14.68 -24.73 -13.94
C PRO A 224 -14.55 -23.45 -13.11
N PRO A 225 -14.29 -23.60 -11.79
CA PRO A 225 -14.14 -22.48 -10.86
C PRO A 225 -12.79 -21.76 -10.91
N SER A 226 -12.74 -20.55 -10.34
CA SER A 226 -11.53 -19.73 -10.31
C SER A 226 -11.78 -18.39 -9.62
N ASN A 227 -10.73 -17.63 -9.37
CA ASN A 227 -10.84 -16.31 -8.73
C ASN A 227 -10.08 -15.27 -9.52
N ARG A 228 -10.04 -14.07 -8.97
CA ARG A 228 -9.28 -13.01 -9.60
C ARG A 228 -7.86 -13.36 -9.17
N PHE A 229 -7.76 -14.11 -8.08
CA PHE A 229 -6.47 -14.52 -7.50
C PHE A 229 -5.98 -15.91 -7.86
N LEU A 230 -6.85 -16.75 -8.41
CA LEU A 230 -6.45 -18.10 -8.77
C LEU A 230 -7.05 -18.41 -10.12
N GLN A 231 -6.27 -18.23 -11.18
CA GLN A 231 -6.77 -18.47 -12.52
C GLN A 231 -6.14 -19.66 -13.24
N PRO A 232 -6.86 -20.21 -14.24
CA PRO A 232 -6.40 -21.35 -15.04
C PRO A 232 -5.10 -21.00 -15.75
N VAL A 233 -4.19 -21.97 -15.85
CA VAL A 233 -2.92 -21.72 -16.50
C VAL A 233 -3.11 -21.31 -17.96
N GLN A 234 -3.78 -22.14 -18.74
CA GLN A 234 -4.01 -21.87 -20.15
C GLN A 234 -4.46 -20.43 -20.44
N LYS A 235 -5.14 -19.81 -19.48
CA LYS A 235 -5.61 -18.45 -19.70
C LYS A 235 -4.76 -17.39 -19.05
N ILE A 236 -3.79 -17.79 -18.23
CA ILE A 236 -2.98 -16.81 -17.53
C ILE A 236 -1.47 -16.98 -17.67
N ASP A 237 -1.02 -18.15 -18.09
CA ASP A 237 0.41 -18.42 -18.20
C ASP A 237 1.31 -17.31 -18.75
N MET A 238 0.89 -16.63 -19.81
CA MET A 238 1.73 -15.57 -20.35
C MET A 238 1.83 -14.34 -19.43
N ASN A 239 0.70 -13.89 -18.88
CA ASN A 239 0.73 -12.76 -17.98
C ASN A 239 1.60 -13.10 -16.75
N LEU A 240 1.35 -14.27 -16.18
CA LEU A 240 2.11 -14.70 -15.01
C LEU A 240 3.60 -14.85 -15.32
N THR A 241 3.91 -15.42 -16.49
CA THR A 241 5.29 -15.60 -16.88
C THR A 241 5.97 -14.22 -16.97
N ASP A 242 5.19 -13.20 -17.30
CA ASP A 242 5.77 -11.87 -17.39
C ASP A 242 5.94 -11.24 -16.03
N LEU A 243 4.91 -11.34 -15.19
CA LEU A 243 4.97 -10.78 -13.84
C LEU A 243 6.16 -11.39 -13.05
N LEU A 244 6.29 -12.71 -13.11
CA LEU A 244 7.38 -13.38 -12.41
C LEU A 244 8.72 -12.86 -12.94
N GLY A 245 8.75 -12.56 -14.23
CA GLY A 245 9.95 -12.06 -14.85
C GLY A 245 10.34 -10.66 -14.43
N GLU A 246 9.35 -9.85 -14.08
CA GLU A 246 9.60 -8.48 -13.67
C GLU A 246 9.70 -8.28 -12.16
N LEU A 247 9.45 -9.32 -11.38
CA LEU A 247 9.52 -9.21 -9.94
C LEU A 247 10.85 -8.61 -9.55
N GLN A 248 10.81 -7.60 -8.66
CA GLN A 248 12.02 -6.95 -8.18
C GLN A 248 12.18 -7.09 -6.67
N ARG A 249 13.43 -7.00 -6.22
CA ARG A 249 13.72 -7.12 -4.80
C ARG A 249 12.90 -6.15 -3.95
N ASP A 250 12.69 -6.50 -2.68
CA ASP A 250 11.91 -5.65 -1.79
C ASP A 250 12.38 -4.19 -1.94
N PRO A 251 11.46 -3.31 -2.35
CA PRO A 251 11.85 -1.90 -2.54
C PRO A 251 12.45 -1.25 -1.29
N TRP A 252 12.04 -1.74 -0.12
CA TRP A 252 12.54 -1.17 1.14
C TRP A 252 14.04 -1.38 1.32
N PRO A 253 14.77 -0.30 1.62
CA PRO A 253 16.22 -0.35 1.82
C PRO A 253 16.57 -1.02 3.13
N VAL A 254 17.74 -1.63 3.18
CA VAL A 254 18.18 -2.27 4.41
C VAL A 254 19.37 -1.49 4.96
N PRO A 255 19.16 -0.78 6.08
CA PRO A 255 20.19 0.03 6.73
C PRO A 255 21.39 -0.77 7.26
N GLN A 256 22.53 -0.10 7.38
CA GLN A 256 23.75 -0.73 7.84
C GLN A 256 23.63 -1.58 9.10
N GLY A 257 24.26 -2.74 9.07
CA GLY A 257 24.23 -3.64 10.21
C GLY A 257 22.84 -4.19 10.51
N LYS A 258 21.95 -4.10 9.54
CA LYS A 258 20.59 -4.57 9.68
C LYS A 258 20.24 -5.73 8.75
N ARG A 259 19.23 -6.50 9.13
CA ARG A 259 18.74 -7.60 8.30
C ARG A 259 17.53 -6.98 7.59
N PRO A 260 17.08 -7.59 6.49
CA PRO A 260 15.91 -6.96 5.87
C PRO A 260 14.70 -7.34 6.71
N LEU A 261 13.61 -6.57 6.59
CA LEU A 261 12.40 -6.92 7.32
C LEU A 261 11.66 -7.87 6.38
N ARG A 262 11.53 -9.12 6.82
CA ARG A 262 10.88 -10.19 6.05
C ARG A 262 9.69 -10.74 6.86
N SER A 263 8.49 -10.58 6.31
CA SER A 263 7.25 -11.01 6.96
C SER A 263 6.84 -12.44 6.61
N SER A 264 7.79 -13.36 6.63
CA SER A 264 7.52 -14.75 6.29
C SER A 264 6.23 -15.31 6.88
N GLY A 265 6.08 -15.18 8.20
CA GLY A 265 4.91 -15.69 8.90
C GLY A 265 3.57 -15.18 8.44
N VAL A 266 3.46 -13.87 8.18
CA VAL A 266 2.20 -13.32 7.72
C VAL A 266 1.93 -13.67 6.26
N ALA A 267 2.96 -13.65 5.43
CA ALA A 267 2.80 -14.00 4.02
C ALA A 267 2.19 -15.40 3.97
N LEU A 268 2.76 -16.32 4.74
CA LEU A 268 2.26 -17.69 4.78
C LEU A 268 0.86 -17.75 5.36
N SER A 269 0.58 -16.97 6.39
CA SER A 269 -0.76 -17.00 6.96
C SER A 269 -1.77 -16.48 5.93
N ILE A 270 -1.34 -15.54 5.10
CA ILE A 270 -2.21 -14.98 4.06
C ILE A 270 -2.45 -15.99 2.93
N ALA A 271 -1.45 -16.81 2.65
CA ALA A 271 -1.56 -17.83 1.60
C ALA A 271 -2.55 -18.90 2.03
N VAL A 272 -2.40 -19.36 3.27
CA VAL A 272 -3.28 -20.37 3.83
C VAL A 272 -4.71 -19.83 3.85
N GLY A 273 -4.87 -18.63 4.40
CA GLY A 273 -6.18 -18.01 4.46
C GLY A 273 -6.86 -17.90 3.11
N LEU A 274 -6.12 -17.41 2.12
CA LEU A 274 -6.64 -17.25 0.76
C LEU A 274 -7.25 -18.56 0.24
N LEU A 275 -6.49 -19.64 0.34
CA LEU A 275 -6.99 -20.92 -0.13
C LEU A 275 -8.13 -21.42 0.74
N GLU A 276 -8.00 -21.21 2.05
CA GLU A 276 -9.00 -21.66 3.01
C GLU A 276 -10.40 -21.12 2.72
N CYS A 277 -10.46 -19.90 2.20
CA CYS A 277 -11.75 -19.30 1.91
C CYS A 277 -12.12 -19.34 0.43
N THR A 278 -11.25 -19.91 -0.40
CA THR A 278 -11.54 -19.99 -1.82
C THR A 278 -11.77 -21.43 -2.27
N PHE A 279 -10.85 -22.32 -1.92
CA PHE A 279 -10.99 -23.72 -2.30
C PHE A 279 -10.65 -24.66 -1.16
N PRO A 280 -11.49 -24.72 -0.13
CA PRO A 280 -11.22 -25.62 1.00
C PRO A 280 -11.51 -27.06 0.62
N ASN A 281 -10.75 -27.99 1.19
CA ASN A 281 -10.93 -29.43 0.93
C ASN A 281 -10.74 -29.85 -0.53
N THR A 282 -9.59 -29.51 -1.10
CA THR A 282 -9.25 -29.86 -2.47
C THR A 282 -7.76 -29.73 -2.63
N GLY A 283 -7.18 -30.56 -3.48
CA GLY A 283 -5.76 -30.52 -3.70
C GLY A 283 -5.25 -29.14 -4.06
N ALA A 284 -4.33 -28.63 -3.26
CA ALA A 284 -3.74 -27.32 -3.51
C ALA A 284 -2.33 -27.35 -2.96
N ARG A 285 -1.41 -26.69 -3.66
CA ARG A 285 -0.04 -26.69 -3.21
C ARG A 285 0.51 -25.29 -2.91
N ILE A 286 0.75 -25.01 -1.63
CA ILE A 286 1.32 -23.73 -1.24
C ILE A 286 2.83 -23.91 -1.20
N MET A 287 3.50 -23.35 -2.21
CA MET A 287 4.95 -23.45 -2.33
C MET A 287 5.61 -22.13 -1.92
N MET A 288 6.24 -22.12 -0.75
CA MET A 288 6.88 -20.92 -0.24
C MET A 288 8.40 -20.91 -0.46
N PHE A 289 8.91 -19.88 -1.13
CA PHE A 289 10.34 -19.79 -1.39
C PHE A 289 10.94 -18.76 -0.48
N ILE A 290 11.86 -19.20 0.37
CA ILE A 290 12.51 -18.36 1.34
C ILE A 290 13.99 -18.05 1.04
N GLY A 291 14.42 -16.83 1.37
CA GLY A 291 15.79 -16.42 1.16
C GLY A 291 16.45 -15.97 2.46
N GLY A 292 15.71 -16.11 3.55
CA GLY A 292 16.22 -15.69 4.84
C GLY A 292 15.17 -15.93 5.91
N PRO A 293 15.53 -15.70 7.18
CA PRO A 293 14.58 -15.91 8.28
C PRO A 293 13.53 -14.82 8.43
N ALA A 294 12.43 -15.18 9.09
CA ALA A 294 11.35 -14.21 9.34
C ALA A 294 11.87 -13.31 10.46
N THR A 295 11.88 -12.01 10.19
CA THR A 295 12.39 -11.04 11.16
C THR A 295 11.34 -10.08 11.68
N GLN A 296 10.09 -10.27 11.29
CA GLN A 296 9.03 -9.39 11.74
C GLN A 296 7.73 -10.17 11.96
N GLY A 297 7.80 -11.18 12.83
CA GLY A 297 6.66 -12.04 13.16
C GLY A 297 5.30 -11.37 13.26
N PRO A 298 4.21 -12.12 13.52
CA PRO A 298 4.05 -13.56 13.76
C PRO A 298 4.86 -14.49 12.87
N GLY A 299 5.66 -15.35 13.50
CA GLY A 299 6.50 -16.29 12.78
C GLY A 299 7.94 -15.85 12.82
N MET A 300 8.17 -14.71 13.46
CA MET A 300 9.51 -14.13 13.59
C MET A 300 10.49 -15.13 14.21
N VAL A 301 11.67 -15.24 13.63
CA VAL A 301 12.71 -16.17 14.07
C VAL A 301 13.97 -15.50 14.63
N VAL A 302 14.16 -14.21 14.33
CA VAL A 302 15.31 -13.46 14.81
C VAL A 302 15.03 -11.96 14.61
N GLY A 303 15.92 -11.10 15.12
CA GLY A 303 15.73 -9.68 14.97
C GLY A 303 16.57 -9.13 13.83
N ASP A 304 16.28 -7.90 13.42
CA ASP A 304 17.02 -7.28 12.32
C ASP A 304 18.45 -6.81 12.64
N GLU A 305 18.88 -6.99 13.88
CA GLU A 305 20.23 -6.59 14.27
C GLU A 305 21.24 -7.66 13.92
N LEU A 306 22.00 -7.44 12.84
CA LEU A 306 23.00 -8.40 12.41
C LEU A 306 23.94 -8.76 13.56
N LYS A 307 24.14 -7.82 14.47
CA LYS A 307 25.01 -8.03 15.62
C LYS A 307 24.66 -9.38 16.24
N THR A 308 23.37 -9.60 16.48
CA THR A 308 22.91 -10.85 17.08
C THR A 308 22.70 -11.99 16.08
N PRO A 309 23.30 -13.15 16.35
CA PRO A 309 23.19 -14.33 15.50
C PRO A 309 21.87 -15.10 15.59
N ILE A 310 21.60 -15.94 14.60
CA ILE A 310 20.40 -16.77 14.60
C ILE A 310 20.65 -17.90 15.61
N ARG A 311 19.65 -18.25 16.41
CA ARG A 311 19.83 -19.29 17.39
C ARG A 311 20.53 -20.53 16.86
N SER A 312 21.31 -21.15 17.73
CA SER A 312 22.04 -22.37 17.43
C SER A 312 21.47 -23.34 18.45
N TRP A 313 21.77 -24.64 18.32
CA TRP A 313 21.25 -25.59 19.31
C TRP A 313 21.76 -25.23 20.71
N HIS A 314 23.01 -24.79 20.80
CA HIS A 314 23.58 -24.39 22.10
C HIS A 314 22.70 -23.31 22.67
N ASP A 315 22.44 -22.29 21.85
CA ASP A 315 21.60 -21.17 22.25
C ASP A 315 20.25 -21.64 22.76
N ILE A 316 19.68 -22.64 22.09
CA ILE A 316 18.37 -23.17 22.46
C ILE A 316 18.39 -23.91 23.80
N ASP A 317 19.53 -24.55 24.10
CA ASP A 317 19.65 -25.31 25.34
C ASP A 317 19.92 -24.41 26.54
N LYS A 318 20.60 -23.30 26.31
CA LYS A 318 20.91 -22.38 27.39
C LYS A 318 19.84 -21.28 27.49
N ASP A 319 18.64 -21.61 27.02
CA ASP A 319 17.52 -20.66 27.07
C ASP A 319 17.91 -19.27 26.59
N ASN A 320 18.56 -19.21 25.43
CA ASN A 320 18.99 -17.95 24.84
C ASN A 320 18.43 -17.87 23.41
N ALA A 321 17.11 -18.01 23.29
CA ALA A 321 16.43 -17.96 21.99
C ALA A 321 14.98 -17.53 22.18
N LYS A 322 14.79 -16.24 22.44
CA LYS A 322 13.47 -15.67 22.70
C LYS A 322 12.37 -15.85 21.66
N TYR A 323 12.73 -16.14 20.42
CA TYR A 323 11.73 -16.27 19.37
C TYR A 323 11.23 -17.68 19.08
N VAL A 324 12.12 -18.65 19.22
CA VAL A 324 11.81 -20.05 18.94
C VAL A 324 10.40 -20.54 19.28
N LYS A 325 10.08 -20.63 20.56
CA LYS A 325 8.77 -21.11 20.96
C LYS A 325 7.58 -20.33 20.41
N LYS A 326 7.66 -19.01 20.41
CA LYS A 326 6.56 -18.21 19.92
C LYS A 326 6.39 -18.37 18.42
N GLY A 327 7.51 -18.32 17.69
CA GLY A 327 7.47 -18.47 16.25
C GLY A 327 7.02 -19.86 15.87
N THR A 328 7.51 -20.86 16.61
CA THR A 328 7.15 -22.24 16.34
C THR A 328 5.65 -22.42 16.43
N LYS A 329 5.08 -21.86 17.49
CA LYS A 329 3.66 -21.94 17.71
C LYS A 329 2.88 -21.39 16.51
N HIS A 330 3.40 -20.32 15.91
CA HIS A 330 2.73 -19.69 14.77
C HIS A 330 2.61 -20.58 13.53
N PHE A 331 3.70 -21.25 13.17
CA PHE A 331 3.64 -22.11 11.99
C PHE A 331 2.90 -23.42 12.26
N GLU A 332 2.82 -23.80 13.53
CA GLU A 332 2.12 -25.02 13.93
C GLU A 332 0.62 -24.81 13.77
N ALA A 333 0.14 -23.63 14.11
CA ALA A 333 -1.28 -23.36 13.95
C ALA A 333 -1.58 -23.35 12.45
N LEU A 334 -0.71 -22.69 11.68
CA LEU A 334 -0.87 -22.63 10.22
C LEU A 334 -0.84 -24.04 9.67
N ALA A 335 0.15 -24.82 10.09
CA ALA A 335 0.23 -26.19 9.62
C ALA A 335 -1.12 -26.88 9.87
N ASN A 336 -1.65 -26.82 11.09
CA ASN A 336 -2.93 -27.45 11.37
C ASN A 336 -4.07 -26.84 10.56
N ARG A 337 -4.01 -25.54 10.32
CA ARG A 337 -5.06 -24.90 9.53
C ARG A 337 -5.10 -25.50 8.13
N ALA A 338 -3.97 -25.48 7.44
CA ALA A 338 -3.88 -26.02 6.09
C ALA A 338 -4.09 -27.54 6.02
N ALA A 339 -3.49 -28.28 6.94
CA ALA A 339 -3.62 -29.72 6.94
C ALA A 339 -5.07 -30.15 7.10
N THR A 340 -5.86 -29.36 7.82
CA THR A 340 -7.27 -29.68 8.05
C THR A 340 -8.07 -29.43 6.79
N THR A 341 -7.73 -28.33 6.10
CA THR A 341 -8.41 -27.95 4.88
C THR A 341 -7.99 -28.86 3.72
N GLY A 342 -6.90 -29.60 3.89
CA GLY A 342 -6.42 -30.51 2.85
C GLY A 342 -5.47 -29.87 1.86
N HIS A 343 -4.68 -28.91 2.33
CA HIS A 343 -3.74 -28.18 1.50
C HIS A 343 -2.30 -28.48 1.89
N VAL A 344 -1.43 -28.62 0.90
CA VAL A 344 -0.02 -28.92 1.16
C VAL A 344 0.85 -27.68 1.19
N ILE A 345 1.84 -27.68 2.07
CA ILE A 345 2.76 -26.56 2.20
C ILE A 345 4.21 -26.97 1.95
N ASP A 346 4.81 -26.46 0.88
CA ASP A 346 6.22 -26.76 0.61
C ASP A 346 7.00 -25.53 1.06
N ILE A 347 8.19 -25.76 1.58
CA ILE A 347 9.06 -24.68 2.00
C ILE A 347 10.37 -24.85 1.25
N TYR A 348 10.75 -23.89 0.43
CA TYR A 348 12.02 -23.98 -0.27
C TYR A 348 12.91 -22.85 0.24
N ALA A 349 13.88 -23.21 1.08
CA ALA A 349 14.78 -22.23 1.68
C ALA A 349 16.22 -22.29 1.19
N CYS A 350 16.72 -21.16 0.70
CA CYS A 350 18.10 -21.06 0.23
C CYS A 350 18.78 -19.80 0.76
N ALA A 351 19.90 -19.98 1.45
CA ALA A 351 20.63 -18.87 2.05
C ALA A 351 21.84 -19.42 2.81
N LEU A 352 22.84 -18.58 3.05
CA LEU A 352 24.03 -19.03 3.76
C LEU A 352 23.66 -19.18 5.24
N ASP A 353 23.14 -18.12 5.84
CA ASP A 353 22.74 -18.18 7.24
C ASP A 353 21.50 -19.07 7.31
N GLN A 354 20.98 -19.32 8.51
CA GLN A 354 19.79 -20.17 8.64
C GLN A 354 18.53 -19.47 8.15
N THR A 355 17.43 -20.22 8.10
CA THR A 355 16.17 -19.69 7.59
C THR A 355 14.99 -19.69 8.56
N GLY A 356 14.98 -20.62 9.50
CA GLY A 356 13.88 -20.71 10.43
C GLY A 356 13.13 -22.00 10.18
N LEU A 357 13.80 -22.94 9.51
CA LEU A 357 13.16 -24.23 9.24
C LEU A 357 12.68 -24.90 10.52
N LEU A 358 13.47 -24.79 11.58
CA LEU A 358 13.06 -25.37 12.85
C LEU A 358 11.67 -24.91 13.28
N GLU A 359 11.38 -23.63 13.10
CA GLU A 359 10.08 -23.08 13.50
C GLU A 359 8.95 -23.36 12.51
N MET A 360 9.30 -23.60 11.25
CA MET A 360 8.31 -23.84 10.22
C MET A 360 8.08 -25.31 9.84
N LYS A 361 9.03 -26.18 10.20
CA LYS A 361 8.95 -27.60 9.85
C LYS A 361 7.58 -28.27 9.86
N CYS A 362 6.74 -27.96 10.84
CA CYS A 362 5.42 -28.58 10.90
C CYS A 362 4.60 -28.38 9.63
N CYS A 363 4.70 -27.21 9.00
CA CYS A 363 3.94 -26.97 7.77
C CYS A 363 4.18 -28.05 6.73
N PRO A 364 5.44 -28.26 6.33
CA PRO A 364 5.57 -29.33 5.34
C PRO A 364 5.40 -30.70 5.99
N ASN A 365 5.70 -30.80 7.29
CA ASN A 365 5.60 -32.08 7.99
C ASN A 365 4.19 -32.62 8.20
N LEU A 366 3.28 -31.81 8.70
CA LEU A 366 1.92 -32.29 8.90
C LEU A 366 1.27 -32.54 7.56
N THR A 367 1.32 -31.53 6.69
CA THR A 367 0.80 -31.66 5.33
C THR A 367 1.90 -32.51 4.72
N GLY A 368 1.71 -33.05 3.53
CA GLY A 368 2.80 -33.84 2.97
C GLY A 368 3.71 -32.97 2.11
N GLY A 369 3.92 -31.74 2.54
CA GLY A 369 4.76 -30.81 1.79
C GLY A 369 6.23 -31.12 1.76
N TYR A 370 6.93 -30.50 0.81
CA TYR A 370 8.35 -30.72 0.62
C TYR A 370 9.20 -29.71 1.40
N MET A 371 10.39 -30.15 1.78
CA MET A 371 11.31 -29.28 2.49
C MET A 371 12.64 -29.36 1.73
N VAL A 372 13.04 -28.27 1.10
CA VAL A 372 14.27 -28.20 0.33
C VAL A 372 15.17 -27.15 0.97
N MET A 373 16.42 -27.51 1.20
CA MET A 373 17.37 -26.59 1.82
C MET A 373 18.70 -26.48 1.03
N GLY A 374 19.13 -25.25 0.75
CA GLY A 374 20.35 -25.06 0.01
C GLY A 374 21.07 -23.77 0.36
N ASP A 375 22.18 -23.51 -0.32
CA ASP A 375 22.95 -22.28 -0.08
C ASP A 375 22.42 -21.12 -0.90
N SER A 376 22.01 -21.40 -2.12
CA SER A 376 21.53 -20.35 -3.03
C SER A 376 20.59 -20.91 -4.09
N PHE A 377 19.58 -20.12 -4.47
CA PHE A 377 18.67 -20.59 -5.51
C PHE A 377 19.40 -20.64 -6.85
N ASN A 378 20.51 -19.90 -6.94
CA ASN A 378 21.27 -19.86 -8.19
C ASN A 378 22.29 -20.99 -8.31
N THR A 379 21.85 -22.21 -8.03
CA THR A 379 22.70 -23.38 -8.07
C THR A 379 22.00 -24.58 -8.70
N SER A 380 22.76 -25.46 -9.31
CA SER A 380 22.16 -26.65 -9.91
C SER A 380 21.45 -27.41 -8.80
N LEU A 381 22.06 -27.44 -7.62
CA LEU A 381 21.48 -28.14 -6.49
C LEU A 381 20.01 -27.80 -6.35
N PHE A 382 19.72 -26.52 -6.19
CA PHE A 382 18.34 -26.09 -6.06
C PHE A 382 17.57 -26.24 -7.37
N LYS A 383 18.08 -25.64 -8.44
CA LYS A 383 17.38 -25.70 -9.72
C LYS A 383 16.92 -27.11 -10.07
N GLN A 384 17.83 -28.07 -10.02
CA GLN A 384 17.46 -29.43 -10.36
C GLN A 384 16.50 -30.05 -9.38
N THR A 385 16.69 -29.79 -8.09
CA THR A 385 15.80 -30.35 -7.08
C THR A 385 14.41 -29.80 -7.29
N PHE A 386 14.32 -28.54 -7.69
CA PHE A 386 13.02 -27.94 -7.90
C PHE A 386 12.24 -28.54 -9.08
N GLN A 387 12.89 -28.80 -10.21
CA GLN A 387 12.12 -29.36 -11.31
C GLN A 387 11.78 -30.84 -11.13
N ARG A 388 12.52 -31.53 -10.26
CA ARG A 388 12.23 -32.93 -10.03
C ARG A 388 10.86 -33.00 -9.38
N VAL A 389 10.52 -31.97 -8.62
CA VAL A 389 9.24 -31.85 -7.95
C VAL A 389 8.09 -32.07 -8.92
N PHE A 390 8.30 -31.67 -10.18
CA PHE A 390 7.25 -31.83 -11.17
C PHE A 390 7.44 -33.02 -12.09
N THR A 391 8.27 -33.95 -11.65
CA THR A 391 8.53 -35.15 -12.43
C THR A 391 7.20 -35.84 -12.77
N LYS A 392 7.10 -36.34 -14.00
CA LYS A 392 5.89 -37.01 -14.46
C LYS A 392 6.11 -38.50 -14.68
N ASP A 393 5.01 -39.23 -14.94
CA ASP A 393 5.06 -40.66 -15.20
C ASP A 393 4.73 -40.97 -16.66
N MET A 394 4.66 -42.25 -16.98
CA MET A 394 4.38 -42.69 -18.34
C MET A 394 3.13 -42.07 -18.98
N HIS A 395 2.51 -41.13 -18.29
CA HIS A 395 1.32 -40.47 -18.82
C HIS A 395 1.43 -38.95 -18.75
N GLY A 396 2.65 -38.48 -18.54
CA GLY A 396 2.86 -37.05 -18.46
C GLY A 396 2.07 -36.46 -17.31
N GLN A 397 1.89 -37.25 -16.26
CA GLN A 397 1.15 -36.76 -15.10
C GLN A 397 1.98 -36.75 -13.81
N PHE A 398 1.88 -35.63 -13.11
CA PHE A 398 2.61 -35.42 -11.86
C PHE A 398 2.57 -36.58 -10.89
N LYS A 399 3.72 -36.87 -10.30
CA LYS A 399 3.85 -37.94 -9.33
C LYS A 399 3.48 -37.40 -7.95
N MET A 400 2.31 -36.77 -7.85
CA MET A 400 1.86 -36.22 -6.59
C MET A 400 0.37 -36.47 -6.40
N GLY A 401 -0.02 -36.71 -5.16
CA GLY A 401 -1.41 -36.94 -4.84
C GLY A 401 -1.80 -35.91 -3.80
N PHE A 402 -3.09 -35.58 -3.71
CA PHE A 402 -3.53 -34.59 -2.75
C PHE A 402 -4.71 -35.06 -1.94
N GLY A 403 -4.81 -34.57 -0.71
CA GLY A 403 -5.92 -34.94 0.15
C GLY A 403 -6.06 -36.43 0.42
N GLY A 404 -4.94 -37.07 0.76
CA GLY A 404 -4.96 -38.50 1.03
C GLY A 404 -5.59 -38.90 2.34
N THR A 405 -6.58 -39.78 2.27
CA THR A 405 -7.24 -40.27 3.48
C THR A 405 -6.92 -41.75 3.64
N LEU A 406 -6.10 -42.03 4.65
CA LEU A 406 -5.71 -43.39 4.96
C LEU A 406 -6.61 -43.99 6.02
N GLU A 407 -7.15 -45.17 5.75
CA GLU A 407 -8.01 -45.85 6.71
C GLU A 407 -7.56 -47.30 6.81
N ILE A 408 -7.42 -47.80 8.03
CA ILE A 408 -6.96 -49.17 8.23
C ILE A 408 -7.97 -50.09 8.91
N LYS A 409 -8.20 -51.25 8.29
CA LYS A 409 -9.10 -52.28 8.79
C LYS A 409 -8.25 -53.42 9.34
N THR A 410 -8.53 -53.85 10.56
CA THR A 410 -7.75 -54.93 11.15
C THR A 410 -8.67 -56.02 11.69
N SER A 411 -8.13 -57.23 11.80
CA SER A 411 -8.88 -58.36 12.33
C SER A 411 -9.29 -57.92 13.73
N ARG A 412 -10.23 -58.62 14.35
CA ARG A 412 -10.66 -58.24 15.69
C ARG A 412 -9.52 -58.35 16.69
N GLU A 413 -8.62 -59.31 16.48
CA GLU A 413 -7.49 -59.52 17.39
C GLU A 413 -6.43 -58.43 17.31
N ILE A 414 -6.57 -57.50 16.37
CA ILE A 414 -5.56 -56.46 16.24
C ILE A 414 -6.06 -55.04 16.45
N LYS A 415 -5.18 -54.22 17.01
CA LYS A 415 -5.48 -52.82 17.27
C LYS A 415 -4.32 -51.93 16.82
N ILE A 416 -4.64 -50.67 16.57
CA ILE A 416 -3.63 -49.72 16.11
C ILE A 416 -3.19 -48.78 17.22
N SER A 417 -1.89 -48.72 17.45
CA SER A 417 -1.32 -47.86 18.47
C SER A 417 -1.15 -46.47 17.88
N GLY A 418 -0.62 -46.41 16.66
CA GLY A 418 -0.41 -45.12 16.01
C GLY A 418 0.53 -45.12 14.82
N ALA A 419 0.58 -43.99 14.13
CA ALA A 419 1.42 -43.82 12.96
C ALA A 419 2.44 -42.70 13.09
N ILE A 420 3.54 -42.82 12.34
CA ILE A 420 4.57 -41.80 12.34
C ILE A 420 4.94 -41.51 10.90
N GLY A 421 4.92 -40.23 10.55
CA GLY A 421 5.23 -39.81 9.20
C GLY A 421 4.34 -38.65 8.82
N PRO A 422 4.44 -38.17 7.57
CA PRO A 422 3.63 -37.04 7.10
C PRO A 422 2.14 -37.37 7.06
N CYS A 423 1.41 -36.89 8.07
CA CYS A 423 -0.02 -37.16 8.14
C CYS A 423 -0.66 -36.54 9.38
N VAL A 424 -1.98 -36.52 9.39
CA VAL A 424 -2.75 -35.97 10.49
C VAL A 424 -3.93 -36.86 10.85
N SER A 425 -4.23 -36.93 12.15
CA SER A 425 -5.33 -37.74 12.63
C SER A 425 -6.68 -37.11 12.31
N LEU A 426 -7.64 -37.95 11.92
CA LEU A 426 -8.99 -37.51 11.62
C LEU A 426 -9.82 -37.83 12.87
N ASN A 427 -9.09 -38.03 13.97
CA ASN A 427 -9.67 -38.33 15.28
C ASN A 427 -10.91 -39.22 15.25
N SER A 428 -10.85 -40.30 14.46
CA SER A 428 -11.97 -41.23 14.35
C SER A 428 -11.91 -42.26 15.48
N LYS A 429 -13.06 -42.81 15.84
CA LYS A 429 -13.10 -43.79 16.91
C LYS A 429 -13.72 -45.12 16.50
N GLY A 430 -13.14 -46.21 16.99
CA GLY A 430 -13.62 -47.54 16.67
C GLY A 430 -12.87 -48.58 17.48
N PRO A 431 -13.28 -49.86 17.42
CA PRO A 431 -12.61 -50.93 18.16
C PRO A 431 -11.20 -51.29 17.64
N CYS A 432 -10.77 -50.64 16.55
CA CYS A 432 -9.45 -50.87 15.98
C CYS A 432 -8.42 -50.04 16.72
N VAL A 433 -8.86 -48.93 17.28
CA VAL A 433 -7.99 -48.02 18.03
C VAL A 433 -7.52 -48.66 19.33
N SER A 434 -6.22 -48.57 19.58
CA SER A 434 -5.63 -49.12 20.80
C SER A 434 -5.45 -48.03 21.86
N GLU A 435 -5.22 -48.47 23.09
CA GLU A 435 -5.03 -47.57 24.21
C GLU A 435 -3.66 -46.89 24.19
N ASN A 436 -2.64 -47.67 23.85
CA ASN A 436 -1.28 -47.15 23.76
C ASN A 436 -1.14 -46.39 22.45
N GLU A 437 -1.18 -45.06 22.51
CA GLU A 437 -1.05 -44.26 21.30
C GLU A 437 0.40 -43.91 21.01
N ILE A 438 0.81 -44.11 19.76
CA ILE A 438 2.17 -43.80 19.34
C ILE A 438 2.10 -42.80 18.18
N GLY A 439 2.97 -41.80 18.22
CA GLY A 439 2.97 -40.80 17.17
C GLY A 439 1.57 -40.26 17.01
N THR A 440 1.06 -40.23 15.77
CA THR A 440 -0.29 -39.74 15.50
C THR A 440 -1.20 -40.96 15.52
N GLY A 441 -1.71 -41.31 16.69
CA GLY A 441 -2.57 -42.47 16.79
C GLY A 441 -3.92 -42.27 17.46
N GLY A 442 -4.47 -43.37 17.95
CA GLY A 442 -5.76 -43.32 18.59
C GLY A 442 -6.86 -43.13 17.56
N THR A 443 -6.53 -43.44 16.31
CA THR A 443 -7.47 -43.29 15.20
C THR A 443 -7.37 -44.43 14.18
N CYS A 444 -8.32 -44.46 13.25
CA CYS A 444 -8.35 -45.47 12.18
C CYS A 444 -8.25 -44.80 10.82
N GLN A 445 -8.25 -43.47 10.83
CA GLN A 445 -8.15 -42.66 9.62
C GLN A 445 -7.14 -41.54 9.81
N TRP A 446 -6.34 -41.31 8.78
CA TRP A 446 -5.34 -40.26 8.82
C TRP A 446 -5.39 -39.51 7.52
N LYS A 447 -5.26 -38.19 7.58
CA LYS A 447 -5.24 -37.43 6.35
C LYS A 447 -3.78 -37.30 5.98
N ILE A 448 -3.51 -37.13 4.69
CA ILE A 448 -2.14 -36.95 4.20
C ILE A 448 -2.28 -36.00 3.02
N CYS A 449 -2.45 -34.72 3.33
CA CYS A 449 -2.62 -33.70 2.30
C CYS A 449 -1.75 -33.90 1.07
N GLY A 450 -0.50 -34.32 1.27
CA GLY A 450 0.37 -34.51 0.14
C GLY A 450 1.10 -35.83 0.13
N LEU A 451 1.03 -36.55 -0.99
CA LEU A 451 1.73 -37.81 -1.07
C LEU A 451 2.28 -38.10 -2.45
N SER A 452 3.35 -38.90 -2.46
CA SER A 452 4.06 -39.30 -3.66
C SER A 452 4.28 -40.81 -3.63
N PRO A 453 4.76 -41.38 -4.74
CA PRO A 453 5.00 -42.82 -4.77
C PRO A 453 6.05 -43.23 -3.74
N THR A 454 6.56 -42.24 -3.02
CA THR A 454 7.61 -42.45 -2.03
C THR A 454 7.19 -42.37 -0.57
N THR A 455 6.17 -41.56 -0.29
CA THR A 455 5.73 -41.40 1.08
C THR A 455 5.66 -42.73 1.80
N THR A 456 6.31 -42.79 2.95
CA THR A 456 6.31 -44.01 3.72
C THR A 456 5.92 -43.76 5.15
N LEU A 457 4.74 -44.23 5.52
CA LEU A 457 4.22 -44.11 6.88
C LEU A 457 4.69 -45.30 7.72
N ALA A 458 4.60 -45.15 9.03
CA ALA A 458 4.97 -46.22 9.93
C ALA A 458 3.73 -46.48 10.75
N ILE A 459 3.24 -47.70 10.76
CA ILE A 459 2.03 -48.01 11.52
C ILE A 459 2.31 -49.00 12.65
N TYR A 460 2.04 -48.56 13.87
CA TYR A 460 2.27 -49.43 15.02
C TYR A 460 1.00 -50.19 15.47
N PHE A 461 1.11 -51.50 15.48
CA PHE A 461 -0.01 -52.33 15.87
C PHE A 461 0.24 -52.98 17.22
N GLU A 462 -0.83 -53.53 17.77
CA GLU A 462 -0.78 -54.21 19.05
C GLU A 462 -1.75 -55.38 19.01
N VAL A 463 -1.33 -56.53 19.52
CA VAL A 463 -2.22 -57.69 19.54
C VAL A 463 -3.00 -57.71 20.84
N VAL A 464 -4.30 -57.48 20.73
CA VAL A 464 -5.19 -57.45 21.88
C VAL A 464 -6.14 -58.64 21.78
N GLY A 474 -5.03 -72.59 13.13
CA GLY A 474 -5.43 -72.04 11.84
C GLY A 474 -4.45 -70.98 11.37
N GLY A 475 -4.41 -69.87 12.10
CA GLY A 475 -3.50 -68.78 11.75
C GLY A 475 -4.02 -67.74 10.78
N ARG A 476 -3.18 -66.75 10.51
CA ARG A 476 -3.47 -65.64 9.57
C ARG A 476 -4.22 -64.42 10.11
N GLY A 477 -3.47 -63.36 10.35
CA GLY A 477 -4.06 -62.11 10.82
C GLY A 477 -4.18 -61.24 9.58
N ALA A 478 -5.13 -60.30 9.57
CA ALA A 478 -5.31 -59.46 8.39
C ALA A 478 -5.35 -57.96 8.65
N ILE A 479 -4.87 -57.20 7.68
CA ILE A 479 -4.86 -55.74 7.75
C ILE A 479 -5.15 -55.22 6.34
N GLN A 480 -6.04 -54.24 6.24
CA GLN A 480 -6.37 -53.64 4.94
C GLN A 480 -6.08 -52.16 4.99
N PHE A 481 -5.25 -51.67 4.07
CA PHE A 481 -4.93 -50.24 4.02
C PHE A 481 -5.74 -49.65 2.89
N VAL A 482 -6.65 -48.73 3.24
CA VAL A 482 -7.51 -48.09 2.25
C VAL A 482 -7.09 -46.64 2.10
N THR A 483 -6.59 -46.28 0.92
CA THR A 483 -6.15 -44.92 0.70
C THR A 483 -6.89 -44.22 -0.43
N GLN A 484 -7.63 -43.17 -0.08
CA GLN A 484 -8.37 -42.38 -1.05
C GLN A 484 -7.63 -41.07 -1.24
N TYR A 485 -7.48 -40.64 -2.49
CA TYR A 485 -6.77 -39.39 -2.77
C TYR A 485 -7.10 -38.78 -4.12
N GLN A 486 -6.71 -37.52 -4.29
CA GLN A 486 -6.94 -36.80 -5.54
C GLN A 486 -5.72 -37.00 -6.41
N HIS A 487 -5.93 -37.59 -7.58
CA HIS A 487 -4.85 -37.84 -8.50
C HIS A 487 -4.48 -36.56 -9.22
N SER A 488 -3.29 -36.54 -9.82
CA SER A 488 -2.80 -35.37 -10.57
C SER A 488 -3.76 -35.05 -11.71
N SER A 489 -4.31 -36.12 -12.28
CA SER A 489 -5.26 -36.04 -13.38
C SER A 489 -6.54 -35.39 -12.88
N GLY A 490 -6.72 -35.41 -11.56
CA GLY A 490 -7.90 -34.83 -10.98
C GLY A 490 -8.84 -35.94 -10.54
N GLN A 491 -8.63 -37.15 -11.05
CA GLN A 491 -9.48 -38.28 -10.70
C GLN A 491 -9.40 -38.64 -9.21
N ARG A 492 -10.52 -39.09 -8.66
CA ARG A 492 -10.53 -39.51 -7.27
C ARG A 492 -10.16 -40.98 -7.31
N ARG A 493 -9.17 -41.37 -6.51
CA ARG A 493 -8.73 -42.75 -6.51
C ARG A 493 -8.72 -43.41 -5.15
N ILE A 494 -8.80 -44.73 -5.15
CA ILE A 494 -8.76 -45.50 -3.92
C ILE A 494 -7.76 -46.65 -4.04
N ARG A 495 -6.63 -46.54 -3.34
CA ARG A 495 -5.64 -47.61 -3.37
C ARG A 495 -6.04 -48.56 -2.26
N VAL A 496 -5.95 -49.85 -2.53
CA VAL A 496 -6.33 -50.85 -1.54
C VAL A 496 -5.25 -51.91 -1.40
N THR A 497 -4.80 -52.13 -0.17
CA THR A 497 -3.79 -53.14 0.08
C THR A 497 -4.18 -54.00 1.27
N THR A 498 -4.35 -55.29 1.00
CA THR A 498 -4.72 -56.26 2.01
C THR A 498 -3.60 -57.27 2.19
N ILE A 499 -2.90 -57.20 3.32
CA ILE A 499 -1.84 -58.16 3.60
C ILE A 499 -2.35 -59.15 4.63
N ALA A 500 -1.63 -60.26 4.78
CA ALA A 500 -2.00 -61.29 5.76
C ALA A 500 -0.74 -61.98 6.27
N ARG A 501 -0.68 -62.22 7.58
CA ARG A 501 0.48 -62.85 8.18
C ARG A 501 0.06 -63.99 9.10
N ASN A 502 0.90 -65.01 9.22
CA ASN A 502 0.55 -66.16 10.06
C ASN A 502 0.60 -65.94 11.56
N TRP A 503 -0.43 -66.44 12.23
CA TRP A 503 -0.51 -66.38 13.68
C TRP A 503 0.50 -67.43 14.14
N ALA A 504 1.35 -67.07 15.10
CA ALA A 504 2.36 -68.02 15.57
C ALA A 504 1.77 -69.30 16.15
N ASP A 505 2.33 -70.44 15.73
CA ASP A 505 1.88 -71.75 16.22
C ASP A 505 2.25 -71.89 17.69
N ALA A 506 1.23 -72.08 18.53
CA ALA A 506 1.40 -72.20 19.97
C ALA A 506 2.47 -73.21 20.40
N GLN A 507 2.66 -74.26 19.61
CA GLN A 507 3.65 -75.27 19.96
C GLN A 507 5.04 -74.96 19.44
N THR A 508 5.33 -73.67 19.26
CA THR A 508 6.63 -73.21 18.77
C THR A 508 6.69 -71.68 18.72
N GLN A 509 5.64 -71.04 19.22
CA GLN A 509 5.51 -69.58 19.21
C GLN A 509 6.74 -68.70 19.00
N ILE A 510 7.67 -68.71 19.95
CA ILE A 510 8.85 -67.84 19.85
C ILE A 510 9.81 -68.20 18.71
N GLN A 511 9.90 -69.47 18.38
CA GLN A 511 10.79 -69.92 17.30
C GLN A 511 10.28 -69.46 15.94
N ASN A 512 8.97 -69.56 15.74
CA ASN A 512 8.35 -69.16 14.48
C ASN A 512 8.46 -67.65 14.33
N ILE A 513 8.28 -66.95 15.44
CA ILE A 513 8.34 -65.50 15.47
C ILE A 513 9.75 -64.96 15.21
N ALA A 514 10.75 -65.55 15.85
CA ALA A 514 12.12 -65.09 15.69
C ALA A 514 12.63 -65.28 14.26
N ALA A 515 12.03 -66.21 13.53
CA ALA A 515 12.45 -66.46 12.15
C ALA A 515 11.85 -65.43 11.18
N SER A 516 10.74 -64.82 11.59
CA SER A 516 10.03 -63.83 10.79
C SER A 516 10.48 -62.39 10.97
N PHE A 517 11.51 -62.18 11.78
CA PHE A 517 12.04 -60.84 12.05
C PHE A 517 12.66 -60.17 10.82
N ASP A 518 12.35 -58.90 10.62
CA ASP A 518 12.89 -58.11 9.52
C ASP A 518 13.78 -57.06 10.19
N GLN A 519 15.03 -57.43 10.48
CA GLN A 519 15.94 -56.52 11.16
C GLN A 519 15.98 -55.10 10.58
N GLU A 520 16.09 -54.96 9.27
CA GLU A 520 16.12 -53.62 8.69
C GLU A 520 14.84 -52.87 9.05
N ALA A 521 13.68 -53.43 8.70
CA ALA A 521 12.42 -52.78 9.00
C ALA A 521 12.29 -52.41 10.47
N ALA A 522 12.72 -53.30 11.36
CA ALA A 522 12.66 -53.03 12.79
C ALA A 522 13.59 -51.86 13.17
N ALA A 523 14.78 -51.82 12.58
CA ALA A 523 15.74 -50.75 12.84
C ALA A 523 15.13 -49.38 12.57
N ILE A 524 14.51 -49.26 11.40
CA ILE A 524 13.88 -48.01 10.98
C ILE A 524 12.63 -47.67 11.76
N LEU A 525 11.84 -48.68 12.10
CA LEU A 525 10.61 -48.44 12.86
C LEU A 525 10.99 -48.03 14.29
N MET A 526 12.07 -48.63 14.82
CA MET A 526 12.56 -48.28 16.15
C MET A 526 13.20 -46.91 16.08
N ALA A 527 13.91 -46.66 14.98
CA ALA A 527 14.59 -45.39 14.77
C ALA A 527 13.54 -44.28 14.65
N ARG A 528 12.46 -44.60 13.96
CA ARG A 528 11.35 -43.68 13.77
C ARG A 528 10.87 -43.20 15.14
N LEU A 529 10.65 -44.15 16.05
CA LEU A 529 10.18 -43.83 17.40
C LEU A 529 11.14 -42.97 18.22
N ALA A 530 12.43 -43.26 18.13
CA ALA A 530 13.41 -42.49 18.87
C ALA A 530 13.43 -41.04 18.40
N ILE A 531 13.43 -40.82 17.09
CA ILE A 531 13.44 -39.46 16.57
C ILE A 531 12.15 -38.76 16.96
N TYR A 532 11.06 -39.52 16.99
CA TYR A 532 9.76 -38.95 17.36
C TYR A 532 9.74 -38.45 18.80
N ARG A 533 10.33 -39.21 19.71
CA ARG A 533 10.35 -38.78 21.10
C ARG A 533 11.36 -37.67 21.34
N ALA A 534 12.37 -37.58 20.49
CA ALA A 534 13.37 -36.55 20.64
C ALA A 534 12.79 -35.22 20.19
N GLU A 535 12.22 -35.21 18.98
CA GLU A 535 11.63 -34.01 18.43
C GLU A 535 10.33 -33.70 19.18
N THR A 536 10.08 -34.47 20.24
CA THR A 536 8.88 -34.33 21.06
C THR A 536 9.27 -34.62 22.51
N GLU A 537 10.54 -34.36 22.83
CA GLU A 537 11.07 -34.62 24.18
C GLU A 537 10.02 -34.41 25.27
N ASP A 541 16.18 -39.72 28.74
CA ASP A 541 17.07 -39.81 27.59
C ASP A 541 16.44 -40.72 26.54
N VAL A 542 16.69 -40.42 25.27
CA VAL A 542 16.16 -41.23 24.19
C VAL A 542 17.12 -42.37 23.90
N LEU A 543 18.42 -42.09 23.96
CA LEU A 543 19.41 -43.12 23.72
C LEU A 543 19.28 -44.23 24.76
N ARG A 544 18.88 -43.87 25.97
CA ARG A 544 18.72 -44.85 27.03
C ARG A 544 17.64 -45.87 26.65
N TRP A 545 16.52 -45.38 26.13
CA TRP A 545 15.42 -46.28 25.72
C TRP A 545 15.86 -47.20 24.58
N LEU A 546 16.56 -46.62 23.62
CA LEU A 546 17.05 -47.36 22.47
C LEU A 546 17.93 -48.52 22.89
N ASP A 547 18.73 -48.28 23.92
CA ASP A 547 19.65 -49.30 24.46
C ASP A 547 18.97 -50.40 25.26
N ARG A 548 18.04 -50.04 26.16
CA ARG A 548 17.35 -51.03 26.97
C ARG A 548 16.62 -52.02 26.09
N GLN A 549 16.18 -51.57 24.92
CA GLN A 549 15.50 -52.45 24.01
C GLN A 549 16.50 -53.29 23.22
N LEU A 550 17.60 -52.68 22.77
CA LEU A 550 18.59 -53.45 22.03
C LEU A 550 19.04 -54.61 22.91
N ILE A 551 19.23 -54.31 24.20
CA ILE A 551 19.64 -55.32 25.17
C ILE A 551 18.53 -56.34 25.38
N ARG A 552 17.29 -55.87 25.50
CA ARG A 552 16.18 -56.80 25.69
C ARG A 552 16.02 -57.72 24.48
N LEU A 553 16.52 -57.26 23.34
CA LEU A 553 16.42 -58.04 22.12
C LEU A 553 17.50 -59.10 22.11
N CYS A 554 18.69 -58.74 22.59
CA CYS A 554 19.80 -59.68 22.64
C CYS A 554 19.54 -60.85 23.57
N GLN A 555 18.89 -60.59 24.70
CA GLN A 555 18.62 -61.63 25.67
C GLN A 555 17.51 -62.60 25.26
N LYS A 556 16.53 -62.10 24.50
CA LYS A 556 15.43 -62.95 24.08
C LYS A 556 15.66 -63.74 22.80
N PHE A 557 16.48 -63.22 21.90
CA PHE A 557 16.72 -63.90 20.63
C PHE A 557 18.15 -64.30 20.34
N GLY A 558 19.09 -63.85 21.17
CA GLY A 558 20.47 -64.22 20.95
C GLY A 558 20.79 -65.56 21.59
N GLU A 559 22.03 -66.01 21.40
CA GLU A 559 22.50 -67.28 21.96
C GLU A 559 23.65 -66.96 22.92
N TYR A 560 23.69 -67.63 24.06
CA TYR A 560 24.74 -67.34 25.04
C TYR A 560 24.66 -68.12 26.36
N HIS A 561 25.80 -68.23 27.03
CA HIS A 561 25.87 -68.88 28.35
C HIS A 561 25.89 -67.66 29.28
N LYS A 562 25.03 -67.63 30.28
CA LYS A 562 25.02 -66.45 31.16
C LYS A 562 26.40 -66.13 31.70
N ASP A 563 26.65 -64.85 31.92
CA ASP A 563 27.92 -64.35 32.44
C ASP A 563 29.11 -64.60 31.52
N ASP A 564 28.85 -65.00 30.28
CA ASP A 564 29.93 -65.26 29.33
C ASP A 564 29.77 -64.50 28.02
N PRO A 565 30.37 -63.29 27.94
CA PRO A 565 30.33 -62.42 26.77
C PRO A 565 30.75 -63.08 25.45
N SER A 566 31.89 -63.76 25.45
CA SER A 566 32.39 -64.42 24.25
C SER A 566 31.44 -65.45 23.66
N SER A 567 30.40 -65.81 24.41
CA SER A 567 29.46 -66.82 23.92
C SER A 567 28.33 -66.26 23.08
N PHE A 568 28.02 -64.97 23.25
CA PHE A 568 26.92 -64.35 22.50
C PHE A 568 27.03 -64.40 20.98
N ARG A 569 25.90 -64.66 20.33
CA ARG A 569 25.82 -64.72 18.87
C ARG A 569 24.38 -64.40 18.50
N PHE A 570 24.17 -64.05 17.25
CA PHE A 570 22.83 -63.75 16.76
C PHE A 570 22.65 -64.53 15.49
N SER A 571 21.42 -64.91 15.20
CA SER A 571 21.12 -65.62 13.98
C SER A 571 21.49 -64.65 12.86
N GLU A 572 21.50 -65.14 11.64
CA GLU A 572 21.79 -64.29 10.50
C GLU A 572 20.55 -63.40 10.35
N THR A 573 19.54 -63.71 11.16
CA THR A 573 18.28 -62.98 11.17
C THR A 573 18.32 -61.71 12.03
N PHE A 574 19.27 -61.64 12.96
CA PHE A 574 19.38 -60.48 13.86
C PHE A 574 20.76 -59.80 13.92
N SER A 575 21.80 -60.49 13.46
CA SER A 575 23.17 -59.98 13.55
C SER A 575 23.45 -58.52 13.16
N LEU A 576 22.71 -57.96 12.19
CA LEU A 576 22.97 -56.58 11.79
C LEU A 576 22.23 -55.52 12.63
N TYR A 577 21.30 -55.96 13.46
CA TYR A 577 20.52 -55.03 14.27
C TYR A 577 21.37 -54.15 15.19
N PRO A 578 22.32 -54.75 15.93
CA PRO A 578 23.17 -53.97 16.83
C PRO A 578 23.93 -52.89 16.06
N GLN A 579 24.51 -53.28 14.93
CA GLN A 579 25.28 -52.35 14.10
C GLN A 579 24.38 -51.19 13.64
N PHE A 580 23.17 -51.52 13.21
CA PHE A 580 22.25 -50.49 12.77
C PHE A 580 22.01 -49.58 13.95
N MET A 581 21.87 -50.19 15.12
CA MET A 581 21.63 -49.44 16.34
C MET A 581 22.83 -48.54 16.62
N PHE A 582 24.03 -49.10 16.47
CA PHE A 582 25.26 -48.32 16.69
C PHE A 582 25.21 -47.02 15.90
N HIS A 583 25.20 -47.14 14.58
CA HIS A 583 25.18 -45.98 13.68
C HIS A 583 24.04 -44.98 13.94
N LEU A 584 22.85 -45.50 14.26
CA LEU A 584 21.69 -44.68 14.53
C LEU A 584 21.83 -43.81 15.78
N ARG A 585 22.51 -44.32 16.81
CA ARG A 585 22.67 -43.56 18.04
C ARG A 585 23.79 -42.53 17.95
N ARG A 586 24.62 -42.62 16.91
CA ARG A 586 25.69 -41.65 16.70
C ARG A 586 25.31 -40.73 15.54
N SER A 587 24.26 -41.09 14.80
CA SER A 587 23.82 -40.32 13.65
C SER A 587 23.37 -38.90 13.98
N SER A 588 23.35 -38.07 12.94
CA SER A 588 22.96 -36.68 13.05
C SER A 588 21.50 -36.51 13.48
N PHE A 589 20.74 -37.61 13.55
CA PHE A 589 19.33 -37.54 13.94
C PHE A 589 19.12 -37.41 15.44
N LEU A 590 20.07 -37.92 16.23
CA LEU A 590 19.93 -37.84 17.68
C LEU A 590 21.06 -37.02 18.33
N GLN A 591 22.10 -36.73 17.56
CA GLN A 591 23.21 -35.94 18.07
C GLN A 591 23.18 -34.59 17.34
N VAL A 592 22.12 -33.83 17.64
CA VAL A 592 21.86 -32.52 17.04
C VAL A 592 22.99 -31.50 17.04
N PHE A 593 23.83 -31.49 18.06
CA PHE A 593 24.92 -30.50 18.07
C PHE A 593 25.86 -30.81 16.92
N ASN A 594 26.69 -29.83 16.56
CA ASN A 594 27.63 -29.95 15.43
C ASN A 594 26.83 -29.75 14.15
N ASN A 595 25.54 -29.46 14.34
CA ASN A 595 24.60 -29.20 13.26
C ASN A 595 23.72 -28.02 13.67
N SER A 596 23.18 -27.30 12.68
CA SER A 596 22.31 -26.17 13.00
C SER A 596 20.90 -26.69 13.23
N PRO A 597 20.10 -25.97 14.01
CA PRO A 597 18.74 -26.47 14.24
C PRO A 597 17.98 -26.75 12.92
N ASP A 598 18.18 -25.91 11.92
CA ASP A 598 17.52 -26.06 10.63
C ASP A 598 17.96 -27.36 9.92
N GLU A 599 19.26 -27.65 9.97
CA GLU A 599 19.81 -28.85 9.35
C GLU A 599 19.25 -30.11 9.99
N SER A 600 19.03 -30.06 11.29
CA SER A 600 18.51 -31.19 12.03
C SER A 600 17.04 -31.42 11.66
N SER A 601 16.32 -30.32 11.45
CA SER A 601 14.92 -30.41 11.11
C SER A 601 14.78 -30.94 9.70
N TYR A 602 15.71 -30.54 8.85
CA TYR A 602 15.73 -30.99 7.47
C TYR A 602 16.00 -32.50 7.41
N TYR A 603 17.02 -32.95 8.11
CA TYR A 603 17.37 -34.36 8.15
C TYR A 603 16.23 -35.24 8.61
N ARG A 604 15.68 -34.94 9.78
CA ARG A 604 14.57 -35.75 10.29
C ARG A 604 13.40 -35.74 9.31
N HIS A 605 13.15 -34.58 8.70
CA HIS A 605 12.06 -34.44 7.74
C HIS A 605 12.10 -35.58 6.74
N HIS A 606 13.20 -35.66 6.00
CA HIS A 606 13.33 -36.69 5.00
C HIS A 606 13.38 -38.13 5.50
N PHE A 607 13.76 -38.31 6.75
CA PHE A 607 13.86 -39.65 7.30
C PHE A 607 12.52 -40.19 7.79
N MET A 608 11.56 -39.30 8.02
CA MET A 608 10.26 -39.72 8.51
C MET A 608 9.27 -39.95 7.36
N ARG A 609 9.75 -39.78 6.13
CA ARG A 609 8.94 -39.95 4.92
C ARG A 609 9.46 -41.08 4.06
N GLN A 610 10.77 -41.27 4.11
CA GLN A 610 11.42 -42.29 3.29
C GLN A 610 11.02 -43.73 3.49
N ASP A 611 11.15 -44.50 2.41
CA ASP A 611 10.84 -45.91 2.44
C ASP A 611 11.99 -46.60 3.15
N LEU A 612 11.91 -47.92 3.28
CA LEU A 612 12.95 -48.65 4.00
C LEU A 612 14.36 -48.48 3.47
N THR A 613 14.59 -48.96 2.25
CA THR A 613 15.91 -48.91 1.69
C THR A 613 16.57 -47.54 1.80
N GLN A 614 15.88 -46.46 1.43
CA GLN A 614 16.48 -45.14 1.55
C GLN A 614 16.81 -44.83 3.02
N SER A 615 15.88 -45.17 3.89
CA SER A 615 16.06 -44.95 5.32
C SER A 615 17.36 -45.58 5.81
N LEU A 616 17.58 -46.85 5.45
CA LEU A 616 18.79 -47.56 5.86
C LEU A 616 20.04 -46.82 5.48
N ILE A 617 20.09 -46.33 4.24
CA ILE A 617 21.26 -45.61 3.74
C ILE A 617 21.49 -44.35 4.57
N MET A 618 20.41 -43.65 4.91
CA MET A 618 20.53 -42.43 5.71
C MET A 618 21.23 -42.75 7.01
N ILE A 619 20.76 -43.82 7.67
CA ILE A 619 21.32 -44.24 8.95
C ILE A 619 22.73 -44.84 8.83
N GLN A 620 22.95 -45.64 7.80
CA GLN A 620 24.25 -46.25 7.61
C GLN A 620 24.73 -46.06 6.18
N PRO A 621 25.29 -44.87 5.86
CA PRO A 621 25.81 -44.55 4.52
C PRO A 621 26.56 -45.72 3.93
N ILE A 622 26.38 -45.95 2.64
CA ILE A 622 27.04 -47.05 1.95
C ILE A 622 28.43 -46.58 1.52
N LEU A 623 29.35 -47.52 1.37
CA LEU A 623 30.70 -47.12 0.98
C LEU A 623 31.31 -48.05 -0.05
N TYR A 624 31.64 -47.51 -1.22
CA TYR A 624 32.26 -48.29 -2.30
C TYR A 624 33.72 -47.90 -2.52
N ALA A 625 34.56 -48.89 -2.82
CA ALA A 625 35.98 -48.66 -3.05
C ALA A 625 36.35 -49.00 -4.49
N TYR A 626 37.27 -48.21 -5.03
CA TYR A 626 37.74 -48.37 -6.41
C TYR A 626 39.27 -48.41 -6.45
N SER A 627 39.83 -49.43 -7.11
CA SER A 627 41.28 -49.59 -7.25
C SER A 627 41.63 -50.50 -8.44
N PHE A 628 42.84 -50.36 -8.96
CA PHE A 628 43.26 -51.18 -10.11
C PHE A 628 43.00 -52.66 -9.84
N SER A 629 43.30 -53.09 -8.62
CA SER A 629 43.13 -54.48 -8.24
C SER A 629 41.67 -54.87 -7.96
N GLY A 630 40.92 -55.09 -9.04
CA GLY A 630 39.53 -55.48 -8.92
C GLY A 630 38.52 -54.40 -9.26
N PRO A 631 37.26 -54.78 -9.52
CA PRO A 631 36.21 -53.81 -9.85
C PRO A 631 35.67 -53.16 -8.58
N PRO A 632 34.86 -52.10 -8.71
CA PRO A 632 34.30 -51.43 -7.53
C PRO A 632 33.59 -52.43 -6.61
N GLU A 633 33.85 -52.31 -5.30
CA GLU A 633 33.26 -53.21 -4.32
C GLU A 633 32.89 -52.48 -3.03
N PRO A 634 31.74 -52.80 -2.43
CA PRO A 634 31.30 -52.16 -1.19
C PRO A 634 32.31 -52.47 -0.09
N VAL A 635 32.39 -51.62 0.92
CA VAL A 635 33.34 -51.85 2.02
C VAL A 635 32.77 -51.31 3.33
N LEU A 636 33.19 -51.93 4.43
CA LEU A 636 32.74 -51.50 5.75
C LEU A 636 32.92 -49.99 5.94
N LEU A 637 31.96 -49.39 6.64
CA LEU A 637 32.01 -47.97 6.97
C LEU A 637 32.97 -47.86 8.15
N ASP A 638 34.22 -48.25 7.93
CA ASP A 638 35.23 -48.25 8.99
C ASP A 638 36.47 -47.47 8.53
N SER A 639 37.19 -46.87 9.49
CA SER A 639 38.40 -46.12 9.18
C SER A 639 39.37 -47.04 8.43
N SER A 640 39.31 -48.32 8.75
CA SER A 640 40.16 -49.32 8.13
C SER A 640 40.02 -49.34 6.61
N SER A 641 38.84 -48.98 6.14
CA SER A 641 38.55 -48.99 4.70
C SER A 641 39.19 -47.83 3.92
N ILE A 642 39.77 -46.87 4.63
CA ILE A 642 40.41 -45.73 3.98
C ILE A 642 41.87 -46.00 3.63
N LEU A 643 42.11 -46.48 2.42
CA LEU A 643 43.48 -46.75 1.99
C LEU A 643 44.01 -45.57 1.15
N ALA A 644 45.31 -45.55 0.91
CA ALA A 644 45.91 -44.46 0.15
C ALA A 644 45.78 -44.65 -1.35
N ASP A 645 45.78 -45.91 -1.79
CA ASP A 645 45.67 -46.20 -3.22
C ASP A 645 44.26 -46.68 -3.54
N ARG A 646 43.28 -45.98 -3.00
CA ARG A 646 41.89 -46.35 -3.24
C ARG A 646 41.00 -45.10 -3.28
N ILE A 647 39.99 -45.12 -4.14
CA ILE A 647 39.04 -44.01 -4.23
C ILE A 647 37.74 -44.48 -3.62
N LEU A 648 37.21 -43.71 -2.68
CA LEU A 648 35.97 -44.08 -2.01
C LEU A 648 34.78 -43.27 -2.47
N LEU A 649 33.62 -43.93 -2.52
CA LEU A 649 32.36 -43.32 -2.88
C LEU A 649 31.47 -43.53 -1.67
N MET A 650 31.08 -42.46 -1.00
CA MET A 650 30.18 -42.62 0.13
C MET A 650 28.83 -42.00 -0.18
N ASP A 651 27.79 -42.74 0.13
CA ASP A 651 26.45 -42.26 -0.11
C ASP A 651 25.69 -42.09 1.18
N THR A 652 25.61 -40.84 1.58
CA THR A 652 24.92 -40.38 2.76
C THR A 652 23.69 -39.85 2.08
N PHE A 653 22.66 -40.67 1.88
CA PHE A 653 21.46 -40.20 1.18
C PHE A 653 21.48 -38.69 0.82
N PHE A 654 21.73 -37.85 1.81
CA PHE A 654 21.78 -36.41 1.60
C PHE A 654 23.00 -35.93 0.80
N GLN A 655 24.10 -36.68 0.85
CA GLN A 655 25.31 -36.30 0.12
C GLN A 655 26.08 -37.45 -0.56
N ILE A 656 26.64 -37.15 -1.73
CA ILE A 656 27.43 -38.10 -2.49
C ILE A 656 28.87 -37.58 -2.39
N LEU A 657 29.75 -38.37 -1.78
CA LEU A 657 31.12 -37.93 -1.58
C LEU A 657 32.20 -38.88 -2.13
N ILE A 658 33.12 -38.33 -2.92
CA ILE A 658 34.22 -39.10 -3.51
C ILE A 658 35.54 -38.72 -2.84
N TYR A 659 36.20 -39.68 -2.21
CA TYR A 659 37.48 -39.46 -1.51
C TYR A 659 38.66 -40.14 -2.23
N HIS A 660 39.79 -39.42 -2.35
CA HIS A 660 40.98 -39.96 -2.99
C HIS A 660 42.10 -40.21 -1.98
N GLY A 661 42.45 -41.48 -1.77
CA GLY A 661 43.52 -41.81 -0.83
C GLY A 661 44.72 -40.94 -1.09
N GLU A 662 45.55 -40.72 -0.07
CA GLU A 662 46.72 -39.86 -0.23
C GLU A 662 47.43 -40.10 -1.55
N THR A 663 47.84 -41.34 -1.78
CA THR A 663 48.53 -41.70 -3.01
C THR A 663 47.81 -41.15 -4.23
N ILE A 664 46.58 -41.60 -4.43
CA ILE A 664 45.77 -41.19 -5.58
C ILE A 664 45.53 -39.69 -5.68
N ALA A 665 45.73 -38.95 -4.60
CA ALA A 665 45.53 -37.51 -4.63
C ALA A 665 46.69 -36.87 -5.38
N GLN A 666 47.89 -37.42 -5.18
CA GLN A 666 49.09 -36.93 -5.85
C GLN A 666 48.92 -37.17 -7.33
N TRP A 667 48.72 -38.43 -7.70
CA TRP A 667 48.54 -38.80 -9.09
C TRP A 667 47.51 -37.87 -9.73
N ARG A 668 46.67 -37.25 -8.91
CA ARG A 668 45.68 -36.33 -9.45
C ARG A 668 46.35 -34.97 -9.55
N LYS A 669 47.13 -34.64 -8.52
CA LYS A 669 47.85 -33.37 -8.45
C LYS A 669 48.96 -33.31 -9.51
N SER A 670 49.80 -34.34 -9.54
CA SER A 670 50.88 -34.42 -10.53
C SER A 670 50.26 -35.04 -11.77
N GLY A 671 48.97 -34.76 -11.93
CA GLY A 671 48.16 -35.25 -13.02
C GLY A 671 48.72 -36.01 -14.20
N TYR A 672 48.54 -37.33 -14.19
CA TYR A 672 48.95 -38.16 -15.32
C TYR A 672 47.75 -37.96 -16.21
N GLN A 673 47.30 -36.71 -16.22
CA GLN A 673 46.15 -36.24 -16.98
C GLN A 673 46.22 -36.59 -18.45
N ASP A 674 47.01 -35.83 -19.20
CA ASP A 674 47.13 -36.06 -20.62
C ASP A 674 48.15 -37.13 -21.01
N MET A 675 48.45 -38.02 -20.06
CA MET A 675 49.39 -39.10 -20.37
C MET A 675 48.56 -40.22 -21.00
N PRO A 676 48.51 -40.27 -22.34
CA PRO A 676 47.75 -41.31 -23.04
C PRO A 676 48.20 -42.67 -22.54
N GLU A 677 49.33 -42.67 -21.85
CA GLU A 677 49.90 -43.88 -21.28
C GLU A 677 48.99 -44.44 -20.19
N TYR A 678 48.39 -43.55 -19.41
CA TYR A 678 47.52 -43.98 -18.33
C TYR A 678 46.02 -43.87 -18.58
N GLU A 679 45.55 -44.60 -19.57
CA GLU A 679 44.13 -44.65 -19.91
C GLU A 679 43.51 -45.42 -18.76
N ASN A 680 44.36 -46.19 -18.07
CA ASN A 680 43.95 -47.01 -16.94
C ASN A 680 43.66 -46.14 -15.72
N PHE A 681 44.54 -45.15 -15.49
CA PHE A 681 44.38 -44.24 -14.37
C PHE A 681 43.15 -43.35 -14.57
N ARG A 682 42.77 -43.16 -15.83
CA ARG A 682 41.60 -42.35 -16.17
C ARG A 682 40.31 -43.07 -15.82
N HIS A 683 40.25 -44.36 -16.13
CA HIS A 683 39.06 -45.16 -15.85
C HIS A 683 38.79 -45.19 -14.35
N LEU A 684 39.86 -45.32 -13.57
CA LEU A 684 39.74 -45.36 -12.11
C LEU A 684 39.19 -44.06 -11.55
N LEU A 685 39.78 -42.94 -11.94
CA LEU A 685 39.33 -41.64 -11.45
C LEU A 685 37.87 -41.34 -11.77
N GLN A 686 37.41 -41.79 -12.93
CA GLN A 686 36.03 -41.51 -13.31
C GLN A 686 35.04 -42.60 -12.96
N ALA A 687 35.54 -43.75 -12.53
CA ALA A 687 34.64 -44.84 -12.20
C ALA A 687 33.65 -44.33 -11.16
N PRO A 688 34.14 -43.85 -10.01
CA PRO A 688 33.18 -43.37 -9.01
C PRO A 688 32.33 -42.21 -9.52
N VAL A 689 32.90 -41.38 -10.37
CA VAL A 689 32.21 -40.23 -10.94
C VAL A 689 31.00 -40.63 -11.76
N ASP A 690 31.17 -41.67 -12.57
CA ASP A 690 30.07 -42.15 -13.39
C ASP A 690 28.96 -42.62 -12.48
N ASP A 691 29.29 -43.53 -11.58
CA ASP A 691 28.31 -44.06 -10.65
C ASP A 691 27.63 -42.92 -9.87
N ALA A 692 28.37 -41.84 -9.62
CA ALA A 692 27.81 -40.71 -8.90
C ALA A 692 26.82 -39.88 -9.75
N GLN A 693 26.86 -40.07 -11.07
CA GLN A 693 25.95 -39.37 -11.96
C GLN A 693 24.59 -40.00 -11.80
N GLU A 694 24.51 -41.28 -12.16
CA GLU A 694 23.28 -42.04 -12.08
C GLU A 694 22.40 -41.70 -10.88
N ILE A 695 22.85 -42.11 -9.70
CA ILE A 695 22.11 -41.87 -8.47
C ILE A 695 21.84 -40.38 -8.27
N LEU A 696 22.84 -39.56 -8.56
CA LEU A 696 22.74 -38.11 -8.44
C LEU A 696 21.69 -37.54 -9.39
N HIS A 697 20.57 -38.25 -9.51
CA HIS A 697 19.46 -37.84 -10.37
C HIS A 697 18.19 -38.51 -9.86
N SER A 698 18.15 -39.83 -9.93
CA SER A 698 16.99 -40.56 -9.47
C SER A 698 16.56 -40.09 -8.07
N ARG A 699 17.52 -39.58 -7.30
CA ARG A 699 17.19 -39.14 -5.94
C ARG A 699 16.49 -37.80 -5.97
N PHE A 700 15.34 -37.73 -5.31
CA PHE A 700 14.60 -36.49 -5.31
C PHE A 700 15.42 -35.38 -4.67
N PRO A 701 15.47 -35.33 -3.34
CA PRO A 701 16.29 -34.22 -2.86
C PRO A 701 17.66 -34.45 -3.49
N MET A 702 18.07 -33.62 -4.44
CA MET A 702 19.37 -33.85 -5.04
C MET A 702 20.39 -33.73 -3.93
N PRO A 703 21.26 -34.75 -3.81
CA PRO A 703 22.29 -34.72 -2.77
C PRO A 703 23.40 -33.74 -3.12
N ARG A 704 24.07 -33.22 -2.11
CA ARG A 704 25.16 -32.29 -2.34
C ARG A 704 26.34 -33.17 -2.76
N TYR A 705 26.97 -32.81 -3.88
CA TYR A 705 28.11 -33.58 -4.35
C TYR A 705 29.40 -33.05 -3.74
N ILE A 706 30.31 -33.92 -3.36
CA ILE A 706 31.58 -33.47 -2.77
C ILE A 706 32.75 -34.27 -3.30
N ASP A 707 33.70 -33.55 -3.90
CA ASP A 707 34.90 -34.13 -4.44
C ASP A 707 36.09 -33.69 -3.59
N THR A 708 36.58 -34.62 -2.79
CA THR A 708 37.69 -34.35 -1.88
C THR A 708 38.75 -35.43 -1.89
N GLU A 709 39.73 -35.28 -1.00
CA GLU A 709 40.84 -36.23 -0.89
C GLU A 709 41.57 -36.07 0.45
N HIS A 710 42.50 -36.98 0.72
CA HIS A 710 43.26 -36.92 1.96
C HIS A 710 43.87 -35.54 2.06
N GLY A 711 43.57 -34.85 3.15
CA GLY A 711 44.08 -33.51 3.34
C GLY A 711 42.94 -32.53 3.15
N GLY A 712 42.15 -32.74 2.10
CA GLY A 712 41.02 -31.87 1.85
C GLY A 712 40.24 -31.60 3.12
N SER A 713 39.73 -30.38 3.26
CA SER A 713 38.97 -30.02 4.46
C SER A 713 37.65 -30.76 4.50
N GLN A 714 37.13 -31.11 3.33
CA GLN A 714 35.84 -31.79 3.26
C GLN A 714 35.90 -33.30 3.55
N ALA A 715 37.10 -33.83 3.75
CA ALA A 715 37.21 -35.25 4.04
C ALA A 715 36.52 -35.55 5.37
N ARG A 716 36.32 -34.50 6.17
CA ARG A 716 35.68 -34.61 7.47
C ARG A 716 34.38 -35.40 7.42
N PHE A 717 33.53 -35.10 6.44
CA PHE A 717 32.24 -35.79 6.33
C PHE A 717 32.40 -37.31 6.32
N LEU A 718 33.42 -37.79 5.61
CA LEU A 718 33.69 -39.21 5.54
C LEU A 718 34.20 -39.67 6.91
N LEU A 719 35.21 -38.97 7.40
CA LEU A 719 35.84 -39.28 8.69
C LEU A 719 34.88 -39.26 9.87
N SER A 720 33.75 -38.58 9.72
CA SER A 720 32.80 -38.49 10.81
C SER A 720 31.64 -39.49 10.74
N LYS A 721 31.49 -40.19 9.62
CA LYS A 721 30.41 -41.15 9.47
C LYS A 721 30.96 -42.55 9.71
N VAL A 722 32.22 -42.72 9.37
CA VAL A 722 32.90 -44.00 9.47
C VAL A 722 33.12 -44.47 10.91
N ASN A 723 33.99 -45.46 11.08
CA ASN A 723 34.37 -46.08 12.36
C ASN A 723 33.52 -47.30 12.66
N ASP A 746 29.14 -45.94 22.98
CA ASP A 746 30.23 -45.14 23.55
C ASP A 746 31.20 -44.57 22.51
N VAL A 747 32.04 -45.43 21.94
CA VAL A 747 33.02 -44.99 20.96
C VAL A 747 32.92 -45.76 19.65
N SER A 748 33.76 -46.77 19.51
CA SER A 748 33.79 -47.60 18.30
C SER A 748 32.80 -48.75 18.37
N LEU A 749 32.54 -49.37 17.22
CA LEU A 749 31.60 -50.49 17.17
C LEU A 749 32.11 -51.66 18.02
N GLN A 750 33.43 -51.88 17.96
CA GLN A 750 34.09 -52.96 18.68
C GLN A 750 33.77 -52.82 20.16
N VAL A 751 34.13 -51.67 20.72
CA VAL A 751 33.87 -51.40 22.12
C VAL A 751 32.37 -51.46 22.40
N PHE A 752 31.60 -50.80 21.54
CA PHE A 752 30.14 -50.77 21.67
C PHE A 752 29.65 -52.20 21.82
N MET A 753 30.05 -53.06 20.90
CA MET A 753 29.64 -54.44 20.90
C MET A 753 30.05 -55.17 22.17
N ASP A 754 31.30 -55.01 22.58
CA ASP A 754 31.74 -55.69 23.79
C ASP A 754 30.89 -55.32 24.97
N HIS A 755 30.60 -54.04 25.12
CA HIS A 755 29.77 -53.59 26.25
C HIS A 755 28.40 -54.26 26.14
N LEU A 756 27.89 -54.40 24.92
CA LEU A 756 26.59 -55.01 24.69
C LEU A 756 26.56 -56.48 25.09
N LYS A 757 27.59 -57.23 24.72
CA LYS A 757 27.67 -58.65 25.07
C LYS A 757 27.75 -58.83 26.59
N LYS A 758 28.52 -57.97 27.24
CA LYS A 758 28.65 -58.07 28.69
C LYS A 758 27.30 -57.88 29.35
N LEU A 759 26.58 -56.83 28.94
CA LEU A 759 25.27 -56.55 29.48
C LEU A 759 24.22 -57.59 29.10
N ALA A 760 24.40 -58.19 27.92
CA ALA A 760 23.46 -59.17 27.41
C ALA A 760 23.49 -60.48 28.19
N VAL A 761 24.68 -60.98 28.50
CA VAL A 761 24.81 -62.23 29.23
C VAL A 761 24.65 -62.10 30.74
N SER A 762 24.44 -60.89 31.22
CA SER A 762 24.26 -60.67 32.65
C SER A 762 22.77 -60.66 32.99
N SER A 763 22.41 -59.89 34.01
CA SER A 763 21.02 -59.79 34.46
C SER A 763 20.07 -59.26 33.37
N ALA A 764 18.85 -59.75 33.40
CA ALA A 764 17.83 -59.35 32.43
C ALA A 764 17.01 -58.17 32.95
N GLU B 1 -20.52 63.13 -8.92
CA GLU B 1 -20.41 63.08 -7.43
C GLU B 1 -21.77 63.32 -6.79
N GLY B 2 -21.78 63.97 -5.64
CA GLY B 2 -23.03 64.25 -4.97
C GLY B 2 -23.10 63.81 -3.51
N LEU B 3 -23.30 64.79 -2.64
CA LEU B 3 -23.43 64.57 -1.20
C LEU B 3 -24.95 64.61 -0.93
N ARG B 4 -25.71 64.49 -2.01
CA ARG B 4 -27.17 64.53 -1.96
C ARG B 4 -27.85 63.35 -1.29
N VAL B 5 -29.01 63.63 -0.70
CA VAL B 5 -29.83 62.62 -0.03
C VAL B 5 -30.72 62.02 -1.11
N VAL B 6 -31.15 60.78 -0.92
CA VAL B 6 -31.97 60.14 -1.91
C VAL B 6 -33.19 59.52 -1.28
N ASN B 7 -34.31 59.56 -2.00
CA ASN B 7 -35.55 58.96 -1.53
C ASN B 7 -35.80 57.73 -2.39
N LEU B 8 -35.40 56.56 -1.87
CA LEU B 8 -35.56 55.29 -2.56
C LEU B 8 -36.98 54.99 -3.02
N LEU B 9 -37.96 55.63 -2.40
CA LEU B 9 -39.34 55.40 -2.77
C LEU B 9 -39.80 56.16 -4.01
N GLN B 10 -39.03 57.17 -4.42
CA GLN B 10 -39.39 57.96 -5.59
C GLN B 10 -38.55 57.69 -6.83
N GLU B 11 -37.24 57.47 -6.65
CA GLU B 11 -36.36 57.20 -7.78
C GLU B 11 -36.81 55.88 -8.44
N ARG B 12 -36.50 54.79 -7.75
CA ARG B 12 -36.82 53.42 -8.18
C ARG B 12 -36.12 53.05 -9.49
N ASN B 13 -35.02 53.74 -9.79
CA ASN B 13 -34.22 53.48 -10.99
C ASN B 13 -32.79 53.89 -10.71
N MET B 14 -32.43 53.80 -9.44
CA MET B 14 -31.12 54.16 -8.94
C MET B 14 -29.96 53.44 -9.65
N LEU B 15 -30.11 52.14 -9.85
CA LEU B 15 -29.07 51.35 -10.48
C LEU B 15 -28.53 52.02 -11.74
N PRO B 16 -27.22 52.30 -11.78
CA PRO B 16 -26.55 52.94 -12.92
C PRO B 16 -26.42 52.01 -14.12
N SER B 17 -26.22 52.59 -15.30
CA SER B 17 -26.10 51.84 -16.53
C SER B 17 -24.65 51.43 -16.80
N THR B 18 -23.73 51.97 -16.01
CA THR B 18 -22.32 51.62 -16.16
C THR B 18 -21.91 50.82 -14.92
N PRO B 19 -20.83 50.03 -15.04
CA PRO B 19 -20.35 49.21 -13.91
C PRO B 19 -20.04 50.07 -12.71
N LEU B 20 -20.35 49.57 -11.52
CA LEU B 20 -20.08 50.34 -10.30
C LEU B 20 -18.58 50.41 -10.04
N LYS B 21 -18.12 51.54 -9.55
CA LYS B 21 -16.69 51.67 -9.25
C LYS B 21 -16.46 51.85 -7.76
N PRO B 22 -15.38 51.27 -7.23
CA PRO B 22 -15.10 51.41 -5.80
C PRO B 22 -14.84 52.85 -5.42
N PRO B 23 -15.31 53.27 -4.25
CA PRO B 23 -15.13 54.65 -3.76
C PRO B 23 -13.65 55.04 -3.76
N VAL B 24 -13.39 56.34 -3.67
CA VAL B 24 -12.03 56.87 -3.62
C VAL B 24 -11.83 57.51 -2.26
N PRO B 25 -10.93 56.97 -1.42
CA PRO B 25 -10.72 57.56 -0.10
C PRO B 25 -10.54 59.07 -0.20
N ASN B 26 -11.11 59.79 0.77
CA ASN B 26 -11.02 61.24 0.85
C ASN B 26 -9.60 61.62 1.37
N LEU B 27 -8.60 61.41 0.53
CA LEU B 27 -7.22 61.70 0.89
C LEU B 27 -6.60 62.76 0.01
N HIS B 28 -5.48 63.32 0.46
CA HIS B 28 -4.77 64.32 -0.33
C HIS B 28 -4.48 63.63 -1.68
N GLU B 29 -4.19 64.43 -2.69
CA GLU B 29 -3.92 63.94 -4.04
C GLU B 29 -2.71 63.01 -4.12
N ASP B 30 -1.57 63.49 -3.60
CA ASP B 30 -0.33 62.71 -3.63
C ASP B 30 -0.40 61.36 -2.95
N ILE B 31 -1.25 61.26 -1.93
CA ILE B 31 -1.38 60.01 -1.20
C ILE B 31 -2.31 59.06 -1.93
N GLN B 32 -3.50 59.54 -2.28
CA GLN B 32 -4.45 58.70 -2.96
C GLN B 32 -3.84 58.04 -4.19
N LYS B 33 -2.96 58.77 -4.88
CA LYS B 33 -2.34 58.25 -6.10
C LYS B 33 -1.36 57.08 -5.90
N LEU B 34 -0.92 56.88 -4.67
CA LEU B 34 -0.02 55.77 -4.37
C LEU B 34 -0.80 54.66 -3.70
N ASN B 35 -2.03 54.97 -3.29
CA ASN B 35 -2.84 53.97 -2.61
C ASN B 35 -2.88 52.66 -3.37
N CYS B 36 -3.15 51.59 -2.63
CA CYS B 36 -3.21 50.27 -3.21
C CYS B 36 -4.41 50.11 -4.14
N ASN B 37 -4.25 49.30 -5.18
CA ASN B 37 -5.35 49.04 -6.11
C ASN B 37 -6.56 48.48 -5.34
N PRO B 38 -7.75 49.01 -5.61
CA PRO B 38 -8.98 48.55 -4.93
C PRO B 38 -9.47 47.15 -5.27
N GLU B 39 -8.97 46.55 -6.35
CA GLU B 39 -9.36 45.20 -6.72
C GLU B 39 -8.62 44.24 -5.82
N LEU B 40 -7.58 44.76 -5.16
CA LEU B 40 -6.74 43.96 -4.30
C LEU B 40 -7.06 44.08 -2.83
N PHE B 41 -7.14 45.31 -2.36
CA PHE B 41 -7.40 45.60 -0.96
C PHE B 41 -8.49 46.67 -0.91
N ARG B 42 -9.37 46.60 0.09
CA ARG B 42 -10.45 47.58 0.17
C ARG B 42 -11.15 47.58 1.53
N CYS B 43 -11.86 48.67 1.82
CA CYS B 43 -12.53 48.81 3.11
C CYS B 43 -14.03 49.17 3.03
N THR B 44 -14.80 48.68 3.99
CA THR B 44 -16.24 48.94 4.05
C THR B 44 -16.50 50.43 4.24
N LEU B 45 -15.58 51.07 4.96
CA LEU B 45 -15.68 52.48 5.26
C LEU B 45 -14.36 53.15 4.88
N THR B 46 -14.34 53.84 3.75
CA THR B 46 -13.14 54.54 3.27
C THR B 46 -12.80 55.65 4.24
N SER B 47 -13.75 56.01 5.08
CA SER B 47 -13.53 57.01 6.10
C SER B 47 -13.68 56.29 7.44
N ILE B 48 -12.54 55.93 8.03
CA ILE B 48 -12.53 55.24 9.30
C ILE B 48 -13.06 56.10 10.43
N PRO B 49 -14.08 55.60 11.16
CA PRO B 49 -14.66 56.35 12.27
C PRO B 49 -13.53 56.58 13.25
N GLN B 50 -13.55 57.69 13.98
CA GLN B 50 -12.49 57.96 14.92
C GLN B 50 -12.61 57.15 16.22
N THR B 51 -13.84 56.79 16.58
CA THR B 51 -14.08 56.05 17.81
C THR B 51 -15.12 54.94 17.67
N GLN B 52 -14.98 53.90 18.49
CA GLN B 52 -15.92 52.79 18.49
C GLN B 52 -17.36 53.34 18.66
N ALA B 53 -17.51 54.37 19.49
CA ALA B 53 -18.83 54.96 19.67
C ALA B 53 -19.35 55.45 18.32
N LEU B 54 -18.54 56.21 17.60
CA LEU B 54 -18.95 56.72 16.29
C LEU B 54 -19.30 55.56 15.35
N LEU B 55 -18.46 54.54 15.35
CA LEU B 55 -18.71 53.38 14.51
C LEU B 55 -20.10 52.80 14.85
N ASN B 56 -20.33 52.48 16.12
CA ASN B 56 -21.61 51.92 16.55
C ASN B 56 -22.83 52.76 16.14
N LYS B 57 -22.70 54.09 16.21
CA LYS B 57 -23.81 54.96 15.84
C LYS B 57 -24.25 54.80 14.40
N ALA B 58 -23.28 54.61 13.51
CA ALA B 58 -23.52 54.45 12.09
C ALA B 58 -24.13 53.07 11.76
N LYS B 59 -24.04 52.14 12.70
CA LYS B 59 -24.59 50.80 12.51
C LYS B 59 -24.18 50.15 11.19
N LEU B 60 -22.89 50.25 10.87
CA LEU B 60 -22.33 49.68 9.66
C LEU B 60 -21.08 48.90 10.07
N PRO B 61 -20.90 47.72 9.50
CA PRO B 61 -19.72 46.93 9.87
C PRO B 61 -18.43 47.52 9.32
N LEU B 62 -17.39 47.49 10.14
CA LEU B 62 -16.07 47.99 9.72
C LEU B 62 -15.19 46.79 9.41
N GLY B 63 -14.68 46.73 8.18
CA GLY B 63 -13.84 45.62 7.82
C GLY B 63 -13.14 45.81 6.50
N LEU B 64 -12.28 44.83 6.19
CA LEU B 64 -11.52 44.84 4.95
C LEU B 64 -11.75 43.59 4.13
N LEU B 65 -11.73 43.76 2.82
CA LEU B 65 -11.86 42.64 1.90
C LEU B 65 -10.54 42.65 1.11
N LEU B 66 -10.02 41.47 0.79
CA LEU B 66 -8.78 41.39 0.06
C LEU B 66 -8.64 40.24 -0.93
N HIS B 67 -7.81 40.48 -1.93
CA HIS B 67 -7.51 39.54 -3.00
C HIS B 67 -5.97 39.62 -3.17
N PRO B 68 -5.23 39.34 -2.09
CA PRO B 68 -3.76 39.37 -2.02
C PRO B 68 -2.90 38.72 -3.11
N PHE B 69 -3.33 37.59 -3.64
CA PHE B 69 -2.53 36.90 -4.63
C PHE B 69 -3.07 37.02 -6.03
N LYS B 70 -3.89 38.05 -6.24
CA LYS B 70 -4.49 38.28 -7.55
C LYS B 70 -3.44 38.46 -8.65
N ASP B 71 -3.69 37.87 -9.82
CA ASP B 71 -2.79 37.99 -10.97
C ASP B 71 -2.69 39.47 -11.30
N LEU B 72 -1.48 39.96 -11.50
CA LEU B 72 -1.28 41.37 -11.81
C LEU B 72 -0.61 41.51 -13.16
N VAL B 73 -0.59 42.73 -13.69
CA VAL B 73 0.04 43.00 -14.97
C VAL B 73 1.52 43.30 -14.74
N GLN B 74 1.79 44.19 -13.80
CA GLN B 74 3.16 44.55 -13.48
C GLN B 74 3.35 44.53 -11.96
N LEU B 75 4.33 43.75 -11.52
CA LEU B 75 4.61 43.63 -10.10
C LEU B 75 6.04 44.01 -9.75
N PRO B 76 6.22 45.03 -8.90
CA PRO B 76 7.55 45.49 -8.50
C PRO B 76 8.19 44.47 -7.58
N VAL B 77 9.27 43.85 -8.05
CA VAL B 77 9.95 42.86 -7.23
C VAL B 77 11.32 43.36 -6.76
N VAL B 78 11.39 43.66 -5.48
CA VAL B 78 12.62 44.11 -4.85
C VAL B 78 13.39 42.87 -4.44
N THR B 79 14.69 42.89 -4.69
CA THR B 79 15.56 41.77 -4.34
C THR B 79 16.50 42.26 -3.25
N SER B 80 16.03 43.27 -2.51
CA SER B 80 16.76 43.93 -1.44
C SER B 80 17.68 43.04 -0.61
N SER B 81 18.91 43.51 -0.41
CA SER B 81 19.90 42.80 0.38
C SER B 81 19.47 42.86 1.84
N THR B 82 18.27 43.39 2.06
CA THR B 82 17.73 43.54 3.40
C THR B 82 16.32 44.11 3.33
N ILE B 83 15.41 43.53 4.10
CA ILE B 83 14.03 43.99 4.12
C ILE B 83 13.92 45.08 5.17
N VAL B 84 13.53 46.29 4.77
CA VAL B 84 13.37 47.38 5.72
C VAL B 84 12.04 47.19 6.46
N ARG B 85 12.08 47.03 7.77
CA ARG B 85 10.86 46.83 8.58
C ARG B 85 10.96 47.49 9.95
N CYS B 86 9.89 48.16 10.38
CA CYS B 86 9.89 48.81 11.68
C CYS B 86 10.40 47.87 12.77
N ARG B 87 11.29 48.37 13.62
CA ARG B 87 11.87 47.54 14.67
C ARG B 87 10.93 47.14 15.79
N SER B 88 9.75 47.75 15.84
CA SER B 88 8.81 47.41 16.91
C SER B 88 7.73 46.46 16.42
N CYS B 89 6.83 46.96 15.60
CA CYS B 89 5.70 46.18 15.08
C CYS B 89 6.06 45.39 13.81
N ARG B 90 7.27 45.60 13.30
CA ARG B 90 7.75 44.89 12.11
C ARG B 90 6.99 45.14 10.82
N THR B 91 6.35 46.29 10.71
CA THR B 91 5.63 46.66 9.49
C THR B 91 6.63 46.96 8.36
N TYR B 92 6.27 46.62 7.13
CA TYR B 92 7.16 46.85 5.99
C TYR B 92 7.22 48.32 5.54
N ILE B 93 8.43 48.84 5.42
CA ILE B 93 8.66 50.20 4.96
C ILE B 93 7.72 50.37 3.77
N ASN B 94 6.77 51.28 3.89
CA ASN B 94 5.80 51.48 2.84
C ASN B 94 5.73 52.93 2.41
N PRO B 95 4.87 53.25 1.43
CA PRO B 95 4.69 54.61 0.90
C PRO B 95 3.97 55.57 1.83
N PHE B 96 3.45 55.06 2.94
CA PHE B 96 2.71 55.92 3.85
C PHE B 96 3.42 56.16 5.16
N VAL B 97 4.73 55.99 5.11
CA VAL B 97 5.58 56.24 6.26
C VAL B 97 5.83 57.74 6.25
N SER B 98 6.31 58.27 7.37
CA SER B 98 6.59 59.70 7.46
C SER B 98 8.10 59.84 7.47
N PHE B 99 8.63 60.42 6.39
CA PHE B 99 10.06 60.63 6.32
C PHE B 99 10.37 61.98 6.91
N LEU B 100 11.24 61.98 7.92
CA LEU B 100 11.62 63.22 8.59
C LEU B 100 13.11 63.51 8.48
N ASP B 101 13.90 62.88 9.33
CA ASP B 101 15.35 63.09 9.34
C ASP B 101 16.02 62.60 8.06
N GLN B 102 15.23 62.32 7.04
CA GLN B 102 15.74 61.83 5.75
C GLN B 102 16.84 60.78 5.99
N ARG B 103 16.83 60.22 7.18
CA ARG B 103 17.76 59.19 7.61
C ARG B 103 17.07 58.50 8.77
N ARG B 104 15.79 58.81 8.90
CA ARG B 104 14.92 58.25 9.93
C ARG B 104 13.50 58.31 9.40
N TRP B 105 12.76 57.22 9.56
CA TRP B 105 11.37 57.18 9.08
C TRP B 105 10.38 56.87 10.19
N LYS B 106 9.21 57.49 10.10
CA LYS B 106 8.16 57.28 11.08
C LYS B 106 7.20 56.20 10.59
N CYS B 107 7.16 55.07 11.31
CA CYS B 107 6.26 53.97 10.96
C CYS B 107 4.81 54.41 11.08
N ASN B 108 4.06 54.32 9.97
CA ASN B 108 2.67 54.73 9.96
C ASN B 108 1.71 53.79 10.69
N LEU B 109 2.24 52.74 11.32
CA LEU B 109 1.37 51.83 12.05
C LEU B 109 1.52 51.88 13.57
N CYS B 110 2.74 52.02 14.08
CA CYS B 110 2.94 52.11 15.52
C CYS B 110 3.67 53.41 15.92
N TYR B 111 3.87 54.27 14.93
CA TYR B 111 4.50 55.59 15.10
C TYR B 111 5.98 55.64 15.46
N ARG B 112 6.54 54.55 15.95
CA ARG B 112 7.96 54.56 16.27
C ARG B 112 8.79 55.04 15.09
N VAL B 113 9.93 55.68 15.40
CA VAL B 113 10.82 56.17 14.37
C VAL B 113 11.98 55.21 14.17
N ASN B 114 12.27 54.88 12.92
CA ASN B 114 13.35 53.95 12.60
C ASN B 114 14.48 54.58 11.79
N ASP B 115 15.60 53.88 11.71
CA ASP B 115 16.76 54.35 10.98
C ASP B 115 16.82 53.71 9.60
N VAL B 116 17.01 54.54 8.57
CA VAL B 116 17.11 54.05 7.21
C VAL B 116 18.56 53.62 7.01
N PRO B 117 18.80 52.30 6.87
CA PRO B 117 20.16 51.77 6.69
C PRO B 117 20.88 52.25 5.43
N GLU B 118 22.20 52.37 5.54
CA GLU B 118 23.05 52.80 4.43
C GLU B 118 23.05 51.71 3.38
N GLU B 119 21.90 51.51 2.75
CA GLU B 119 21.71 50.51 1.72
C GLU B 119 20.43 50.92 0.99
N PHE B 120 19.62 51.69 1.70
CA PHE B 120 18.34 52.16 1.19
C PHE B 120 18.47 53.45 0.38
N LEU B 121 19.69 53.95 0.23
CA LEU B 121 19.91 55.17 -0.54
C LEU B 121 20.30 54.86 -1.98
N GLU B 131 18.19 60.35 -1.91
CA GLU B 131 16.73 60.41 -1.93
C GLU B 131 16.16 59.03 -1.58
N PRO B 132 16.14 58.68 -0.28
CA PRO B 132 15.62 57.38 0.16
C PRO B 132 14.14 57.22 -0.15
N HIS B 133 13.45 58.34 -0.32
CA HIS B 133 12.03 58.36 -0.60
C HIS B 133 11.69 57.99 -2.05
N ARG B 134 12.73 57.87 -2.87
CA ARG B 134 12.54 57.54 -4.28
C ARG B 134 12.61 56.02 -4.48
N ARG B 135 13.00 55.33 -3.40
CA ARG B 135 13.12 53.88 -3.38
C ARG B 135 11.78 53.24 -3.77
N PRO B 136 11.83 52.08 -4.47
CA PRO B 136 10.63 51.37 -4.92
C PRO B 136 9.67 50.98 -3.79
N GLU B 137 10.22 50.58 -2.65
CA GLU B 137 9.39 50.21 -1.50
C GLU B 137 8.47 51.32 -1.03
N VAL B 138 8.74 52.56 -1.44
CA VAL B 138 7.90 53.67 -0.98
C VAL B 138 7.13 54.30 -2.13
N GLN B 139 7.37 53.82 -3.34
CA GLN B 139 6.67 54.33 -4.51
C GLN B 139 5.63 53.32 -5.01
N ASN B 140 5.45 52.26 -4.24
CA ASN B 140 4.50 51.21 -4.60
C ASN B 140 3.81 50.63 -3.37
N ALA B 141 2.48 50.51 -3.44
CA ALA B 141 1.67 49.98 -2.36
C ALA B 141 1.64 48.46 -2.43
N THR B 142 1.90 47.94 -3.62
CA THR B 142 1.92 46.52 -3.85
C THR B 142 3.33 46.23 -4.31
N ILE B 143 3.93 45.20 -3.74
CA ILE B 143 5.31 44.88 -4.06
C ILE B 143 5.69 43.49 -3.57
N GLU B 144 6.66 42.87 -4.24
CA GLU B 144 7.09 41.56 -3.81
C GLU B 144 8.56 41.54 -3.44
N PHE B 145 8.83 41.03 -2.24
CA PHE B 145 10.19 40.92 -1.73
C PHE B 145 10.68 39.48 -1.84
N MET B 146 11.99 39.32 -1.88
CA MET B 146 12.65 38.02 -1.96
C MET B 146 13.05 37.74 -0.53
N ALA B 147 12.48 36.71 0.07
CA ALA B 147 12.75 36.40 1.46
C ALA B 147 14.13 35.83 1.78
N PRO B 148 14.83 36.43 2.75
CA PRO B 148 16.15 35.92 3.11
C PRO B 148 15.99 34.60 3.89
N SER B 149 17.11 33.93 4.15
CA SER B 149 17.15 32.64 4.83
C SER B 149 16.36 32.46 6.13
N GLU B 150 16.16 33.53 6.88
CA GLU B 150 15.43 33.41 8.15
C GLU B 150 13.92 33.54 7.98
N TYR B 151 13.45 33.54 6.74
CA TYR B 151 12.01 33.64 6.51
C TYR B 151 11.49 32.29 6.05
N MET B 152 12.24 31.23 6.36
CA MET B 152 11.84 29.88 5.99
C MET B 152 12.29 28.87 7.03
N LEU B 153 11.34 28.07 7.49
CA LEU B 153 11.58 27.05 8.49
C LEU B 153 12.30 25.87 7.87
N ARG B 154 12.38 25.84 6.54
CA ARG B 154 13.03 24.74 5.85
C ARG B 154 13.23 25.06 4.37
N PRO B 155 14.10 24.29 3.70
CA PRO B 155 14.36 24.51 2.27
C PRO B 155 13.06 24.59 1.50
N PRO B 156 12.96 25.53 0.56
CA PRO B 156 11.75 25.69 -0.26
C PRO B 156 11.24 24.34 -0.73
N GLN B 157 10.03 23.99 -0.35
CA GLN B 157 9.49 22.70 -0.75
C GLN B 157 9.26 22.68 -2.25
N PRO B 158 9.37 21.50 -2.87
CA PRO B 158 9.14 21.40 -4.30
C PRO B 158 7.63 21.39 -4.57
N PRO B 159 7.23 21.57 -5.82
CA PRO B 159 5.80 21.56 -6.13
C PRO B 159 5.31 20.11 -6.16
N VAL B 160 4.29 19.78 -5.36
CA VAL B 160 3.76 18.42 -5.27
C VAL B 160 2.23 18.36 -5.47
N TYR B 161 1.80 17.67 -6.53
CA TYR B 161 0.39 17.54 -6.84
C TYR B 161 -0.08 16.09 -6.65
N LEU B 162 -1.14 15.90 -5.85
CA LEU B 162 -1.67 14.57 -5.60
C LEU B 162 -3.15 14.50 -5.96
N PHE B 163 -3.46 13.77 -7.02
CA PHE B 163 -4.83 13.63 -7.47
C PHE B 163 -5.46 12.36 -6.90
N VAL B 164 -6.55 12.54 -6.16
CA VAL B 164 -7.25 11.43 -5.53
C VAL B 164 -8.65 11.29 -6.12
N PHE B 165 -8.85 10.28 -6.98
CA PHE B 165 -10.14 10.06 -7.63
C PHE B 165 -11.03 8.98 -7.03
N ASP B 166 -12.31 9.31 -6.90
CA ASP B 166 -13.29 8.35 -6.42
C ASP B 166 -13.66 7.52 -7.65
N VAL B 167 -13.72 6.20 -7.51
CA VAL B 167 -14.02 5.34 -8.65
C VAL B 167 -15.21 4.38 -8.44
N SER B 168 -16.09 4.77 -7.52
CA SER B 168 -17.28 3.99 -7.22
C SER B 168 -18.13 3.79 -8.48
N HIS B 169 -19.11 2.89 -8.39
CA HIS B 169 -20.02 2.59 -9.49
C HIS B 169 -20.65 3.88 -9.98
N ASN B 170 -21.18 4.67 -9.05
CA ASN B 170 -21.80 5.93 -9.40
C ASN B 170 -20.77 6.86 -10.04
N ALA B 171 -19.57 6.93 -9.46
CA ALA B 171 -18.51 7.79 -9.97
C ALA B 171 -18.25 7.41 -11.43
N VAL B 172 -18.16 6.10 -11.66
CA VAL B 172 -17.95 5.58 -12.99
C VAL B 172 -19.08 6.01 -13.92
N GLU B 173 -20.31 5.94 -13.42
CA GLU B 173 -21.47 6.32 -14.22
C GLU B 173 -21.50 7.79 -14.62
N THR B 174 -20.91 8.66 -13.81
CA THR B 174 -20.91 10.08 -14.13
C THR B 174 -19.97 10.34 -15.29
N GLY B 175 -18.95 9.48 -15.41
CA GLY B 175 -17.99 9.61 -16.48
C GLY B 175 -17.19 10.90 -16.47
N TYR B 176 -16.71 11.31 -15.30
CA TYR B 176 -15.92 12.54 -15.19
C TYR B 176 -14.43 12.24 -15.32
N LEU B 177 -14.04 11.05 -14.86
CA LEU B 177 -12.64 10.65 -14.89
C LEU B 177 -11.96 10.85 -16.23
N ASN B 178 -12.72 10.64 -17.31
CA ASN B 178 -12.17 10.81 -18.65
C ASN B 178 -11.72 12.26 -18.86
N SER B 179 -12.64 13.21 -18.75
CA SER B 179 -12.29 14.62 -18.94
C SER B 179 -11.18 15.07 -17.98
N VAL B 180 -11.29 14.71 -16.71
CA VAL B 180 -10.26 15.10 -15.75
C VAL B 180 -8.92 14.63 -16.30
N CYS B 181 -8.82 13.33 -16.59
CA CYS B 181 -7.58 12.78 -17.12
C CYS B 181 -7.21 13.49 -18.41
N GLN B 182 -8.20 13.74 -19.25
CA GLN B 182 -7.95 14.42 -20.51
C GLN B 182 -7.37 15.81 -20.28
N SER B 183 -7.92 16.52 -19.31
CA SER B 183 -7.44 17.87 -19.01
C SER B 183 -6.04 17.83 -18.45
N LEU B 184 -5.75 16.81 -17.64
CA LEU B 184 -4.43 16.68 -17.07
C LEU B 184 -3.41 16.43 -18.16
N LEU B 185 -3.74 15.53 -19.09
CA LEU B 185 -2.83 15.24 -20.18
C LEU B 185 -2.60 16.54 -20.93
N ASP B 186 -3.68 17.18 -21.33
CA ASP B 186 -3.59 18.44 -22.07
C ASP B 186 -2.77 19.51 -21.38
N ASN B 187 -2.79 19.51 -20.04
CA ASN B 187 -2.06 20.52 -19.27
C ASN B 187 -0.91 20.02 -18.41
N LEU B 188 -0.38 18.85 -18.73
CA LEU B 188 0.73 18.32 -17.94
C LEU B 188 1.89 19.33 -17.90
N ASP B 189 2.35 19.79 -19.06
CA ASP B 189 3.44 20.74 -19.14
C ASP B 189 3.16 22.15 -18.60
N LEU B 190 1.90 22.47 -18.32
CA LEU B 190 1.59 23.80 -17.81
C LEU B 190 1.51 23.91 -16.28
N LEU B 191 1.54 22.78 -15.59
CA LEU B 191 1.49 22.80 -14.13
C LEU B 191 2.64 23.60 -13.57
N PRO B 192 2.35 24.59 -12.72
CA PRO B 192 3.41 25.42 -12.13
C PRO B 192 4.49 24.56 -11.51
N GLY B 193 5.76 24.91 -11.76
CA GLY B 193 6.83 24.14 -11.18
C GLY B 193 7.99 23.91 -12.12
N ASN B 194 9.15 23.69 -11.52
CA ASN B 194 10.39 23.44 -12.24
C ASN B 194 10.63 21.93 -12.31
N THR B 195 11.89 21.53 -12.48
CA THR B 195 12.21 20.11 -12.58
C THR B 195 11.93 19.36 -11.29
N ARG B 196 11.78 20.08 -10.18
CA ARG B 196 11.52 19.42 -8.90
C ARG B 196 10.08 18.93 -8.73
N THR B 197 9.18 19.28 -9.65
CA THR B 197 7.78 18.89 -9.54
C THR B 197 7.53 17.40 -9.35
N LYS B 198 6.69 17.09 -8.39
CA LYS B 198 6.32 15.71 -8.10
C LYS B 198 4.82 15.54 -8.29
N ILE B 199 4.43 14.47 -8.96
CA ILE B 199 3.02 14.20 -9.20
C ILE B 199 2.69 12.78 -8.76
N GLY B 200 1.45 12.57 -8.34
CA GLY B 200 1.03 11.27 -7.84
C GLY B 200 -0.45 11.05 -8.13
N PHE B 201 -0.94 9.83 -7.87
CA PHE B 201 -2.31 9.46 -8.14
C PHE B 201 -2.85 8.38 -7.21
N ILE B 202 -4.09 8.54 -6.80
CA ILE B 202 -4.77 7.59 -5.92
C ILE B 202 -6.23 7.47 -6.30
N THR B 203 -6.71 6.25 -6.47
CA THR B 203 -8.14 6.06 -6.75
C THR B 203 -8.69 5.32 -5.54
N PHE B 204 -10.01 5.27 -5.40
CA PHE B 204 -10.57 4.59 -4.26
C PHE B 204 -12.07 4.33 -4.40
N ASP B 205 -12.50 3.27 -3.74
CA ASP B 205 -13.89 2.85 -3.70
C ASP B 205 -14.04 2.34 -2.26
N SER B 206 -14.25 1.03 -2.10
CA SER B 206 -14.33 0.50 -0.76
C SER B 206 -12.88 0.34 -0.26
N THR B 207 -11.92 0.50 -1.18
CA THR B 207 -10.50 0.36 -0.84
C THR B 207 -9.67 1.49 -1.42
N ILE B 208 -8.43 1.62 -0.93
CA ILE B 208 -7.50 2.66 -1.38
C ILE B 208 -6.55 2.10 -2.40
N HIS B 209 -6.51 2.72 -3.58
CA HIS B 209 -5.68 2.27 -4.68
C HIS B 209 -4.49 3.19 -5.03
N PHE B 210 -3.28 2.77 -4.66
CA PHE B 210 -2.07 3.54 -4.97
C PHE B 210 -1.55 3.13 -6.36
N TYR B 211 -0.75 3.98 -6.98
CA TYR B 211 -0.22 3.69 -8.30
C TYR B 211 1.28 3.97 -8.45
N GLY B 212 2.08 2.92 -8.46
CA GLY B 212 3.52 3.06 -8.60
C GLY B 212 3.91 3.23 -10.06
N LEU B 213 4.95 4.04 -10.32
CA LEU B 213 5.40 4.27 -11.68
C LEU B 213 6.92 4.21 -11.75
N GLN B 214 7.42 3.14 -12.37
CA GLN B 214 8.85 2.87 -12.54
C GLN B 214 9.16 2.61 -14.00
N GLU B 215 10.17 3.28 -14.52
CA GLU B 215 10.57 3.12 -15.91
C GLU B 215 11.01 1.68 -16.21
N SER B 216 11.49 0.98 -15.17
CA SER B 216 11.95 -0.39 -15.33
C SER B 216 10.81 -1.38 -15.55
N LEU B 217 9.61 -1.01 -15.16
CA LEU B 217 8.47 -1.90 -15.30
C LEU B 217 7.59 -1.63 -16.52
N SER B 218 7.04 -2.71 -17.08
CA SER B 218 6.19 -2.66 -18.27
C SER B 218 4.96 -1.77 -18.10
N GLN B 219 4.38 -1.79 -16.90
CA GLN B 219 3.20 -1.00 -16.65
C GLN B 219 3.07 -0.60 -15.18
N PRO B 220 2.31 0.48 -14.89
CA PRO B 220 2.08 0.99 -13.54
C PRO B 220 1.49 -0.04 -12.57
N GLN B 221 1.92 -0.01 -11.31
CA GLN B 221 1.40 -0.96 -10.35
C GLN B 221 0.29 -0.38 -9.49
N MET B 222 -0.86 -1.04 -9.49
CA MET B 222 -1.97 -0.56 -8.69
C MET B 222 -1.87 -1.25 -7.33
N LEU B 223 -1.19 -0.59 -6.39
CA LEU B 223 -1.01 -1.12 -5.04
C LEU B 223 -2.26 -0.81 -4.22
N ILE B 224 -3.00 -1.86 -3.84
CA ILE B 224 -4.25 -1.73 -3.10
C ILE B 224 -4.23 -2.07 -1.61
N VAL B 225 -4.53 -1.09 -0.76
CA VAL B 225 -4.58 -1.38 0.67
C VAL B 225 -6.08 -1.49 1.00
N SER B 226 -6.45 -2.60 1.63
CA SER B 226 -7.85 -2.85 1.98
C SER B 226 -8.15 -2.64 3.46
N ASP B 227 -7.10 -2.41 4.25
CA ASP B 227 -7.26 -2.18 5.69
C ASP B 227 -7.63 -0.71 5.89
N ILE B 228 -8.93 -0.47 5.87
CA ILE B 228 -9.53 0.85 6.01
C ILE B 228 -9.34 1.54 7.37
N GLU B 229 -9.16 0.76 8.44
CA GLU B 229 -8.96 1.33 9.77
C GLU B 229 -7.48 1.48 10.11
N ASP B 230 -6.62 1.03 9.22
CA ASP B 230 -5.19 1.10 9.49
C ASP B 230 -4.40 1.37 8.23
N VAL B 231 -4.70 2.49 7.58
CA VAL B 231 -4.05 2.86 6.33
C VAL B 231 -2.53 3.01 6.47
N PHE B 232 -1.82 2.90 5.36
CA PHE B 232 -0.37 3.04 5.37
C PHE B 232 0.15 3.18 3.94
N ILE B 233 1.31 3.80 3.76
CA ILE B 233 1.87 3.95 2.42
C ILE B 233 2.49 2.59 2.08
N PRO B 234 2.08 2.00 0.95
CA PRO B 234 2.58 0.69 0.52
C PRO B 234 4.00 0.63 -0.04
N MET B 235 4.51 1.75 -0.56
CA MET B 235 5.85 1.78 -1.15
C MET B 235 6.53 3.10 -0.80
N PRO B 236 7.87 3.12 -0.81
CA PRO B 236 8.59 4.37 -0.48
C PRO B 236 9.16 5.25 -1.59
N GLU B 237 9.24 4.76 -2.82
CA GLU B 237 9.88 5.57 -3.86
C GLU B 237 9.17 6.04 -5.13
N ASN B 238 8.24 5.26 -5.67
CA ASN B 238 7.59 5.65 -6.92
C ASN B 238 6.11 6.01 -6.90
N LEU B 239 5.60 6.50 -5.77
CA LEU B 239 4.20 6.88 -5.70
C LEU B 239 4.07 8.38 -6.00
N LEU B 240 5.05 9.14 -5.53
CA LEU B 240 5.11 10.57 -5.80
C LEU B 240 6.34 10.68 -6.67
N VAL B 241 6.12 10.57 -7.97
CA VAL B 241 7.20 10.61 -8.94
C VAL B 241 7.53 11.99 -9.48
N ASN B 242 8.74 12.10 -10.05
CA ASN B 242 9.23 13.33 -10.64
C ASN B 242 8.64 13.44 -12.04
N LEU B 243 7.72 14.38 -12.20
CA LEU B 243 7.03 14.61 -13.46
C LEU B 243 7.97 14.73 -14.66
N ASN B 244 8.99 15.58 -14.51
CA ASN B 244 9.96 15.80 -15.57
C ASN B 244 10.52 14.47 -16.09
N GLU B 245 11.03 13.65 -15.18
CA GLU B 245 11.62 12.36 -15.55
C GLU B 245 10.63 11.27 -15.92
N SER B 246 9.42 11.31 -15.35
CA SER B 246 8.43 10.27 -15.62
C SER B 246 7.23 10.68 -16.46
N LYS B 247 7.32 11.84 -17.12
CA LYS B 247 6.24 12.36 -17.96
C LYS B 247 5.51 11.22 -18.70
N GLU B 248 6.28 10.41 -19.45
CA GLU B 248 5.75 9.28 -20.22
C GLU B 248 4.92 8.35 -19.35
N LEU B 249 5.55 7.90 -18.27
CA LEU B 249 4.91 6.98 -17.34
C LEU B 249 3.59 7.51 -16.80
N VAL B 250 3.50 8.80 -16.50
CA VAL B 250 2.25 9.33 -15.98
C VAL B 250 1.22 9.49 -17.10
N GLN B 251 1.69 9.74 -18.31
CA GLN B 251 0.80 9.88 -19.46
C GLN B 251 0.06 8.58 -19.80
N ASP B 252 0.71 7.44 -19.64
CA ASP B 252 0.06 6.16 -19.92
C ASP B 252 -1.02 5.97 -18.89
N LEU B 253 -0.68 6.22 -17.63
CA LEU B 253 -1.62 6.07 -16.54
C LEU B 253 -2.89 6.88 -16.79
N LEU B 254 -2.71 8.15 -17.17
CA LEU B 254 -3.86 9.01 -17.44
C LEU B 254 -4.70 8.47 -18.59
N LYS B 255 -4.07 7.70 -19.47
CA LYS B 255 -4.79 7.12 -20.60
C LYS B 255 -5.38 5.77 -20.19
N THR B 256 -4.84 5.21 -19.11
CA THR B 256 -5.28 3.90 -18.64
C THR B 256 -6.43 3.95 -17.64
N LEU B 257 -6.33 4.89 -16.69
CA LEU B 257 -7.34 4.99 -15.64
C LEU B 257 -8.80 4.99 -16.07
N PRO B 258 -9.18 5.88 -17.00
CA PRO B 258 -10.57 5.92 -17.44
C PRO B 258 -11.14 4.55 -17.83
N GLN B 259 -10.33 3.77 -18.53
CA GLN B 259 -10.73 2.45 -18.99
C GLN B 259 -10.67 1.35 -17.93
N MET B 260 -10.18 1.68 -16.75
CA MET B 260 -10.02 0.72 -15.66
C MET B 260 -11.19 0.23 -14.82
N PHE B 261 -12.23 1.04 -14.66
CA PHE B 261 -13.35 0.63 -13.77
C PHE B 261 -14.73 0.46 -14.41
N THR B 262 -14.78 0.52 -15.73
CA THR B 262 -16.05 0.39 -16.44
C THR B 262 -17.03 -0.64 -15.85
N LYS B 263 -16.55 -1.86 -15.61
CA LYS B 263 -17.40 -2.93 -15.08
C LYS B 263 -17.50 -2.99 -13.55
N THR B 264 -16.93 -2.00 -12.88
CA THR B 264 -16.96 -1.95 -11.41
C THR B 264 -18.33 -2.18 -10.81
N LEU B 265 -18.36 -2.90 -9.70
CA LEU B 265 -19.62 -3.17 -8.98
C LEU B 265 -19.57 -2.51 -7.60
N GLU B 266 -18.44 -1.90 -7.27
CA GLU B 266 -18.26 -1.20 -5.99
C GLU B 266 -19.36 -0.15 -5.87
N THR B 267 -20.01 -0.11 -4.71
CA THR B 267 -21.11 0.83 -4.49
C THR B 267 -20.79 1.84 -3.38
N GLN B 268 -19.96 1.42 -2.43
CA GLN B 268 -19.58 2.26 -1.31
C GLN B 268 -18.29 3.03 -1.50
N SER B 269 -18.20 4.20 -0.88
CA SER B 269 -17.03 5.05 -0.99
C SER B 269 -16.42 5.30 0.38
N ALA B 270 -15.12 5.05 0.52
CA ALA B 270 -14.43 5.25 1.80
C ALA B 270 -13.53 6.49 1.76
N LEU B 271 -14.15 7.63 1.49
CA LEU B 271 -13.44 8.90 1.38
C LEU B 271 -12.55 9.22 2.59
N GLY B 272 -13.03 8.90 3.79
CA GLY B 272 -12.26 9.19 4.98
C GLY B 272 -10.88 8.53 4.93
N PRO B 273 -10.86 7.19 4.92
CA PRO B 273 -9.60 6.43 4.86
C PRO B 273 -8.76 6.87 3.67
N ALA B 274 -9.42 7.05 2.53
CA ALA B 274 -8.68 7.49 1.35
C ALA B 274 -7.92 8.80 1.66
N LEU B 275 -8.62 9.81 2.17
CA LEU B 275 -7.95 11.07 2.48
C LEU B 275 -6.82 10.91 3.50
N GLN B 276 -7.01 10.04 4.49
CA GLN B 276 -5.97 9.82 5.50
C GLN B 276 -4.76 9.24 4.80
N ALA B 277 -4.98 8.33 3.85
CA ALA B 277 -3.87 7.75 3.11
C ALA B 277 -3.22 8.86 2.28
N ALA B 278 -4.05 9.68 1.64
CA ALA B 278 -3.56 10.79 0.86
C ALA B 278 -2.67 11.65 1.76
N PHE B 279 -3.15 11.89 2.98
CA PHE B 279 -2.40 12.70 3.92
C PHE B 279 -1.00 12.15 4.18
N LYS B 280 -0.92 10.87 4.55
CA LYS B 280 0.38 10.27 4.84
C LYS B 280 1.34 10.34 3.68
N LEU B 281 0.83 10.26 2.46
CA LEU B 281 1.69 10.29 1.30
C LEU B 281 2.33 11.66 1.06
N MET B 282 1.65 12.72 1.48
CA MET B 282 2.16 14.07 1.27
C MET B 282 2.77 14.66 2.53
N SER B 283 2.31 14.17 3.67
CA SER B 283 2.79 14.62 4.96
C SER B 283 4.29 15.02 4.92
N PRO B 284 5.12 14.24 4.24
CA PRO B 284 6.55 14.58 4.18
C PRO B 284 6.97 15.86 3.42
N THR B 285 6.23 16.25 2.38
CA THR B 285 6.62 17.43 1.62
C THR B 285 5.56 18.50 1.61
N GLY B 286 4.31 18.07 1.75
CA GLY B 286 3.22 19.02 1.69
C GLY B 286 2.92 19.14 0.22
N GLY B 287 1.95 19.97 -0.14
CA GLY B 287 1.62 20.13 -1.54
C GLY B 287 0.15 20.37 -1.75
N ARG B 288 -0.33 20.04 -2.94
CA ARG B 288 -1.75 20.22 -3.26
C ARG B 288 -2.44 18.89 -3.56
N MET B 289 -3.50 18.61 -2.81
CA MET B 289 -4.28 17.39 -2.99
C MET B 289 -5.61 17.75 -3.65
N SER B 290 -5.85 17.19 -4.82
CA SER B 290 -7.07 17.45 -5.55
C SER B 290 -7.95 16.24 -5.37
N VAL B 291 -9.11 16.44 -4.76
CA VAL B 291 -10.03 15.34 -4.52
C VAL B 291 -11.31 15.45 -5.34
N PHE B 292 -11.63 14.39 -6.07
CA PHE B 292 -12.84 14.35 -6.88
C PHE B 292 -13.79 13.29 -6.30
N GLN B 293 -14.86 13.75 -5.65
CA GLN B 293 -15.83 12.85 -5.03
C GLN B 293 -17.18 13.00 -5.72
N THR B 294 -17.94 11.91 -5.82
CA THR B 294 -19.22 11.94 -6.50
C THR B 294 -20.45 11.57 -5.66
N GLN B 295 -20.23 11.13 -4.43
CA GLN B 295 -21.37 10.74 -3.61
C GLN B 295 -21.09 10.81 -2.13
N LEU B 296 -22.15 10.59 -1.37
CA LEU B 296 -22.10 10.56 0.08
C LEU B 296 -21.08 9.48 0.49
N PRO B 297 -20.16 9.81 1.42
CA PRO B 297 -19.18 8.81 1.87
C PRO B 297 -19.95 7.85 2.78
N THR B 298 -19.75 6.56 2.64
CA THR B 298 -20.52 5.64 3.48
C THR B 298 -19.73 4.45 4.01
N LEU B 299 -18.41 4.50 3.86
CA LEU B 299 -17.60 3.38 4.32
C LEU B 299 -16.40 3.85 5.11
N GLY B 300 -16.18 3.24 6.25
CA GLY B 300 -15.05 3.59 7.07
C GLY B 300 -15.21 4.86 7.86
N VAL B 301 -14.12 5.30 8.47
CA VAL B 301 -14.12 6.51 9.27
C VAL B 301 -14.42 7.69 8.34
N GLY B 302 -15.24 8.61 8.83
CA GLY B 302 -15.61 9.77 8.03
C GLY B 302 -16.99 9.57 7.45
N ALA B 303 -17.55 8.39 7.74
CA ALA B 303 -18.89 8.01 7.28
C ALA B 303 -19.90 9.08 7.61
N LEU B 304 -20.85 9.27 6.71
CA LEU B 304 -21.89 10.28 6.86
C LEU B 304 -23.27 9.69 6.60
N LYS B 305 -24.25 10.04 7.43
CA LYS B 305 -25.62 9.53 7.27
C LYS B 305 -26.36 10.31 6.17
N PRO B 306 -27.28 9.65 5.45
CA PRO B 306 -28.01 10.37 4.40
C PRO B 306 -28.98 11.31 5.10
N ARG B 307 -29.36 12.38 4.41
CA ARG B 307 -30.27 13.36 4.97
C ARG B 307 -31.36 13.55 3.94
N GLU B 308 -32.53 13.99 4.39
CA GLU B 308 -33.63 14.22 3.47
C GLU B 308 -33.65 15.69 3.04
N GLU B 309 -33.69 15.91 1.73
CA GLU B 309 -33.71 17.26 1.17
C GLU B 309 -34.97 18.03 1.54
N PRO B 310 -34.84 19.33 1.85
CA PRO B 310 -35.99 20.17 2.22
C PRO B 310 -36.91 20.37 1.02
N ASN B 311 -37.74 21.42 1.10
CA ASN B 311 -38.65 21.78 0.02
C ASN B 311 -39.15 23.19 0.30
N HIS B 312 -39.84 23.78 -0.67
CA HIS B 312 -40.36 25.13 -0.52
C HIS B 312 -41.29 25.27 0.69
N ARG B 313 -41.68 24.14 1.26
CA ARG B 313 -42.59 24.14 2.41
C ARG B 313 -41.90 24.22 3.77
N SER B 314 -40.75 23.57 3.89
CA SER B 314 -39.99 23.57 5.16
C SER B 314 -39.51 24.98 5.55
N SER B 315 -39.66 25.31 6.82
CA SER B 315 -39.27 26.63 7.34
C SER B 315 -37.76 26.83 7.39
N ALA B 316 -37.32 27.78 8.21
CA ALA B 316 -35.89 28.07 8.36
C ALA B 316 -35.29 27.33 9.54
N LYS B 317 -35.87 26.18 9.87
CA LYS B 317 -35.38 25.34 10.97
C LYS B 317 -34.38 24.33 10.42
N MET B 321 -27.21 22.89 7.95
CA MET B 321 -26.24 23.95 7.74
C MET B 321 -24.84 23.59 8.22
N THR B 322 -24.77 23.17 9.49
CA THR B 322 -23.51 22.79 10.13
C THR B 322 -23.08 21.36 9.79
N PRO B 323 -21.79 21.04 10.02
CA PRO B 323 -21.22 19.71 9.75
C PRO B 323 -21.77 18.66 10.72
N SER B 324 -22.05 17.47 10.22
CA SER B 324 -22.56 16.40 11.06
C SER B 324 -21.41 15.70 11.80
N THR B 325 -20.18 15.90 11.32
CA THR B 325 -19.02 15.32 11.98
C THR B 325 -17.85 16.28 11.90
N ASP B 326 -16.86 16.07 12.76
CA ASP B 326 -15.69 16.93 12.79
C ASP B 326 -14.49 16.22 12.16
N PHE B 327 -14.69 14.98 11.72
CA PHE B 327 -13.61 14.21 11.11
C PHE B 327 -12.84 15.01 10.06
N TYR B 328 -13.58 15.58 9.11
CA TYR B 328 -12.98 16.34 8.03
C TYR B 328 -12.30 17.63 8.51
N LYS B 329 -12.80 18.20 9.61
CA LYS B 329 -12.19 19.41 10.15
C LYS B 329 -10.85 19.02 10.79
N LYS B 330 -10.89 17.97 11.60
CA LYS B 330 -9.69 17.48 12.27
C LYS B 330 -8.62 17.12 11.23
N LEU B 331 -9.04 16.44 10.16
CA LEU B 331 -8.12 16.02 9.10
C LEU B 331 -7.47 17.22 8.41
N ALA B 332 -8.26 18.26 8.15
CA ALA B 332 -7.75 19.47 7.50
C ALA B 332 -6.68 20.14 8.36
N LEU B 333 -6.95 20.27 9.66
CA LEU B 333 -5.99 20.87 10.57
C LEU B 333 -4.67 20.11 10.49
N ASP B 334 -4.76 18.80 10.28
CA ASP B 334 -3.56 17.98 10.16
C ASP B 334 -2.88 18.27 8.83
N CYS B 335 -3.67 18.34 7.77
CA CYS B 335 -3.09 18.64 6.45
C CYS B 335 -2.38 19.99 6.56
N SER B 336 -3.09 20.97 7.11
CA SER B 336 -2.54 22.30 7.27
C SER B 336 -1.16 22.31 7.95
N GLY B 337 -1.03 21.56 9.04
CA GLY B 337 0.24 21.50 9.73
C GLY B 337 1.37 20.90 8.91
N GLN B 338 1.02 20.17 7.85
CA GLN B 338 2.05 19.56 7.02
C GLN B 338 2.14 20.29 5.68
N GLN B 339 1.61 21.50 5.63
CA GLN B 339 1.65 22.31 4.42
C GLN B 339 0.90 21.66 3.29
N VAL B 340 -0.20 20.99 3.64
CA VAL B 340 -1.07 20.32 2.69
C VAL B 340 -2.40 21.05 2.63
N ALA B 341 -2.81 21.42 1.42
CA ALA B 341 -4.08 22.09 1.21
C ALA B 341 -4.93 21.08 0.44
N VAL B 342 -6.24 21.13 0.62
CA VAL B 342 -7.12 20.20 -0.07
C VAL B 342 -8.25 20.84 -0.84
N ASP B 343 -8.24 20.68 -2.16
CA ASP B 343 -9.28 21.23 -3.00
C ASP B 343 -10.31 20.12 -3.25
N LEU B 344 -11.58 20.42 -3.04
CA LEU B 344 -12.66 19.46 -3.22
C LEU B 344 -13.49 19.63 -4.48
N PHE B 345 -13.65 18.55 -5.23
CA PHE B 345 -14.46 18.56 -6.45
C PHE B 345 -15.65 17.61 -6.22
N LEU B 346 -16.83 18.19 -5.99
CA LEU B 346 -18.03 17.40 -5.74
C LEU B 346 -18.90 17.40 -6.99
N LEU B 347 -19.06 16.22 -7.60
CA LEU B 347 -19.88 16.08 -8.80
C LEU B 347 -20.96 15.06 -8.45
N SER B 348 -21.78 15.43 -7.49
CA SER B 348 -22.83 14.56 -6.99
C SER B 348 -24.24 14.85 -7.49
N GLY B 349 -24.98 13.79 -7.78
CA GLY B 349 -26.35 13.93 -8.24
C GLY B 349 -27.34 13.69 -7.10
N GLN B 350 -26.82 13.54 -5.88
CA GLN B 350 -27.61 13.31 -4.69
C GLN B 350 -26.89 13.92 -3.49
N TYR B 351 -27.67 14.23 -2.46
CA TYR B 351 -27.14 14.83 -1.23
C TYR B 351 -25.85 14.10 -0.90
N SER B 352 -24.83 14.85 -0.50
CA SER B 352 -23.56 14.22 -0.17
C SER B 352 -23.00 14.85 1.09
N ASP B 353 -23.81 15.70 1.72
CA ASP B 353 -23.41 16.37 2.94
C ASP B 353 -22.17 17.25 2.78
N LEU B 354 -22.18 18.08 1.75
CA LEU B 354 -21.08 19.00 1.50
C LEU B 354 -20.84 19.85 2.75
N ALA B 355 -21.88 20.01 3.56
CA ALA B 355 -21.78 20.78 4.79
C ALA B 355 -20.70 20.22 5.71
N SER B 356 -20.36 18.94 5.54
CA SER B 356 -19.33 18.30 6.36
C SER B 356 -18.03 18.14 5.58
N LEU B 357 -18.16 17.84 4.30
CA LEU B 357 -17.02 17.66 3.41
C LEU B 357 -16.24 18.97 3.22
N GLY B 358 -16.96 20.05 2.97
CA GLY B 358 -16.31 21.33 2.75
C GLY B 358 -15.19 21.59 3.74
N CYS B 359 -15.40 21.19 4.99
CA CYS B 359 -14.39 21.42 6.01
C CYS B 359 -12.98 21.06 5.57
N ILE B 360 -12.85 20.03 4.74
CA ILE B 360 -11.53 19.60 4.29
C ILE B 360 -10.83 20.69 3.47
N SER B 361 -11.61 21.64 2.94
CA SER B 361 -11.01 22.72 2.16
C SER B 361 -10.90 24.03 2.92
N ARG B 362 -11.95 24.37 3.68
CA ARG B 362 -11.98 25.62 4.44
C ARG B 362 -10.78 25.78 5.36
N TYR B 363 -10.54 24.77 6.19
CA TYR B 363 -9.45 24.83 7.14
C TYR B 363 -8.06 24.50 6.62
N SER B 364 -7.95 24.09 5.35
CA SER B 364 -6.63 23.79 4.79
C SER B 364 -6.28 24.77 3.68
N ALA B 365 -7.05 25.84 3.59
CA ALA B 365 -6.83 26.88 2.59
C ALA B 365 -7.06 26.36 1.18
N GLY B 366 -7.82 25.28 1.06
CA GLY B 366 -8.14 24.75 -0.26
C GLY B 366 -9.33 25.53 -0.79
N SER B 367 -10.13 24.89 -1.62
CA SER B 367 -11.32 25.52 -2.18
C SER B 367 -12.18 24.40 -2.76
N VAL B 368 -13.49 24.53 -2.64
CA VAL B 368 -14.38 23.50 -3.15
C VAL B 368 -15.04 23.90 -4.47
N TYR B 369 -15.18 22.93 -5.37
CA TYR B 369 -15.80 23.15 -6.67
C TYR B 369 -16.99 22.20 -6.75
N TYR B 370 -18.15 22.72 -7.13
CA TYR B 370 -19.37 21.93 -7.17
C TYR B 370 -20.03 21.78 -8.54
N TYR B 371 -20.25 20.54 -8.95
CA TYR B 371 -20.88 20.28 -10.24
C TYR B 371 -22.07 19.38 -9.99
N PRO B 372 -23.20 19.99 -9.62
CA PRO B 372 -24.46 19.29 -9.33
C PRO B 372 -24.95 18.45 -10.48
N SER B 373 -25.28 17.21 -10.18
CA SER B 373 -25.79 16.27 -11.17
C SER B 373 -24.91 16.19 -12.42
N TYR B 374 -23.62 16.05 -12.21
CA TYR B 374 -22.66 15.94 -13.29
C TYR B 374 -22.84 14.60 -14.00
N HIS B 375 -22.86 14.63 -15.33
CA HIS B 375 -22.99 13.41 -16.14
C HIS B 375 -22.39 13.67 -17.54
N HIS B 376 -21.52 12.77 -18.01
CA HIS B 376 -20.85 12.94 -19.30
C HIS B 376 -21.76 13.06 -20.52
N GLN B 377 -22.92 12.41 -20.48
CA GLN B 377 -23.86 12.47 -21.59
C GLN B 377 -25.02 13.42 -21.30
N HIS B 378 -25.66 13.21 -20.16
CA HIS B 378 -26.82 13.99 -19.74
C HIS B 378 -26.63 15.47 -19.38
N ASN B 379 -25.49 15.85 -18.81
CA ASN B 379 -25.30 17.24 -18.38
C ASN B 379 -24.17 17.99 -19.11
N PRO B 380 -24.36 18.25 -20.41
CA PRO B 380 -23.34 18.97 -21.18
C PRO B 380 -22.81 20.24 -20.54
N VAL B 381 -23.65 20.92 -19.76
CA VAL B 381 -23.26 22.17 -19.10
C VAL B 381 -22.21 21.96 -18.00
N GLN B 382 -22.45 21.01 -17.10
CA GLN B 382 -21.50 20.74 -16.02
C GLN B 382 -20.20 20.21 -16.61
N VAL B 383 -20.29 19.56 -17.75
CA VAL B 383 -19.11 19.01 -18.41
C VAL B 383 -18.18 20.13 -18.91
N GLN B 384 -18.72 21.09 -19.66
CA GLN B 384 -17.89 22.17 -20.15
C GLN B 384 -17.40 23.04 -19.00
N LYS B 385 -18.25 23.23 -18.00
CA LYS B 385 -17.90 24.05 -16.85
C LYS B 385 -16.72 23.47 -16.07
N LEU B 386 -16.74 22.16 -15.87
CA LEU B 386 -15.65 21.52 -15.15
C LEU B 386 -14.37 21.69 -15.96
N GLN B 387 -14.51 21.51 -17.27
CA GLN B 387 -13.39 21.60 -18.19
C GLN B 387 -12.68 22.94 -18.02
N LYS B 388 -13.44 24.02 -18.15
CA LYS B 388 -12.88 25.36 -18.02
C LYS B 388 -12.40 25.69 -16.61
N GLU B 389 -13.03 25.10 -15.59
CA GLU B 389 -12.61 25.37 -14.22
C GLU B 389 -11.37 24.59 -13.88
N LEU B 390 -11.14 23.51 -14.61
CA LEU B 390 -9.96 22.68 -14.43
C LEU B 390 -8.82 23.36 -15.18
N GLN B 391 -9.15 23.92 -16.34
CA GLN B 391 -8.18 24.64 -17.17
C GLN B 391 -7.53 25.71 -16.28
N ARG B 392 -8.35 26.57 -15.68
CA ARG B 392 -7.84 27.63 -14.80
C ARG B 392 -7.15 27.04 -13.59
N TYR B 393 -7.81 26.06 -12.98
CA TYR B 393 -7.26 25.40 -11.81
C TYR B 393 -5.85 24.89 -12.06
N LEU B 394 -5.69 24.08 -13.11
CA LEU B 394 -4.41 23.48 -13.45
C LEU B 394 -3.31 24.44 -13.97
N THR B 395 -3.69 25.62 -14.47
CA THR B 395 -2.69 26.53 -15.01
C THR B 395 -2.44 27.85 -14.26
N ARG B 396 -3.28 28.17 -13.27
CA ARG B 396 -3.08 29.43 -12.53
C ARG B 396 -1.84 29.28 -11.69
N LYS B 397 -1.28 30.39 -11.23
CA LYS B 397 -0.07 30.30 -10.42
C LYS B 397 -0.42 29.70 -9.07
N ILE B 398 0.60 29.30 -8.32
CA ILE B 398 0.39 28.69 -7.01
C ILE B 398 1.57 29.01 -6.07
N GLY B 399 1.27 29.16 -4.78
CA GLY B 399 2.30 29.41 -3.79
C GLY B 399 2.20 28.29 -2.76
N PHE B 400 3.33 27.85 -2.22
CA PHE B 400 3.33 26.76 -1.24
C PHE B 400 3.79 27.14 0.16
N GLU B 401 3.36 26.35 1.15
CA GLU B 401 3.72 26.54 2.56
C GLU B 401 3.75 28.01 2.96
N ALA B 402 2.61 28.66 2.80
CA ALA B 402 2.51 30.10 3.09
C ALA B 402 1.74 30.54 4.32
N VAL B 403 2.00 31.77 4.73
CA VAL B 403 1.33 32.40 5.87
C VAL B 403 1.08 33.85 5.50
N MET B 404 0.04 34.43 6.10
CA MET B 404 -0.26 35.81 5.80
C MET B 404 -0.61 36.55 7.07
N ARG B 405 -0.32 37.84 7.06
CA ARG B 405 -0.64 38.67 8.19
C ARG B 405 -1.17 40.01 7.73
N ILE B 406 -2.12 40.54 8.49
CA ILE B 406 -2.71 41.81 8.19
C ILE B 406 -2.41 42.67 9.40
N ARG B 407 -1.70 43.77 9.17
CA ARG B 407 -1.38 44.67 10.24
C ARG B 407 -2.18 45.93 9.99
N CYS B 408 -2.60 46.60 11.07
CA CYS B 408 -3.35 47.85 10.96
C CYS B 408 -2.83 48.83 12.00
N THR B 409 -2.91 50.12 11.71
CA THR B 409 -2.41 51.14 12.62
C THR B 409 -2.96 51.03 14.03
N LYS B 410 -2.10 51.31 15.00
CA LYS B 410 -2.48 51.26 16.42
C LYS B 410 -3.83 51.92 16.62
N GLY B 411 -4.65 51.30 17.46
CA GLY B 411 -5.97 51.81 17.72
C GLY B 411 -6.98 50.87 17.09
N LEU B 412 -6.63 50.38 15.90
CA LEU B 412 -7.48 49.46 15.15
C LEU B 412 -7.12 47.99 15.44
N SER B 413 -8.14 47.16 15.54
CA SER B 413 -7.91 45.75 15.83
C SER B 413 -8.79 44.82 15.01
N ILE B 414 -8.19 43.76 14.46
CA ILE B 414 -8.95 42.78 13.70
C ILE B 414 -9.49 41.78 14.72
N HIS B 415 -10.78 41.44 14.65
CA HIS B 415 -11.32 40.49 15.62
C HIS B 415 -11.98 39.24 15.03
N THR B 416 -12.08 39.18 13.72
CA THR B 416 -12.68 38.03 13.05
C THR B 416 -12.17 37.95 11.63
N PHE B 417 -11.83 36.72 11.20
CA PHE B 417 -11.32 36.49 9.87
C PHE B 417 -12.31 35.65 9.07
N HIS B 418 -12.36 35.88 7.76
CA HIS B 418 -13.25 35.13 6.88
C HIS B 418 -12.49 34.60 5.65
N GLY B 419 -12.63 33.31 5.38
CA GLY B 419 -11.96 32.68 4.24
C GLY B 419 -11.33 31.34 4.58
N ASN B 420 -10.95 30.59 3.54
CA ASN B 420 -10.34 29.29 3.75
C ASN B 420 -8.88 29.43 4.17
N PHE B 421 -8.60 28.99 5.39
CA PHE B 421 -7.27 29.04 6.00
C PHE B 421 -7.39 28.57 7.45
N PHE B 422 -6.27 28.65 8.17
CA PHE B 422 -6.27 28.27 9.57
C PHE B 422 -5.53 29.36 10.35
N VAL B 423 -6.21 29.93 11.33
CA VAL B 423 -5.63 30.99 12.14
C VAL B 423 -4.77 30.45 13.25
N ARG B 424 -3.47 30.65 13.15
CA ARG B 424 -2.54 30.23 14.20
C ARG B 424 -2.78 31.27 15.29
N SER B 425 -1.72 31.86 15.84
CA SER B 425 -1.92 32.90 16.85
C SER B 425 -2.39 34.18 16.18
N THR B 426 -3.61 34.61 16.49
CA THR B 426 -4.20 35.81 15.89
C THR B 426 -3.37 36.43 14.77
N ASP B 427 -3.96 36.39 13.59
CA ASP B 427 -3.38 36.94 12.37
C ASP B 427 -2.16 36.22 11.84
N LEU B 428 -2.03 34.94 12.14
CA LEU B 428 -0.95 34.19 11.54
C LEU B 428 -1.78 33.23 10.73
N LEU B 429 -2.39 33.75 9.67
CA LEU B 429 -3.23 32.93 8.83
C LEU B 429 -2.35 31.90 8.15
N SER B 430 -2.64 30.64 8.44
CA SER B 430 -1.88 29.55 7.86
C SER B 430 -2.49 29.24 6.50
N LEU B 431 -1.66 29.21 5.47
CA LEU B 431 -2.11 28.92 4.11
C LEU B 431 -1.23 27.88 3.43
N PRO B 432 -1.52 26.58 3.63
CA PRO B 432 -0.74 25.50 3.02
C PRO B 432 -0.51 25.77 1.52
N ASN B 433 -1.55 26.26 0.86
CA ASN B 433 -1.50 26.63 -0.55
C ASN B 433 -2.14 28.01 -0.62
N VAL B 434 -1.76 28.81 -1.60
CA VAL B 434 -2.35 30.12 -1.79
C VAL B 434 -2.62 30.26 -3.28
N ASN B 435 -3.90 30.43 -3.65
CA ASN B 435 -4.25 30.55 -5.05
C ASN B 435 -4.69 31.97 -5.38
N PRO B 436 -4.50 32.36 -6.64
CA PRO B 436 -4.85 33.68 -7.16
C PRO B 436 -6.35 33.96 -7.30
N ASP B 437 -7.19 33.03 -6.87
CA ASP B 437 -8.62 33.23 -6.98
C ASP B 437 -9.34 33.26 -5.65
N ALA B 438 -8.59 33.21 -4.56
CA ALA B 438 -9.19 33.21 -3.24
C ALA B 438 -9.32 34.62 -2.69
N GLY B 439 -10.43 34.89 -2.02
CA GLY B 439 -10.65 36.20 -1.46
C GLY B 439 -10.74 36.09 0.05
N TYR B 440 -10.47 37.18 0.75
CA TYR B 440 -10.55 37.12 2.20
C TYR B 440 -11.19 38.38 2.78
N ALA B 441 -11.75 38.24 3.97
CA ALA B 441 -12.38 39.36 4.63
C ALA B 441 -11.96 39.42 6.09
N VAL B 442 -12.04 40.60 6.66
CA VAL B 442 -11.67 40.78 8.05
C VAL B 442 -12.61 41.78 8.73
N GLN B 443 -12.82 41.58 10.01
CA GLN B 443 -13.68 42.47 10.76
C GLN B 443 -12.84 43.15 11.84
N MET B 444 -12.87 44.47 11.84
CA MET B 444 -12.10 45.23 12.82
C MET B 444 -13.00 46.10 13.66
N SER B 445 -12.41 46.69 14.69
CA SER B 445 -13.14 47.58 15.59
C SER B 445 -12.10 48.54 16.13
N VAL B 446 -12.55 49.74 16.53
CA VAL B 446 -11.63 50.74 17.07
C VAL B 446 -11.46 50.53 18.57
N GLU B 447 -10.34 49.91 18.93
CA GLU B 447 -10.04 49.60 20.32
C GLU B 447 -9.48 50.80 21.08
N GLU B 448 -8.85 51.72 20.35
CA GLU B 448 -8.29 52.93 20.93
C GLU B 448 -8.61 54.12 20.02
N SER B 449 -9.26 55.15 20.57
CA SER B 449 -9.63 56.33 19.79
C SER B 449 -8.50 56.88 18.94
N LEU B 450 -8.81 57.17 17.69
CA LEU B 450 -7.84 57.67 16.75
C LEU B 450 -7.67 59.17 16.82
N THR B 451 -7.95 59.72 17.99
CA THR B 451 -7.83 61.15 18.21
C THR B 451 -6.46 61.68 17.77
N ASP B 452 -5.40 60.96 18.11
CA ASP B 452 -4.05 61.38 17.73
C ASP B 452 -3.93 61.51 16.21
N THR B 453 -4.15 60.40 15.52
CA THR B 453 -4.01 60.32 14.07
C THR B 453 -5.14 60.87 13.21
N GLN B 454 -4.77 61.11 11.95
CA GLN B 454 -5.70 61.59 10.94
C GLN B 454 -5.67 60.64 9.75
N LEU B 455 -4.74 59.69 9.80
CA LEU B 455 -4.60 58.69 8.74
C LEU B 455 -4.23 57.35 9.35
N VAL B 456 -4.88 56.29 8.89
CA VAL B 456 -4.58 54.94 9.35
C VAL B 456 -4.19 54.09 8.14
N SER B 457 -3.42 53.04 8.39
CA SER B 457 -2.95 52.17 7.34
C SER B 457 -3.15 50.70 7.63
N PHE B 458 -3.25 49.92 6.56
CA PHE B 458 -3.43 48.49 6.67
C PHE B 458 -2.39 47.84 5.77
N GLN B 459 -1.72 46.84 6.29
CA GLN B 459 -0.73 46.16 5.51
C GLN B 459 -0.86 44.67 5.68
N SER B 460 -0.97 43.97 4.55
CA SER B 460 -1.07 42.53 4.55
C SER B 460 0.22 42.07 3.92
N ALA B 461 0.69 40.91 4.38
CA ALA B 461 1.93 40.35 3.85
C ALA B 461 1.74 38.87 3.60
N LEU B 462 2.09 38.45 2.40
CA LEU B 462 1.97 37.07 2.03
C LEU B 462 3.35 36.44 1.91
N LEU B 463 3.69 35.56 2.85
CA LEU B 463 4.99 34.85 2.83
C LEU B 463 4.76 33.45 2.24
N TYR B 464 5.42 33.15 1.12
CA TYR B 464 5.24 31.85 0.48
C TYR B 464 6.41 31.34 -0.38
N THR B 465 6.31 30.09 -0.80
CA THR B 465 7.32 29.48 -1.66
C THR B 465 6.74 29.31 -3.07
N SER B 466 7.39 29.94 -4.05
CA SER B 466 6.92 29.88 -5.43
C SER B 466 7.05 28.50 -6.05
N SER B 467 6.40 28.32 -7.19
CA SER B 467 6.45 27.06 -7.90
C SER B 467 7.88 26.81 -8.38
N LYS B 468 8.73 27.82 -8.26
CA LYS B 468 10.14 27.69 -8.68
C LYS B 468 11.11 27.61 -7.48
N GLY B 469 10.58 27.28 -6.30
CA GLY B 469 11.39 27.15 -5.10
C GLY B 469 11.96 28.42 -4.47
N GLU B 470 11.29 29.55 -4.65
CA GLU B 470 11.77 30.81 -4.10
C GLU B 470 10.84 31.42 -3.05
N ARG B 471 11.37 31.70 -1.86
CA ARG B 471 10.58 32.33 -0.80
C ARG B 471 10.31 33.76 -1.19
N ARG B 472 9.05 34.15 -1.14
CA ARG B 472 8.72 35.53 -1.48
C ARG B 472 7.69 36.11 -0.53
N ILE B 473 7.69 37.44 -0.47
CA ILE B 473 6.75 38.15 0.37
C ILE B 473 6.06 39.18 -0.50
N ARG B 474 4.75 39.03 -0.71
CA ARG B 474 4.04 40.02 -1.49
C ARG B 474 3.38 40.91 -0.46
N VAL B 475 3.50 42.23 -0.62
CA VAL B 475 2.92 43.15 0.34
C VAL B 475 2.01 44.20 -0.26
N HIS B 476 0.91 44.48 0.43
CA HIS B 476 -0.03 45.48 -0.02
C HIS B 476 -0.24 46.39 1.17
N THR B 477 -0.40 47.68 0.89
CA THR B 477 -0.63 48.66 1.94
C THR B 477 -1.70 49.62 1.49
N LEU B 478 -2.67 49.84 2.37
CA LEU B 478 -3.79 50.73 2.12
C LEU B 478 -3.79 51.82 3.18
N CYS B 479 -3.93 53.06 2.73
CA CYS B 479 -3.95 54.20 3.64
C CYS B 479 -5.32 54.85 3.55
N LEU B 480 -5.92 55.16 4.69
CA LEU B 480 -7.25 55.79 4.71
C LEU B 480 -7.31 56.94 5.73
N PRO B 481 -8.21 57.90 5.50
CA PRO B 481 -8.40 59.06 6.38
C PRO B 481 -9.33 58.74 7.55
N VAL B 482 -9.14 59.44 8.66
CA VAL B 482 -9.96 59.26 9.86
C VAL B 482 -10.95 60.41 9.98
N VAL B 483 -12.18 60.11 10.36
CA VAL B 483 -13.17 61.17 10.50
C VAL B 483 -13.97 61.03 11.78
N SER B 484 -14.46 62.15 12.28
CA SER B 484 -15.22 62.16 13.53
C SER B 484 -16.65 62.65 13.38
N THR B 485 -17.27 62.38 12.23
CA THR B 485 -18.63 62.82 12.01
C THR B 485 -19.47 61.72 11.39
N LEU B 486 -20.68 61.54 11.91
CA LEU B 486 -21.57 60.52 11.38
C LEU B 486 -21.68 60.72 9.88
N ASN B 487 -21.87 61.97 9.47
CA ASN B 487 -22.02 62.29 8.07
C ASN B 487 -20.80 61.88 7.24
N ASP B 488 -19.62 62.07 7.79
CA ASP B 488 -18.40 61.71 7.08
C ASP B 488 -18.24 60.22 6.93
N VAL B 489 -18.78 59.47 7.88
CA VAL B 489 -18.67 58.02 7.83
C VAL B 489 -19.57 57.49 6.70
N PHE B 490 -20.77 58.04 6.58
CA PHE B 490 -21.69 57.64 5.53
C PHE B 490 -21.20 58.04 4.14
N LEU B 491 -20.59 59.22 4.04
CA LEU B 491 -20.08 59.69 2.76
C LEU B 491 -19.04 58.75 2.16
N GLY B 492 -18.34 58.01 3.03
CA GLY B 492 -17.31 57.11 2.56
C GLY B 492 -17.70 55.64 2.48
N ALA B 493 -18.90 55.31 2.94
CA ALA B 493 -19.36 53.93 2.93
C ALA B 493 -19.26 53.31 1.53
N ASP B 494 -18.70 52.11 1.47
CA ASP B 494 -18.56 51.37 0.22
C ASP B 494 -19.69 50.34 0.26
N VAL B 495 -20.77 50.63 -0.45
CA VAL B 495 -21.91 49.74 -0.43
C VAL B 495 -21.61 48.28 -0.81
N GLN B 496 -20.79 48.04 -1.83
CA GLN B 496 -20.51 46.66 -2.19
C GLN B 496 -19.69 45.97 -1.11
N ALA B 497 -18.63 46.63 -0.65
CA ALA B 497 -17.79 46.05 0.39
C ALA B 497 -18.59 45.69 1.63
N ILE B 498 -19.59 46.49 1.97
CA ILE B 498 -20.42 46.22 3.13
C ILE B 498 -21.29 45.00 2.83
N SER B 499 -21.76 44.91 1.59
CA SER B 499 -22.58 43.77 1.20
C SER B 499 -21.78 42.50 1.40
N GLY B 500 -20.56 42.50 0.85
CA GLY B 500 -19.67 41.36 0.99
C GLY B 500 -19.40 40.98 2.43
N LEU B 501 -18.89 41.93 3.22
CA LEU B 501 -18.60 41.69 4.62
C LEU B 501 -19.81 41.21 5.41
N LEU B 502 -21.00 41.67 5.03
CA LEU B 502 -22.22 41.22 5.70
C LEU B 502 -22.53 39.75 5.35
N ALA B 503 -22.28 39.37 4.10
CA ALA B 503 -22.53 37.99 3.72
C ALA B 503 -21.70 37.04 4.57
N ASN B 504 -20.39 37.29 4.63
CA ASN B 504 -19.49 36.47 5.43
C ASN B 504 -20.07 36.37 6.83
N MET B 505 -20.43 37.52 7.39
CA MET B 505 -20.99 37.58 8.72
C MET B 505 -22.25 36.73 8.84
N ALA B 506 -23.13 36.85 7.84
CA ALA B 506 -24.38 36.11 7.82
C ALA B 506 -24.19 34.61 7.74
N VAL B 507 -23.18 34.19 6.99
CA VAL B 507 -22.88 32.78 6.85
C VAL B 507 -22.56 32.23 8.24
N ASP B 508 -21.69 32.91 8.97
CA ASP B 508 -21.31 32.46 10.30
C ASP B 508 -22.49 32.45 11.24
N ARG B 509 -23.38 33.43 11.06
CA ARG B 509 -24.57 33.54 11.88
C ARG B 509 -25.43 32.29 11.61
N SER B 510 -25.41 31.83 10.37
CA SER B 510 -26.15 30.63 10.00
C SER B 510 -25.61 29.43 10.79
N MET B 511 -24.32 29.14 10.62
CA MET B 511 -23.66 28.04 11.31
C MET B 511 -23.80 28.17 12.82
N THR B 512 -23.59 29.38 13.31
CA THR B 512 -23.62 29.68 14.73
C THR B 512 -24.99 29.70 15.41
N ALA B 513 -26.03 30.01 14.65
CA ALA B 513 -27.40 30.06 15.17
C ALA B 513 -28.28 29.36 14.15
N SER B 514 -29.03 30.13 13.37
CA SER B 514 -29.90 29.56 12.35
C SER B 514 -29.92 30.41 11.09
N LEU B 515 -30.58 29.92 10.05
CA LEU B 515 -30.69 30.66 8.80
C LEU B 515 -31.60 31.87 9.02
N SER B 516 -32.57 31.72 9.91
CA SER B 516 -33.50 32.81 10.21
C SER B 516 -32.73 33.99 10.79
N ASP B 517 -31.98 33.73 11.86
CA ASP B 517 -31.19 34.76 12.51
C ASP B 517 -30.31 35.46 11.50
N ALA B 518 -29.61 34.67 10.70
CA ALA B 518 -28.74 35.21 9.67
C ALA B 518 -29.53 36.15 8.77
N ARG B 519 -30.72 35.71 8.35
CA ARG B 519 -31.56 36.55 7.49
C ARG B 519 -32.03 37.83 8.18
N ASP B 520 -32.29 37.76 9.48
CA ASP B 520 -32.73 38.95 10.21
C ASP B 520 -31.57 39.94 10.36
N ALA B 521 -30.45 39.44 10.84
CA ALA B 521 -29.26 40.27 11.02
C ALA B 521 -29.00 41.07 9.75
N LEU B 522 -29.17 40.42 8.61
CA LEU B 522 -28.97 41.06 7.33
C LEU B 522 -29.96 42.23 7.19
N VAL B 523 -31.26 41.94 7.33
CA VAL B 523 -32.25 43.00 7.23
C VAL B 523 -32.02 44.08 8.30
N ASN B 524 -31.54 43.70 9.48
CA ASN B 524 -31.29 44.70 10.52
C ASN B 524 -30.21 45.71 10.16
N ALA B 525 -29.13 45.24 9.52
CA ALA B 525 -28.05 46.15 9.13
C ALA B 525 -28.57 47.31 8.29
N VAL B 526 -29.43 47.02 7.32
CA VAL B 526 -30.03 48.04 6.44
C VAL B 526 -30.90 48.96 7.30
N ILE B 527 -31.86 48.37 8.00
CA ILE B 527 -32.76 49.12 8.87
C ILE B 527 -32.02 50.03 9.87
N ASP B 528 -31.15 49.43 10.69
CA ASP B 528 -30.41 50.19 11.69
C ASP B 528 -29.51 51.29 11.14
N SER B 529 -28.90 51.06 9.99
CA SER B 529 -28.01 52.05 9.42
C SER B 529 -28.84 53.24 8.94
N LEU B 530 -29.89 52.95 8.18
CA LEU B 530 -30.75 53.99 7.66
C LEU B 530 -31.48 54.71 8.77
N SER B 531 -31.89 53.96 9.78
CA SER B 531 -32.59 54.54 10.90
C SER B 531 -31.65 55.53 11.59
N ALA B 532 -30.42 55.07 11.84
CA ALA B 532 -29.42 55.92 12.49
C ALA B 532 -29.21 57.16 11.65
N TYR B 533 -29.22 56.98 10.33
CA TYR B 533 -29.04 58.08 9.42
C TYR B 533 -30.14 59.13 9.61
N ARG B 534 -31.38 58.65 9.51
CA ARG B 534 -32.55 59.52 9.65
C ARG B 534 -32.56 60.30 10.97
N SER B 535 -32.21 59.63 12.06
CA SER B 535 -32.18 60.30 13.36
C SER B 535 -31.04 61.29 13.40
N SER B 536 -30.47 61.59 12.23
CA SER B 536 -29.38 62.53 12.13
C SER B 536 -29.46 63.41 10.88
N VAL B 537 -30.69 63.77 10.49
CA VAL B 537 -30.94 64.62 9.31
C VAL B 537 -32.21 65.45 9.51
N PRO B 543 -40.60 62.23 5.25
CA PRO B 543 -41.73 61.39 4.82
C PRO B 543 -41.34 60.05 4.22
N GLY B 544 -40.50 60.07 3.18
CA GLY B 544 -40.10 58.83 2.54
C GLY B 544 -38.81 58.23 3.07
N LEU B 545 -38.40 57.11 2.48
CA LEU B 545 -37.18 56.41 2.87
C LEU B 545 -35.95 57.17 2.39
N MET B 546 -35.32 57.90 3.30
CA MET B 546 -34.17 58.71 2.93
C MET B 546 -32.85 58.04 3.25
N VAL B 547 -31.91 58.14 2.31
CA VAL B 547 -30.59 57.57 2.49
C VAL B 547 -29.54 58.41 1.77
N PRO B 548 -28.29 58.37 2.24
CA PRO B 548 -27.28 59.16 1.54
C PRO B 548 -27.03 58.45 0.22
N PHE B 549 -26.40 59.16 -0.73
CA PHE B 549 -26.09 58.65 -2.05
C PHE B 549 -25.35 57.31 -2.00
N SER B 550 -24.29 57.25 -1.20
CA SER B 550 -23.46 56.06 -1.09
C SER B 550 -24.18 54.78 -0.71
N LEU B 551 -25.35 54.91 -0.10
CA LEU B 551 -26.12 53.75 0.32
C LEU B 551 -27.42 53.57 -0.44
N ARG B 552 -27.53 54.25 -1.58
CA ARG B 552 -28.75 54.15 -2.39
C ARG B 552 -29.01 52.73 -2.89
N LEU B 553 -27.97 51.90 -2.93
CA LEU B 553 -28.12 50.53 -3.40
C LEU B 553 -28.05 49.53 -2.26
N PHE B 554 -27.87 50.02 -1.04
CA PHE B 554 -27.79 49.14 0.13
C PHE B 554 -28.97 48.16 0.25
N PRO B 555 -30.22 48.66 0.19
CA PRO B 555 -31.37 47.74 0.30
C PRO B 555 -31.44 46.77 -0.88
N LEU B 556 -31.03 47.24 -2.06
CA LEU B 556 -31.05 46.42 -3.27
C LEU B 556 -30.10 45.25 -3.17
N PHE B 557 -28.85 45.53 -2.84
CA PHE B 557 -27.87 44.49 -2.75
C PHE B 557 -28.15 43.50 -1.62
N VAL B 558 -28.79 43.96 -0.55
CA VAL B 558 -29.11 43.08 0.58
C VAL B 558 -30.26 42.16 0.18
N LEU B 559 -31.27 42.74 -0.46
CA LEU B 559 -32.39 41.95 -0.92
C LEU B 559 -31.82 40.86 -1.82
N ALA B 560 -30.92 41.26 -2.72
CA ALA B 560 -30.27 40.35 -3.66
C ALA B 560 -29.61 39.24 -2.86
N LEU B 561 -28.92 39.67 -1.82
CA LEU B 561 -28.22 38.76 -0.94
C LEU B 561 -29.25 37.81 -0.27
N LEU B 562 -30.43 38.35 0.08
CA LEU B 562 -31.45 37.52 0.71
C LEU B 562 -32.15 36.55 -0.24
N LYS B 563 -32.08 36.78 -1.55
CA LYS B 563 -32.72 35.87 -2.49
C LYS B 563 -31.76 34.87 -3.13
N GLN B 564 -30.48 35.04 -2.83
CA GLN B 564 -29.42 34.16 -3.31
C GLN B 564 -29.64 32.74 -2.78
N LYS B 565 -29.05 31.77 -3.46
CA LYS B 565 -29.18 30.37 -3.07
C LYS B 565 -28.56 30.13 -1.70
N SER B 566 -27.80 31.11 -1.21
CA SER B 566 -27.14 30.99 0.09
C SER B 566 -28.09 31.27 1.24
N PHE B 567 -28.97 32.26 1.07
CA PHE B 567 -29.90 32.64 2.12
C PHE B 567 -31.40 32.52 1.80
N GLN B 568 -31.74 32.48 0.52
CA GLN B 568 -33.15 32.38 0.12
C GLN B 568 -33.85 31.30 0.97
N THR B 569 -35.18 31.40 1.08
CA THR B 569 -35.90 30.43 1.88
C THR B 569 -36.97 29.64 1.14
N GLY B 570 -38.08 30.30 0.82
CA GLY B 570 -39.17 29.62 0.13
C GLY B 570 -38.82 28.81 -1.10
N THR B 571 -37.60 28.97 -1.62
CA THR B 571 -37.19 28.23 -2.80
C THR B 571 -37.16 26.72 -2.57
N ASN B 572 -36.91 25.99 -3.65
CA ASN B 572 -36.85 24.54 -3.64
C ASN B 572 -35.38 24.08 -3.62
N ALA B 573 -34.49 24.98 -3.20
CA ALA B 573 -33.05 24.72 -3.15
C ALA B 573 -32.65 23.55 -2.24
N ARG B 574 -31.65 22.78 -2.68
CA ARG B 574 -31.16 21.64 -1.92
C ARG B 574 -29.96 21.96 -1.02
N LEU B 575 -29.77 21.12 -0.01
CA LEU B 575 -28.70 21.30 0.95
C LEU B 575 -27.33 21.65 0.38
N ASP B 576 -26.72 20.73 -0.38
CA ASP B 576 -25.39 20.96 -0.94
C ASP B 576 -25.30 22.28 -1.71
N GLU B 577 -26.34 22.65 -2.45
CA GLU B 577 -26.31 23.90 -3.20
C GLU B 577 -26.18 25.09 -2.26
N ARG B 578 -26.98 25.10 -1.19
CA ARG B 578 -26.94 26.20 -0.24
C ARG B 578 -25.53 26.34 0.34
N ILE B 579 -25.03 25.24 0.90
CA ILE B 579 -23.70 25.22 1.49
C ILE B 579 -22.62 25.63 0.46
N PHE B 580 -22.72 25.14 -0.77
CA PHE B 580 -21.74 25.49 -1.79
C PHE B 580 -21.77 26.99 -2.01
N ALA B 581 -22.98 27.55 -1.98
CA ALA B 581 -23.15 28.97 -2.15
C ALA B 581 -22.44 29.73 -1.01
N MET B 582 -22.59 29.23 0.22
CA MET B 582 -21.95 29.87 1.36
C MET B 582 -20.43 29.73 1.25
N CYS B 583 -19.99 28.58 0.75
CA CYS B 583 -18.56 28.34 0.57
C CYS B 583 -18.00 29.41 -0.38
N GLN B 584 -18.79 29.83 -1.35
CA GLN B 584 -18.35 30.86 -2.30
C GLN B 584 -18.28 32.25 -1.66
N VAL B 585 -19.26 32.57 -0.83
CA VAL B 585 -19.28 33.86 -0.15
C VAL B 585 -18.02 34.01 0.68
N LYS B 586 -17.63 32.90 1.28
CA LYS B 586 -16.47 32.86 2.14
C LYS B 586 -15.11 32.86 1.45
N ASN B 587 -15.04 32.39 0.20
CA ASN B 587 -13.76 32.31 -0.50
C ASN B 587 -13.60 33.18 -1.73
N GLN B 588 -14.71 33.69 -2.28
CA GLN B 588 -14.66 34.52 -3.48
C GLN B 588 -14.34 36.02 -3.32
N PRO B 589 -13.54 36.56 -4.25
CA PRO B 589 -13.18 37.98 -4.22
C PRO B 589 -14.46 38.85 -4.38
N LEU B 590 -14.48 40.00 -3.72
CA LEU B 590 -15.65 40.90 -3.73
C LEU B 590 -16.44 40.99 -5.03
N VAL B 591 -15.74 41.25 -6.12
CA VAL B 591 -16.39 41.39 -7.43
C VAL B 591 -17.22 40.20 -7.86
N TYR B 592 -16.70 38.98 -7.70
CA TYR B 592 -17.46 37.79 -8.10
C TYR B 592 -18.62 37.60 -7.15
N LEU B 593 -18.45 38.02 -5.91
CA LEU B 593 -19.53 37.90 -4.94
C LEU B 593 -20.68 38.77 -5.47
N MET B 594 -20.32 39.97 -5.93
CA MET B 594 -21.32 40.90 -6.45
C MET B 594 -21.92 40.47 -7.80
N LEU B 595 -21.11 39.93 -8.69
CA LEU B 595 -21.63 39.50 -9.99
C LEU B 595 -22.62 38.34 -9.81
N THR B 596 -22.37 37.52 -8.80
CA THR B 596 -23.21 36.36 -8.52
C THR B 596 -24.52 36.73 -7.84
N THR B 597 -24.44 37.53 -6.79
CA THR B 597 -25.62 37.93 -6.05
C THR B 597 -26.53 38.80 -6.91
N HIS B 598 -25.93 39.73 -7.63
CA HIS B 598 -26.69 40.65 -8.46
C HIS B 598 -26.08 40.75 -9.86
N PRO B 599 -26.28 39.70 -10.67
CA PRO B 599 -25.79 39.56 -12.06
C PRO B 599 -26.08 40.77 -12.93
N SER B 600 -25.13 41.13 -13.79
CA SER B 600 -25.34 42.25 -14.70
C SER B 600 -26.20 41.81 -15.88
N LEU B 601 -27.27 42.54 -16.13
CA LEU B 601 -28.22 42.24 -17.21
C LEU B 601 -28.18 43.27 -18.34
N TYR B 602 -28.04 42.77 -19.57
CA TYR B 602 -27.98 43.64 -20.74
C TYR B 602 -28.92 43.13 -21.83
N ARG B 603 -29.43 44.03 -22.66
CA ARG B 603 -30.25 43.63 -23.80
C ARG B 603 -29.18 43.42 -24.87
N VAL B 604 -29.30 42.39 -25.70
CA VAL B 604 -28.24 42.12 -26.64
C VAL B 604 -28.63 41.83 -28.09
N ASP B 605 -29.92 41.92 -28.40
CA ASP B 605 -30.37 41.64 -29.75
C ASP B 605 -30.33 42.91 -30.58
N ASN B 606 -29.78 43.98 -30.01
CA ASN B 606 -29.76 45.25 -30.72
C ASN B 606 -28.55 46.12 -30.36
N LEU B 607 -27.40 45.51 -30.16
CA LEU B 607 -26.21 46.27 -29.79
C LEU B 607 -25.80 47.24 -30.91
N SER B 608 -25.07 48.31 -30.56
CA SER B 608 -24.65 49.33 -31.54
C SER B 608 -23.21 49.83 -31.39
N ASP B 609 -23.00 51.15 -31.47
CA ASP B 609 -21.65 51.74 -31.42
C ASP B 609 -21.16 52.66 -30.30
N GLU B 610 -21.91 52.83 -29.22
CA GLU B 610 -21.47 53.72 -28.16
C GLU B 610 -20.48 52.99 -27.24
N GLY B 611 -19.83 51.98 -27.82
CA GLY B 611 -18.92 51.18 -27.04
C GLY B 611 -17.44 51.50 -27.07
N ALA B 612 -16.66 50.55 -26.57
CA ALA B 612 -15.23 50.68 -26.49
C ALA B 612 -14.62 50.36 -27.85
N LEU B 613 -15.17 50.97 -28.90
CA LEU B 613 -14.65 50.77 -30.26
C LEU B 613 -13.34 51.51 -30.35
N ASN B 614 -12.52 51.34 -29.33
CA ASN B 614 -11.22 51.97 -29.23
C ASN B 614 -10.16 50.93 -29.45
N ILE B 615 -10.50 49.72 -29.02
CA ILE B 615 -9.58 48.60 -29.11
C ILE B 615 -9.20 48.28 -30.56
N SER B 616 -8.32 49.11 -31.11
CA SER B 616 -7.80 48.97 -32.47
C SER B 616 -8.77 48.44 -33.54
N ASP B 617 -8.82 47.12 -33.72
CA ASP B 617 -9.72 46.56 -34.74
C ASP B 617 -11.04 45.98 -34.23
N ARG B 618 -11.34 46.22 -32.95
CA ARG B 618 -12.57 45.72 -32.36
C ARG B 618 -13.43 46.86 -31.83
N THR B 619 -14.74 46.76 -31.99
CA THR B 619 -15.59 47.82 -31.50
C THR B 619 -16.04 47.54 -30.07
N ILE B 620 -16.86 46.53 -29.87
CA ILE B 620 -17.26 46.20 -28.50
C ILE B 620 -18.38 47.07 -27.94
N PRO B 621 -19.62 46.72 -28.28
CA PRO B 621 -20.72 47.53 -27.76
C PRO B 621 -20.75 47.61 -26.23
N GLN B 622 -21.29 48.71 -25.74
CA GLN B 622 -21.43 48.91 -24.32
C GLN B 622 -22.90 49.15 -23.97
N PRO B 623 -23.72 48.10 -24.08
CA PRO B 623 -25.15 48.22 -23.77
C PRO B 623 -25.30 48.58 -22.29
N PRO B 624 -26.34 49.35 -21.93
CA PRO B 624 -26.58 49.76 -20.55
C PRO B 624 -26.94 48.60 -19.62
N ILE B 625 -26.61 48.75 -18.35
CA ILE B 625 -26.94 47.72 -17.38
C ILE B 625 -28.43 47.89 -17.03
N LEU B 626 -29.12 46.77 -16.91
CA LEU B 626 -30.54 46.81 -16.59
C LEU B 626 -30.78 46.25 -15.19
N GLN B 627 -31.81 46.77 -14.53
CA GLN B 627 -32.15 46.31 -13.19
C GLN B 627 -32.80 44.92 -13.28
N LEU B 628 -32.49 44.08 -12.30
CA LEU B 628 -32.96 42.70 -12.30
C LEU B 628 -34.44 42.44 -12.10
N SER B 629 -35.23 43.01 -12.99
CA SER B 629 -36.67 42.82 -12.96
C SER B 629 -37.16 42.27 -14.29
N VAL B 630 -38.12 41.37 -14.21
CA VAL B 630 -38.71 40.77 -15.40
C VAL B 630 -39.44 41.86 -16.21
N GLU B 631 -39.58 43.05 -15.62
CA GLU B 631 -40.25 44.15 -16.32
C GLU B 631 -39.33 44.81 -17.34
N LYS B 632 -38.03 44.51 -17.23
CA LYS B 632 -37.05 45.08 -18.15
C LYS B 632 -36.87 44.15 -19.34
N LEU B 633 -37.45 42.96 -19.26
CA LEU B 633 -37.32 42.03 -20.36
C LEU B 633 -38.21 42.44 -21.53
N SER B 634 -38.34 41.55 -22.49
CA SER B 634 -39.13 41.80 -23.69
C SER B 634 -39.19 40.54 -24.54
N ARG B 635 -40.40 40.08 -24.83
CA ARG B 635 -40.58 38.87 -25.62
C ARG B 635 -40.12 39.06 -27.07
N ASP B 636 -39.71 40.27 -27.41
CA ASP B 636 -39.25 40.60 -28.76
C ASP B 636 -37.74 40.76 -28.84
N GLY B 637 -37.06 40.58 -27.71
CA GLY B 637 -35.62 40.75 -27.72
C GLY B 637 -34.83 39.57 -27.18
N ALA B 638 -33.57 39.82 -26.83
CA ALA B 638 -32.70 38.79 -26.30
C ALA B 638 -31.86 39.44 -25.21
N PHE B 639 -31.84 38.82 -24.04
CA PHE B 639 -31.09 39.39 -22.93
C PHE B 639 -29.98 38.53 -22.37
N LEU B 640 -28.81 39.14 -22.18
CA LEU B 640 -27.68 38.42 -21.62
C LEU B 640 -27.50 38.86 -20.18
N MET B 641 -27.25 37.86 -19.32
CA MET B 641 -27.05 38.11 -17.91
C MET B 641 -25.63 37.67 -17.55
N ASP B 642 -24.84 38.59 -17.03
CA ASP B 642 -23.47 38.27 -16.64
C ASP B 642 -23.44 37.99 -15.15
N ALA B 643 -23.37 36.71 -14.78
CA ALA B 643 -23.33 36.29 -13.37
C ALA B 643 -21.93 35.84 -12.96
N GLY B 644 -20.90 36.43 -13.57
CA GLY B 644 -19.53 36.11 -13.23
C GLY B 644 -18.95 34.78 -13.65
N SER B 645 -19.51 33.68 -13.13
CA SER B 645 -19.04 32.32 -13.42
C SER B 645 -19.63 31.77 -14.73
N VAL B 646 -20.81 32.25 -15.10
CA VAL B 646 -21.45 31.81 -16.32
C VAL B 646 -22.17 32.99 -16.95
N LEU B 647 -22.56 32.83 -18.22
CA LEU B 647 -23.28 33.88 -18.94
C LEU B 647 -24.51 33.21 -19.54
N MET B 648 -25.69 33.67 -19.15
CA MET B 648 -26.91 33.09 -19.68
C MET B 648 -27.54 34.06 -20.66
N LEU B 649 -27.85 33.56 -21.85
CA LEU B 649 -28.49 34.36 -22.89
C LEU B 649 -29.93 33.89 -23.01
N TRP B 650 -30.85 34.75 -22.61
CA TRP B 650 -32.27 34.43 -22.68
C TRP B 650 -32.84 34.99 -23.96
N VAL B 651 -33.59 34.17 -24.70
CA VAL B 651 -34.18 34.63 -25.94
C VAL B 651 -35.69 34.72 -25.79
N GLY B 652 -36.27 35.79 -26.30
CA GLY B 652 -37.71 35.98 -26.21
C GLY B 652 -38.46 35.12 -27.21
N LYS B 653 -39.67 34.73 -26.83
CA LYS B 653 -40.53 33.91 -27.68
C LYS B 653 -40.82 34.58 -29.01
N ASN B 654 -41.07 35.89 -28.98
CA ASN B 654 -41.37 36.65 -30.19
C ASN B 654 -40.17 37.46 -30.68
N CYS B 655 -39.00 36.84 -30.62
CA CYS B 655 -37.75 37.47 -31.04
C CYS B 655 -37.69 37.64 -32.58
N THR B 656 -36.99 38.68 -33.03
CA THR B 656 -36.88 38.96 -34.47
C THR B 656 -36.17 37.87 -35.31
N GLN B 657 -36.55 37.77 -36.57
CA GLN B 657 -35.95 36.78 -37.46
C GLN B 657 -34.46 37.05 -37.65
N ASN B 658 -34.10 38.33 -37.66
CA ASN B 658 -32.73 38.75 -37.83
C ASN B 658 -31.80 38.13 -36.79
N PHE B 659 -32.25 38.10 -35.54
CA PHE B 659 -31.48 37.55 -34.43
C PHE B 659 -31.43 36.02 -34.49
N LEU B 660 -32.52 35.42 -34.96
CA LEU B 660 -32.58 33.96 -35.05
C LEU B 660 -31.58 33.41 -36.06
N SER B 661 -31.59 33.94 -37.28
CA SER B 661 -30.70 33.48 -38.33
C SER B 661 -29.34 34.15 -38.38
N GLN B 662 -29.29 35.45 -38.07
CA GLN B 662 -28.02 36.18 -38.12
C GLN B 662 -27.18 36.05 -36.86
N VAL B 663 -27.81 35.65 -35.76
CA VAL B 663 -27.04 35.48 -34.54
C VAL B 663 -27.06 34.04 -34.05
N LEU B 664 -28.25 33.45 -33.94
CA LEU B 664 -28.37 32.08 -33.46
C LEU B 664 -28.11 31.03 -34.53
N GLY B 665 -28.36 31.38 -35.78
CA GLY B 665 -28.13 30.43 -36.86
C GLY B 665 -29.30 29.49 -37.07
N VAL B 666 -30.45 29.87 -36.56
CA VAL B 666 -31.66 29.07 -36.68
C VAL B 666 -32.68 29.88 -37.50
N GLN B 667 -33.70 29.22 -38.05
CA GLN B 667 -34.70 29.92 -38.85
C GLN B 667 -35.93 30.34 -38.05
N ASN B 668 -36.17 29.67 -36.92
CA ASN B 668 -37.29 30.02 -36.06
C ASN B 668 -37.03 29.62 -34.61
N TYR B 669 -37.69 30.33 -33.71
CA TYR B 669 -37.55 30.09 -32.28
C TYR B 669 -37.66 28.59 -31.97
N ALA B 670 -38.62 27.93 -32.61
CA ALA B 670 -38.86 26.51 -32.38
C ALA B 670 -37.62 25.63 -32.51
N SER B 671 -36.73 25.94 -33.44
CA SER B 671 -35.56 25.10 -33.62
C SER B 671 -34.28 25.49 -32.88
N ILE B 672 -34.37 26.42 -31.94
CA ILE B 672 -33.21 26.80 -31.14
C ILE B 672 -32.90 25.57 -30.28
N PRO B 673 -31.84 24.82 -30.62
CA PRO B 673 -31.43 23.60 -29.91
C PRO B 673 -31.57 23.69 -28.40
N GLN B 674 -32.21 22.68 -27.82
CA GLN B 674 -32.46 22.60 -26.37
C GLN B 674 -31.22 23.01 -25.59
N PRO B 675 -30.37 22.06 -25.16
CA PRO B 675 -29.24 22.67 -24.44
C PRO B 675 -28.31 23.25 -25.50
N MET B 676 -28.06 24.56 -25.44
CA MET B 676 -27.15 25.21 -26.40
C MET B 676 -25.94 25.69 -25.60
N THR B 677 -24.83 24.98 -25.72
CA THR B 677 -23.62 25.32 -24.98
C THR B 677 -22.88 26.60 -25.38
N ASP B 678 -23.25 27.22 -26.49
CA ASP B 678 -22.59 28.46 -26.89
C ASP B 678 -23.11 28.99 -28.22
N LEU B 679 -22.71 30.22 -28.56
CA LEU B 679 -23.13 30.83 -29.82
C LEU B 679 -22.28 30.43 -30.99
N PRO B 680 -22.89 30.35 -32.18
CA PRO B 680 -22.10 29.99 -33.35
C PRO B 680 -21.44 31.28 -33.83
N GLU B 681 -20.32 31.16 -34.54
CA GLU B 681 -19.70 32.37 -35.05
C GLU B 681 -20.06 32.44 -36.52
N LEU B 682 -21.06 33.26 -36.80
CA LEU B 682 -21.55 33.44 -38.16
C LEU B 682 -20.87 34.65 -38.81
N ASP B 683 -20.84 34.64 -40.15
CA ASP B 683 -20.27 35.74 -40.91
C ASP B 683 -21.40 36.76 -41.04
N THR B 684 -21.66 37.47 -39.95
CA THR B 684 -22.70 38.48 -39.95
C THR B 684 -22.29 39.59 -39.00
N PRO B 685 -22.60 40.86 -39.35
CA PRO B 685 -22.22 41.97 -38.47
C PRO B 685 -22.84 41.80 -37.08
N GLU B 686 -24.08 41.31 -37.04
CA GLU B 686 -24.78 41.11 -35.77
C GLU B 686 -23.99 40.15 -34.89
N SER B 687 -23.54 39.04 -35.50
CA SER B 687 -22.77 38.04 -34.77
C SER B 687 -21.48 38.66 -34.26
N ALA B 688 -20.79 39.41 -35.12
CA ALA B 688 -19.55 40.08 -34.73
C ALA B 688 -19.75 41.05 -33.57
N ARG B 689 -20.89 41.75 -33.57
CA ARG B 689 -21.17 42.67 -32.47
C ARG B 689 -21.40 41.90 -31.17
N ILE B 690 -22.21 40.83 -31.25
CA ILE B 690 -22.48 40.06 -30.04
C ILE B 690 -21.27 39.27 -29.55
N ILE B 691 -20.55 38.62 -30.46
CA ILE B 691 -19.38 37.85 -30.07
C ILE B 691 -18.34 38.79 -29.45
N ALA B 692 -18.27 40.00 -29.97
CA ALA B 692 -17.34 41.01 -29.48
C ALA B 692 -17.67 41.35 -28.01
N PHE B 693 -18.94 41.63 -27.74
CA PHE B 693 -19.35 41.95 -26.38
C PHE B 693 -19.07 40.80 -25.41
N ILE B 694 -19.47 39.60 -25.78
CA ILE B 694 -19.24 38.45 -24.93
C ILE B 694 -17.76 38.24 -24.67
N SER B 695 -16.96 38.29 -25.73
CA SER B 695 -15.53 38.06 -25.58
C SER B 695 -14.86 39.11 -24.68
N TRP B 696 -15.34 40.35 -24.74
CA TRP B 696 -14.79 41.41 -23.88
C TRP B 696 -15.11 41.07 -22.41
N LEU B 697 -16.37 40.70 -22.15
CA LEU B 697 -16.80 40.31 -20.80
C LEU B 697 -15.86 39.23 -20.24
N ARG B 698 -15.61 38.19 -21.04
CA ARG B 698 -14.71 37.10 -20.66
C ARG B 698 -13.26 37.52 -20.39
N GLU B 699 -12.80 38.53 -21.12
CA GLU B 699 -11.44 39.06 -20.97
C GLU B 699 -11.30 39.78 -19.64
N GLN B 700 -12.41 40.16 -19.03
CA GLN B 700 -12.36 40.89 -17.76
C GLN B 700 -12.18 39.97 -16.56
N ARG B 701 -11.77 38.73 -16.83
CA ARG B 701 -11.53 37.74 -15.77
C ARG B 701 -10.67 36.61 -16.33
N PRO B 702 -10.00 35.86 -15.45
CA PRO B 702 -9.15 34.75 -15.92
C PRO B 702 -9.76 33.35 -15.81
N PHE B 703 -11.05 33.28 -15.46
CA PHE B 703 -11.78 32.02 -15.27
C PHE B 703 -12.86 31.89 -16.36
N PHE B 704 -12.47 31.64 -17.62
CA PHE B 704 -13.41 31.53 -18.76
C PHE B 704 -14.83 31.14 -18.39
N PRO B 705 -15.78 32.10 -18.43
CA PRO B 705 -17.17 31.77 -18.06
C PRO B 705 -17.91 31.14 -19.23
N ILE B 706 -18.50 29.97 -19.01
CA ILE B 706 -19.23 29.35 -20.10
C ILE B 706 -20.50 30.15 -20.32
N LEU B 707 -21.06 30.02 -21.51
CA LEU B 707 -22.28 30.72 -21.85
C LEU B 707 -23.25 29.67 -22.33
N TYR B 708 -24.54 29.92 -22.17
CA TYR B 708 -25.53 29.00 -22.67
C TYR B 708 -26.82 29.76 -22.90
N VAL B 709 -27.35 29.60 -24.11
CA VAL B 709 -28.57 30.26 -24.55
C VAL B 709 -29.77 29.49 -24.02
N ILE B 710 -29.53 28.21 -23.76
CA ILE B 710 -30.51 27.26 -23.24
C ILE B 710 -31.72 27.93 -22.61
N ALA B 711 -31.52 29.11 -22.01
CA ALA B 711 -32.62 29.85 -21.42
C ALA B 711 -33.57 30.21 -22.54
N ASP B 712 -34.48 29.30 -22.83
CA ASP B 712 -35.50 29.51 -23.86
C ASP B 712 -36.70 29.90 -23.01
N GLU B 713 -37.85 30.12 -23.63
CA GLU B 713 -39.01 30.49 -22.86
C GLU B 713 -39.72 29.24 -22.34
N SER B 714 -39.11 28.08 -22.59
CA SER B 714 -39.69 26.82 -22.16
C SER B 714 -38.70 25.66 -22.08
N PRO B 715 -37.43 25.94 -21.75
CA PRO B 715 -36.45 24.85 -21.66
C PRO B 715 -36.43 24.23 -20.28
N MET B 716 -37.32 24.72 -19.41
CA MET B 716 -37.39 24.21 -18.04
C MET B 716 -35.99 24.34 -17.46
N LYS B 717 -35.27 25.35 -17.97
CA LYS B 717 -33.92 25.62 -17.53
C LYS B 717 -33.82 27.13 -17.39
N ALA B 718 -34.98 27.77 -17.47
CA ALA B 718 -35.07 29.20 -17.34
C ALA B 718 -34.70 29.64 -15.92
N ASN B 719 -33.62 29.06 -15.37
CA ASN B 719 -33.17 29.44 -14.03
C ASN B 719 -32.37 30.74 -14.16
N PHE B 720 -32.88 31.56 -15.06
CA PHE B 720 -32.37 32.88 -15.43
C PHE B 720 -33.19 33.82 -14.54
N LEU B 721 -34.42 33.41 -14.29
CA LEU B 721 -35.39 34.15 -13.48
C LEU B 721 -35.09 34.22 -11.99
N GLN B 722 -34.53 33.16 -11.41
CA GLN B 722 -34.22 33.14 -9.99
C GLN B 722 -33.37 34.35 -9.65
N ASN B 723 -32.93 35.07 -10.68
CA ASN B 723 -32.08 36.25 -10.53
C ASN B 723 -32.78 37.60 -10.64
N MET B 724 -34.03 37.60 -11.07
CA MET B 724 -34.77 38.86 -11.19
C MET B 724 -35.17 39.22 -9.77
N ILE B 725 -34.15 39.38 -8.93
CA ILE B 725 -34.32 39.66 -7.52
C ILE B 725 -35.19 40.85 -7.13
N GLU B 726 -35.69 41.58 -8.11
CA GLU B 726 -36.55 42.73 -7.82
C GLU B 726 -38.04 42.42 -7.84
N ASP B 727 -38.42 41.30 -8.44
CA ASP B 727 -39.83 40.93 -8.52
C ASP B 727 -40.30 40.16 -7.29
N ARG B 728 -41.62 40.02 -7.15
CA ARG B 728 -42.18 39.32 -6.00
C ARG B 728 -42.39 37.86 -6.32
N THR B 729 -42.11 37.00 -5.35
CA THR B 729 -42.31 35.58 -5.53
C THR B 729 -43.36 35.14 -4.51
N GLU B 730 -43.90 33.94 -4.68
CA GLU B 730 -44.92 33.45 -3.76
C GLU B 730 -44.35 33.49 -2.34
N SER B 731 -43.02 33.36 -2.23
CA SER B 731 -42.35 33.35 -0.95
C SER B 731 -41.18 34.33 -0.85
N ALA B 732 -41.34 35.53 -1.42
CA ALA B 732 -40.29 36.54 -1.36
C ALA B 732 -40.86 37.90 -1.68
N LEU B 733 -40.40 38.93 -0.99
CA LEU B 733 -40.91 40.27 -1.26
C LEU B 733 -40.26 40.79 -2.54
N SER B 734 -40.90 41.76 -3.17
CA SER B 734 -40.37 42.36 -4.37
C SER B 734 -39.50 43.52 -3.91
N TYR B 735 -38.61 44.02 -4.78
CA TYR B 735 -37.76 45.13 -4.38
C TYR B 735 -38.56 46.24 -3.68
N TYR B 736 -39.66 46.65 -4.31
CA TYR B 736 -40.54 47.69 -3.78
C TYR B 736 -41.16 47.34 -2.43
N GLU B 737 -41.55 46.09 -2.25
CA GLU B 737 -42.14 45.67 -0.98
C GLU B 737 -41.08 45.80 0.09
N PHE B 738 -39.86 45.39 -0.25
CA PHE B 738 -38.74 45.45 0.68
C PHE B 738 -38.53 46.87 1.15
N LEU B 739 -38.56 47.82 0.24
CA LEU B 739 -38.38 49.21 0.61
C LEU B 739 -39.51 49.58 1.54
N LEU B 740 -40.71 49.13 1.23
CA LEU B 740 -41.87 49.42 2.06
C LEU B 740 -41.65 48.91 3.48
N HIS B 741 -41.16 47.69 3.61
CA HIS B 741 -40.91 47.10 4.93
C HIS B 741 -39.78 47.81 5.67
N ILE B 742 -38.77 48.26 4.95
CA ILE B 742 -37.66 48.95 5.58
C ILE B 742 -38.18 50.27 6.17
N GLN B 743 -38.86 51.05 5.33
CA GLN B 743 -39.39 52.34 5.78
C GLN B 743 -40.33 52.22 6.97
N GLN B 744 -41.09 51.13 7.05
CA GLN B 744 -42.00 50.93 8.17
C GLN B 744 -41.22 50.81 9.47
N GLN B 745 -40.06 50.18 9.39
CA GLN B 745 -39.20 50.00 10.55
C GLN B 745 -38.35 51.24 10.83
N VAL B 746 -37.73 51.79 9.79
CA VAL B 746 -36.89 52.98 9.93
C VAL B 746 -37.48 54.07 10.80
N ASN B 747 -38.76 54.37 10.60
CA ASN B 747 -39.40 55.40 11.39
C ASN B 747 -40.57 54.88 12.23
N LYS B 748 -40.40 53.72 12.84
CA LYS B 748 -41.45 53.13 13.66
C LYS B 748 -41.67 54.00 14.89
N MET C 1 22.03 6.75 10.61
CA MET C 1 22.10 6.27 9.20
C MET C 1 20.85 6.66 8.43
N VAL C 2 20.52 7.94 8.47
CA VAL C 2 19.35 8.45 7.76
C VAL C 2 19.74 9.68 6.95
N LEU C 3 18.92 10.72 6.93
CA LEU C 3 19.24 11.89 6.12
C LEU C 3 19.13 13.28 6.73
N LEU C 4 19.70 14.22 5.96
CA LEU C 4 19.80 15.67 6.22
C LEU C 4 21.07 16.17 5.53
N THR C 5 20.92 16.77 4.36
CA THR C 5 22.06 17.26 3.60
C THR C 5 21.92 18.72 3.18
N MET C 6 22.92 19.52 3.53
CA MET C 6 22.95 20.94 3.21
C MET C 6 24.28 21.37 2.61
N ILE C 7 24.22 22.19 1.56
CA ILE C 7 25.41 22.70 0.89
C ILE C 7 25.40 24.23 0.98
N ALA C 8 26.33 24.82 1.72
CA ALA C 8 26.36 26.27 1.87
C ALA C 8 27.69 26.93 1.61
N ARG C 9 27.63 28.19 1.16
CA ARG C 9 28.82 28.98 0.89
C ARG C 9 29.42 29.32 2.27
N VAL C 10 30.69 28.98 2.46
CA VAL C 10 31.40 29.21 3.73
C VAL C 10 31.46 30.63 4.27
N ALA C 11 31.84 31.57 3.42
CA ALA C 11 31.98 32.98 3.81
C ALA C 11 30.84 33.54 4.64
N ASP C 12 29.63 33.54 4.09
CA ASP C 12 28.48 34.08 4.80
C ASP C 12 27.55 32.99 5.34
N GLY C 13 27.79 31.75 4.93
CA GLY C 13 26.94 30.66 5.37
C GLY C 13 25.69 30.68 4.51
N LEU C 14 25.79 31.25 3.31
CA LEU C 14 24.63 31.31 2.42
C LEU C 14 24.22 29.91 1.95
N PRO C 15 22.97 29.52 2.22
CA PRO C 15 22.49 28.20 1.81
C PRO C 15 22.44 28.12 0.28
N LEU C 16 22.90 26.99 -0.26
CA LEU C 16 22.93 26.80 -1.70
C LEU C 16 22.01 25.68 -2.17
N ALA C 17 21.98 24.58 -1.40
CA ALA C 17 21.15 23.44 -1.73
C ALA C 17 20.96 22.56 -0.50
N ALA C 18 19.80 21.91 -0.40
CA ALA C 18 19.50 21.05 0.73
C ALA C 18 18.53 19.94 0.34
N SER C 19 18.24 19.05 1.28
CA SER C 19 17.32 17.94 1.04
C SER C 19 16.96 17.26 2.35
N MET C 20 15.65 17.16 2.62
CA MET C 20 15.17 16.53 3.85
C MET C 20 13.86 15.81 3.67
N GLN C 21 13.70 14.71 4.40
CA GLN C 21 12.49 13.89 4.34
C GLN C 21 12.21 13.30 5.72
N GLU C 22 11.06 13.63 6.29
CA GLU C 22 10.70 13.11 7.62
C GLU C 22 9.90 11.82 7.59
N ASP C 23 8.57 11.95 7.61
CA ASP C 23 7.67 10.79 7.62
C ASP C 23 8.00 9.78 6.52
N ASP C 29 13.84 16.29 16.16
CA ASP C 29 13.25 16.62 14.86
C ASP C 29 14.19 17.44 13.99
N LEU C 30 13.76 17.68 12.76
CA LEU C 30 14.54 18.45 11.80
C LEU C 30 14.91 19.83 12.36
N GLN C 31 13.96 20.46 13.03
CA GLN C 31 14.13 21.79 13.60
C GLN C 31 15.45 22.07 14.33
N GLN C 32 15.80 21.18 15.27
CA GLN C 32 17.01 21.38 16.06
C GLN C 32 18.27 21.19 15.25
N TYR C 33 18.45 20.01 14.67
CA TYR C 33 19.64 19.74 13.89
C TYR C 33 19.80 20.71 12.73
N GLN C 34 18.68 21.30 12.31
CA GLN C 34 18.74 22.25 11.20
C GLN C 34 19.43 23.54 11.68
N SER C 35 19.05 23.99 12.88
CA SER C 35 19.63 25.19 13.45
C SER C 35 21.13 24.97 13.67
N GLN C 36 21.49 23.90 14.36
CA GLN C 36 22.89 23.60 14.60
C GLN C 36 23.68 23.67 13.29
N ALA C 37 23.17 23.00 12.26
CA ALA C 37 23.81 23.00 10.95
C ALA C 37 24.00 24.42 10.47
N LYS C 38 22.96 25.24 10.61
CA LYS C 38 23.04 26.63 10.20
C LYS C 38 24.00 27.39 11.11
N GLN C 39 24.16 26.90 12.33
CA GLN C 39 25.06 27.53 13.29
C GLN C 39 26.47 27.31 12.77
N LEU C 40 26.76 26.06 12.44
CA LEU C 40 28.06 25.67 11.94
C LEU C 40 28.48 26.54 10.76
N PHE C 41 27.62 26.62 9.74
CA PHE C 41 27.90 27.42 8.56
C PHE C 41 28.35 28.83 8.93
N ARG C 42 27.66 29.43 9.87
CA ARG C 42 27.99 30.76 10.32
C ARG C 42 29.42 30.75 10.85
N LYS C 43 29.70 29.85 11.79
CA LYS C 43 31.01 29.73 12.40
C LYS C 43 32.14 29.41 11.42
N LEU C 44 31.90 28.51 10.46
CA LEU C 44 32.93 28.14 9.51
C LEU C 44 33.52 29.31 8.75
N ASN C 45 34.85 29.32 8.61
CA ASN C 45 35.55 30.39 7.91
C ASN C 45 36.81 29.92 7.17
N GLU C 46 37.56 30.88 6.65
CA GLU C 46 38.78 30.59 5.90
C GLU C 46 39.87 29.88 6.72
N GLN C 47 39.65 29.75 8.02
CA GLN C 47 40.61 29.09 8.89
C GLN C 47 40.18 27.73 9.40
N SER C 48 38.87 27.45 9.34
CA SER C 48 38.30 26.19 9.80
C SER C 48 38.84 24.96 9.05
N PRO C 49 38.77 23.78 9.68
CA PRO C 49 39.23 22.50 9.12
C PRO C 49 38.46 22.17 7.85
N THR C 50 39.15 21.69 6.82
CA THR C 50 38.51 21.36 5.55
C THR C 50 37.75 20.04 5.54
N ARG C 51 37.91 19.24 6.59
CA ARG C 51 37.24 17.95 6.70
C ARG C 51 37.01 17.74 8.19
N CYS C 52 35.77 17.52 8.60
CA CYS C 52 35.49 17.34 10.01
C CYS C 52 34.28 16.45 10.30
N THR C 53 34.25 15.90 11.51
CA THR C 53 33.16 15.04 11.97
C THR C 53 32.83 15.42 13.41
N LEU C 54 31.64 15.96 13.63
CA LEU C 54 31.23 16.39 14.96
C LEU C 54 30.36 15.34 15.65
N GLU C 55 30.43 15.31 16.97
CA GLU C 55 29.64 14.35 17.75
C GLU C 55 28.50 15.04 18.48
N ALA C 56 27.27 14.74 18.07
CA ALA C 56 26.09 15.34 18.68
C ALA C 56 25.12 14.29 19.22
N GLY C 57 25.65 13.35 19.99
CA GLY C 57 24.82 12.31 20.58
C GLY C 57 24.44 11.21 19.59
N ALA C 58 23.18 10.79 19.64
CA ALA C 58 22.69 9.74 18.75
C ALA C 58 23.04 10.06 17.30
N MET C 59 23.24 11.35 17.04
CA MET C 59 23.58 11.82 15.70
C MET C 59 25.06 12.18 15.56
N THR C 60 25.49 12.37 14.30
CA THR C 60 26.88 12.69 14.00
C THR C 60 27.01 13.44 12.67
N PHE C 61 27.50 14.66 12.72
CA PHE C 61 27.67 15.47 11.52
C PHE C 61 28.97 15.15 10.79
N HIS C 62 28.93 15.19 9.47
CA HIS C 62 30.11 14.91 8.64
C HIS C 62 30.17 15.94 7.50
N TYR C 63 31.14 16.84 7.55
CA TYR C 63 31.27 17.84 6.50
C TYR C 63 32.64 17.91 5.85
N ILE C 64 32.69 18.55 4.69
CA ILE C 64 33.94 18.73 3.98
C ILE C 64 33.82 20.10 3.30
N ILE C 65 34.94 20.75 3.09
CA ILE C 65 34.95 22.08 2.48
C ILE C 65 35.82 22.14 1.24
N GLU C 66 35.26 22.65 0.15
CA GLU C 66 36.00 22.75 -1.10
C GLU C 66 35.52 23.94 -1.90
N GLN C 67 36.47 24.75 -2.35
CA GLN C 67 36.19 25.96 -3.11
C GLN C 67 35.19 26.86 -2.40
N GLY C 68 35.49 27.21 -1.15
CA GLY C 68 34.62 28.08 -0.38
C GLY C 68 33.19 27.59 -0.20
N VAL C 69 33.00 26.29 -0.30
CA VAL C 69 31.66 25.69 -0.14
C VAL C 69 31.73 24.52 0.83
N CYS C 70 30.75 24.43 1.71
CA CYS C 70 30.70 23.36 2.70
C CYS C 70 29.61 22.34 2.41
N TYR C 71 29.98 21.07 2.45
CA TYR C 71 29.03 19.99 2.20
C TYR C 71 28.78 19.31 3.53
N LEU C 72 27.57 19.46 4.04
CA LEU C 72 27.20 18.90 5.32
C LEU C 72 26.22 17.74 5.24
N VAL C 73 26.28 16.87 6.24
CA VAL C 73 25.39 15.73 6.30
C VAL C 73 25.24 15.21 7.73
N LEU C 74 24.00 15.00 8.15
CA LEU C 74 23.69 14.49 9.48
C LEU C 74 23.22 13.05 9.36
N CYS C 75 23.27 12.30 10.47
CA CYS C 75 22.84 10.90 10.49
C CYS C 75 23.11 10.28 11.85
N GLU C 76 22.52 9.12 12.11
CA GLU C 76 22.75 8.44 13.38
C GLU C 76 24.22 8.07 13.45
N ALA C 77 24.83 8.32 14.60
CA ALA C 77 26.25 8.01 14.79
C ALA C 77 26.61 6.66 14.23
N ALA C 78 25.79 5.66 14.50
CA ALA C 78 26.03 4.30 14.03
C ALA C 78 26.37 4.25 12.55
N PHE C 79 26.04 5.31 11.81
CA PHE C 79 26.30 5.34 10.37
C PHE C 79 27.79 5.41 10.06
N PRO C 80 28.24 4.64 9.07
CA PRO C 80 29.64 4.58 8.63
C PRO C 80 30.26 5.93 8.25
N LYS C 81 31.22 6.39 9.05
CA LYS C 81 31.88 7.66 8.77
C LYS C 81 32.61 7.56 7.45
N LYS C 82 32.95 6.35 7.06
CA LYS C 82 33.65 6.11 5.81
C LYS C 82 32.72 6.44 4.64
N LEU C 83 31.47 6.02 4.74
CA LEU C 83 30.47 6.25 3.70
C LEU C 83 30.02 7.72 3.64
N ALA C 84 29.87 8.31 4.82
CA ALA C 84 29.45 9.70 4.94
C ALA C 84 30.27 10.63 4.04
N PHE C 85 31.60 10.55 4.15
CA PHE C 85 32.48 11.40 3.36
C PHE C 85 32.49 11.03 1.88
N ALA C 86 32.28 9.76 1.58
CA ALA C 86 32.25 9.30 0.20
C ALA C 86 31.05 9.99 -0.44
N TYR C 87 29.97 10.06 0.33
CA TYR C 87 28.73 10.69 -0.09
C TYR C 87 28.95 12.16 -0.42
N LEU C 88 29.71 12.85 0.43
CA LEU C 88 29.98 14.27 0.24
C LEU C 88 30.87 14.53 -0.98
N GLU C 89 31.93 13.73 -1.14
CA GLU C 89 32.83 13.88 -2.28
C GLU C 89 32.01 13.77 -3.56
N ASP C 90 31.15 12.76 -3.60
CA ASP C 90 30.27 12.53 -4.75
C ASP C 90 29.51 13.80 -5.07
N LEU C 91 28.88 14.36 -4.05
CA LEU C 91 28.12 15.60 -4.21
C LEU C 91 28.99 16.76 -4.67
N HIS C 92 30.16 16.91 -4.05
CA HIS C 92 31.10 17.98 -4.39
C HIS C 92 31.37 18.05 -5.87
N SER C 93 32.12 17.06 -6.37
CA SER C 93 32.46 16.99 -7.78
C SER C 93 31.28 17.37 -8.65
N GLU C 94 30.14 16.75 -8.40
CA GLU C 94 28.94 17.04 -9.16
C GLU C 94 28.62 18.53 -9.07
N PHE C 95 28.44 19.02 -7.86
CA PHE C 95 28.11 20.43 -7.63
C PHE C 95 29.15 21.36 -8.25
N ASP C 96 30.42 21.19 -7.88
CA ASP C 96 31.48 22.04 -8.40
C ASP C 96 31.47 22.07 -9.92
N GLU C 97 31.31 20.88 -10.50
CA GLU C 97 31.28 20.76 -11.95
C GLU C 97 30.05 21.47 -12.51
N GLN C 98 28.93 21.39 -11.78
CA GLN C 98 27.69 22.01 -12.21
C GLN C 98 27.51 23.49 -11.91
N HIS C 99 27.89 23.91 -10.70
CA HIS C 99 27.72 25.31 -10.29
C HIS C 99 28.95 25.94 -9.62
N GLY C 100 30.04 25.18 -9.55
CA GLY C 100 31.25 25.69 -8.92
C GLY C 100 31.66 27.11 -9.27
N LYS C 101 31.50 27.49 -10.53
CA LYS C 101 31.91 28.83 -10.98
C LYS C 101 30.93 29.98 -10.72
N LYS C 102 29.64 29.66 -10.55
CA LYS C 102 28.63 30.70 -10.32
C LYS C 102 28.40 30.90 -8.82
N VAL C 103 28.77 29.90 -8.03
CA VAL C 103 28.61 29.92 -6.58
C VAL C 103 28.90 31.26 -5.89
N PRO C 104 30.01 31.92 -6.25
CA PRO C 104 30.34 33.19 -5.62
C PRO C 104 29.65 34.46 -6.14
N THR C 105 28.63 34.31 -6.98
CA THR C 105 27.95 35.49 -7.51
C THR C 105 26.51 35.61 -7.03
N VAL C 106 25.90 34.47 -6.71
CA VAL C 106 24.52 34.45 -6.24
C VAL C 106 24.34 35.22 -4.93
N SER C 107 23.10 35.57 -4.63
CA SER C 107 22.81 36.33 -3.43
C SER C 107 21.51 35.87 -2.78
N ARG C 108 20.71 35.12 -3.53
CA ARG C 108 19.45 34.59 -3.01
C ARG C 108 19.76 33.28 -2.34
N PRO C 109 18.96 32.89 -1.32
CA PRO C 109 19.21 31.61 -0.64
C PRO C 109 18.76 30.51 -1.60
N TYR C 110 19.26 29.30 -1.40
CA TYR C 110 18.89 28.17 -2.24
C TYR C 110 18.79 28.44 -3.74
N SER C 111 19.74 29.21 -4.28
CA SER C 111 19.74 29.53 -5.70
C SER C 111 19.87 28.25 -6.54
N PHE C 112 20.25 27.16 -5.89
CA PHE C 112 20.39 25.89 -6.58
C PHE C 112 19.45 24.83 -5.99
N ILE C 113 18.22 25.22 -5.67
CA ILE C 113 17.28 24.25 -5.11
C ILE C 113 17.19 23.01 -5.99
N GLU C 114 17.20 23.21 -7.29
CA GLU C 114 17.10 22.09 -8.23
C GLU C 114 18.19 21.03 -8.11
N PHE C 115 19.28 21.33 -7.39
CA PHE C 115 20.34 20.35 -7.19
C PHE C 115 19.74 19.28 -6.29
N ASP C 116 18.53 19.58 -5.83
CA ASP C 116 17.73 18.74 -4.95
C ASP C 116 17.65 17.32 -5.52
N THR C 117 17.39 17.23 -6.82
CA THR C 117 17.27 15.96 -7.49
C THR C 117 18.50 15.09 -7.31
N PHE C 118 19.64 15.54 -7.84
CA PHE C 118 20.86 14.74 -7.72
C PHE C 118 21.13 14.32 -6.27
N ILE C 119 21.01 15.26 -5.33
CA ILE C 119 21.25 14.95 -3.93
C ILE C 119 20.51 13.69 -3.48
N GLN C 120 19.22 13.59 -3.81
CA GLN C 120 18.41 12.45 -3.40
C GLN C 120 18.64 11.15 -4.17
N LYS C 121 18.97 11.24 -5.46
CA LYS C 121 19.23 10.03 -6.24
C LYS C 121 20.57 9.45 -5.77
N THR C 122 21.47 10.34 -5.36
CA THR C 122 22.79 9.96 -4.87
C THR C 122 22.60 9.42 -3.46
N LYS C 123 21.68 10.04 -2.73
CA LYS C 123 21.40 9.65 -1.36
C LYS C 123 21.05 8.18 -1.15
N LYS C 124 20.19 7.63 -2.01
CA LYS C 124 19.78 6.24 -1.88
C LYS C 124 20.93 5.27 -2.12
N LEU C 125 21.89 5.67 -2.96
CA LEU C 125 23.04 4.83 -3.26
C LEU C 125 23.93 4.66 -2.04
N TYR C 126 23.54 5.24 -0.91
CA TYR C 126 24.33 5.14 0.31
C TYR C 126 23.50 4.75 1.54
N ILE C 127 22.19 4.77 1.40
CA ILE C 127 21.31 4.40 2.51
C ILE C 127 20.59 3.11 2.15
N ASP C 128 21.37 2.05 1.96
CA ASP C 128 20.87 0.72 1.62
C ASP C 128 22.05 -0.19 1.33
N SER C 129 22.42 -1.00 2.32
CA SER C 129 23.53 -1.93 2.21
C SER C 129 23.48 -2.83 0.97
N ARG C 130 22.33 -2.85 0.31
CA ARG C 130 22.13 -3.68 -0.87
C ARG C 130 22.53 -2.98 -2.17
N ALA C 131 23.54 -2.12 -2.09
CA ALA C 131 24.01 -1.39 -3.26
C ALA C 131 25.51 -1.15 -3.18
N ARG C 132 25.98 -0.95 -1.94
CA ARG C 132 27.39 -0.72 -1.66
C ARG C 132 28.05 0.18 -2.72
N ILE C 148 40.67 14.47 8.26
CA ILE C 148 39.47 14.35 9.08
C ILE C 148 39.74 14.86 10.51
N MET C 149 38.74 14.74 11.39
CA MET C 149 38.86 15.19 12.77
C MET C 149 37.57 14.92 13.52
N VAL C 150 37.65 14.83 14.84
CA VAL C 150 36.46 14.57 15.64
C VAL C 150 36.36 15.50 16.84
N ALA C 151 35.18 16.07 17.00
CA ALA C 151 34.91 16.98 18.12
C ALA C 151 33.41 17.03 18.35
N ASN C 152 33.02 17.06 19.62
CA ASN C 152 31.61 17.13 19.96
C ASN C 152 31.10 18.47 19.46
N ILE C 153 30.20 18.42 18.49
CA ILE C 153 29.63 19.63 17.91
C ILE C 153 29.37 20.71 18.95
N GLU C 154 28.89 20.30 20.12
CA GLU C 154 28.59 21.21 21.22
C GLU C 154 29.68 22.26 21.43
N GLU C 155 30.93 21.82 21.33
CA GLU C 155 32.07 22.72 21.50
C GLU C 155 32.01 23.88 20.50
N VAL C 156 32.34 23.57 19.25
CA VAL C 156 32.36 24.56 18.18
C VAL C 156 31.20 25.58 18.32
N LEU C 157 29.99 25.07 18.49
CA LEU C 157 28.81 25.91 18.62
C LEU C 157 28.88 26.84 19.83
N THR D 4 7.73 34.87 17.58
CA THR D 4 8.76 34.19 16.76
C THR D 4 8.15 33.65 15.47
N ASP D 5 6.89 33.99 15.18
CA ASP D 5 6.34 33.44 13.94
C ASP D 5 7.26 33.84 12.79
N ILE D 6 7.13 33.13 11.68
CA ILE D 6 8.01 33.33 10.53
C ILE D 6 8.10 34.64 9.76
N GLU D 7 6.97 35.22 9.35
CA GLU D 7 7.05 36.49 8.61
C GLU D 7 7.42 37.74 9.44
N MET D 8 7.88 37.59 10.70
CA MET D 8 8.22 38.70 11.60
C MET D 8 9.67 39.15 11.75
N ASN D 9 10.44 38.24 12.33
CA ASN D 9 11.86 38.47 12.58
C ASN D 9 12.04 39.21 13.92
N ARG D 10 10.94 39.29 14.69
CA ARG D 10 10.83 39.90 16.01
C ARG D 10 9.45 40.50 16.27
#